data_3B1D
#
_entry.id   3B1D
#
_cell.length_a   66.965
_cell.length_b   111.302
_cell.length_c   217.193
_cell.angle_alpha   90.00
_cell.angle_beta   90.00
_cell.angle_gamma   90.00
#
_symmetry.space_group_name_H-M   'P 21 21 21'
#
loop_
_entity.id
_entity.type
_entity.pdbx_description
1 polymer 'BetaC-S lyase'
2 non-polymer "PYRIDOXAL-5'-PHOSPHATE"
3 non-polymer [3-HYDROXY-2-METHYL-5-PHOSPHONOOXYMETHYL-PYRIDIN-4-YLMETHYL]-SERINE
4 non-polymer '4-(2-HYDROXYETHYL)-1-PIPERAZINE ETHANESULFONIC ACID'
5 non-polymer 'SODIUM ION'
6 water water
#
_entity_poly.entity_id   1
_entity_poly.type   'polypeptide(L)'
_entity_poly.pdbx_seq_one_letter_code
;GPLGSSKYNFQTAPNRLSHHTYKWKETETDPQLLPAWIADMDFEVMPEVKQAIHDYAEQLVYGYTYASDELLQAVLDWEK
SEHQYSFDKEDIVFVEGVVPAISIAIQAFTKEGEAVLINSPVYPPFARSVRLNNRKLVSNSLKEENGLFQIDFEQLENDI
VENDVKLYLLCNPHNPGGRVWEREVLEQIGHLCQKHHVILVSDEIHQDLTLFGHEHVSFNTVSPDFKDFALVLSSATKTF
NIAGTKNSYAIIENPTLCAQFKHQQLVNNHHEVSSLGYIATETAYRYGKPWLVALKAVLEENIQFAVEYFAQEAPRLKVM
KPQGTYLIWLDFSDYGLTDDALFTLLHDQAKVILNRGSDYGSEGELHARLNIAAPKSLVEEICKRIVCCLPK
;
_entity_poly.pdbx_strand_id   A,B,C,D
#
loop_
_chem_comp.id
_chem_comp.type
_chem_comp.name
_chem_comp.formula
EPE non-polymer '4-(2-HYDROXYETHYL)-1-PIPERAZINE ETHANESULFONIC ACID' 'C8 H18 N2 O4 S'
NA non-polymer 'SODIUM ION' 'Na 1'
PLP non-polymer PYRIDOXAL-5'-PHOSPHATE 'C8 H10 N O6 P'
PLS non-polymer [3-HYDROXY-2-METHYL-5-PHOSPHONOOXYMETHYL-PYRIDIN-4-YLMETHYL]-SERINE 'C11 H17 N2 O8 P'
#
# COMPACT_ATOMS: atom_id res chain seq x y z
N SER A 6 -11.07 -30.63 42.59
CA SER A 6 -10.94 -29.29 43.24
C SER A 6 -9.61 -28.60 42.86
N LYS A 7 -9.10 -28.96 41.68
CA LYS A 7 -7.93 -28.31 41.07
C LYS A 7 -8.10 -26.79 40.98
N TYR A 8 -9.30 -26.37 40.59
CA TYR A 8 -9.62 -24.96 40.46
C TYR A 8 -10.39 -24.54 41.70
N ASN A 9 -10.21 -23.30 42.11
CA ASN A 9 -10.86 -22.75 43.31
C ASN A 9 -12.25 -22.20 42.99
N PHE A 10 -13.27 -22.96 43.38
CA PHE A 10 -14.67 -22.49 43.37
C PHE A 10 -15.22 -22.48 44.79
N GLN A 11 -14.31 -22.60 45.75
CA GLN A 11 -14.67 -22.79 47.14
C GLN A 11 -14.53 -21.50 47.96
N THR A 12 -13.58 -20.64 47.56
CA THR A 12 -13.24 -19.41 48.28
C THR A 12 -13.24 -18.19 47.35
N ALA A 13 -14.01 -17.16 47.72
CA ALA A 13 -14.13 -15.94 46.94
C ALA A 13 -12.94 -15.02 47.24
N PRO A 14 -12.23 -14.57 46.20
CA PRO A 14 -11.23 -13.54 46.46
C PRO A 14 -11.84 -12.25 47.01
N ASN A 15 -11.09 -11.58 47.89
CA ASN A 15 -11.52 -10.30 48.43
C ASN A 15 -11.37 -9.23 47.38
N ARG A 16 -12.49 -8.63 46.96
CA ARG A 16 -12.51 -7.64 45.90
C ARG A 16 -12.73 -6.23 46.42
N LEU A 17 -12.67 -6.04 47.74
CA LEU A 17 -13.07 -4.75 48.30
C LEU A 17 -12.18 -3.54 47.93
N SER A 18 -10.94 -3.79 47.58
CA SER A 18 -10.04 -2.67 47.22
C SER A 18 -9.90 -2.44 45.73
N HIS A 19 -10.66 -3.18 44.92
CA HIS A 19 -10.47 -3.23 43.48
C HIS A 19 -11.37 -2.27 42.67
N HIS A 20 -12.18 -1.46 43.33
CA HIS A 20 -13.07 -0.53 42.65
C HIS A 20 -14.05 -1.25 41.73
N THR A 21 -14.58 -2.36 42.24
CA THR A 21 -15.62 -3.11 41.52
C THR A 21 -16.99 -2.45 41.68
N TYR A 22 -17.85 -2.57 40.67
CA TYR A 22 -19.25 -2.23 40.84
C TYR A 22 -19.90 -3.14 41.86
N LYS A 23 -19.61 -4.44 41.78
CA LYS A 23 -20.34 -5.44 42.56
C LYS A 23 -20.26 -5.19 44.05
N TRP A 24 -19.05 -4.88 44.53
CA TRP A 24 -18.80 -4.76 45.98
C TRP A 24 -18.76 -3.31 46.47
N LYS A 25 -19.11 -2.35 45.63
CA LYS A 25 -18.98 -0.93 45.98
C LYS A 25 -19.77 -0.59 47.26
N GLU A 26 -21.03 -0.99 47.32
CA GLU A 26 -21.84 -0.66 48.51
C GLU A 26 -21.32 -1.29 49.77
N THR A 27 -20.75 -2.50 49.65
CA THR A 27 -20.24 -3.24 50.80
C THR A 27 -19.04 -2.53 51.40
N GLU A 28 -18.34 -1.74 50.59
CA GLU A 28 -17.20 -0.98 51.09
C GLU A 28 -17.62 0.06 52.11
N THR A 29 -18.83 0.59 51.97
CA THR A 29 -19.39 1.54 52.95
C THR A 29 -20.20 0.82 54.04
N ASP A 30 -21.02 -0.16 53.65
CA ASP A 30 -21.81 -0.96 54.59
C ASP A 30 -21.38 -2.41 54.51
N PRO A 31 -20.48 -2.83 55.42
CA PRO A 31 -19.90 -4.17 55.35
C PRO A 31 -20.90 -5.32 55.55
N GLN A 32 -22.11 -5.02 55.98
CA GLN A 32 -23.14 -6.03 56.16
C GLN A 32 -23.79 -6.44 54.84
N LEU A 33 -23.67 -5.60 53.81
CA LEU A 33 -24.34 -5.87 52.53
C LEU A 33 -23.65 -6.97 51.75
N LEU A 34 -24.43 -7.93 51.28
CA LEU A 34 -23.90 -8.99 50.40
C LEU A 34 -24.44 -8.81 48.99
N PRO A 35 -23.56 -8.57 48.01
CA PRO A 35 -24.01 -8.33 46.65
C PRO A 35 -24.21 -9.60 45.84
N ALA A 36 -25.29 -9.66 45.08
CA ALA A 36 -25.57 -10.80 44.21
C ALA A 36 -26.38 -10.32 43.01
N TRP A 37 -25.90 -9.23 42.41
CA TRP A 37 -26.63 -8.50 41.39
C TRP A 37 -25.90 -8.57 40.05
N ILE A 38 -25.01 -7.63 39.79
CA ILE A 38 -24.32 -7.52 38.52
C ILE A 38 -23.63 -8.82 38.14
N ALA A 39 -23.68 -9.16 36.86
CA ALA A 39 -23.13 -10.40 36.38
C ALA A 39 -21.63 -10.33 36.16
N ASP A 40 -20.90 -10.32 37.26
CA ASP A 40 -19.59 -10.92 37.28
C ASP A 40 -19.54 -11.92 38.44
N MET A 41 -18.51 -12.76 38.46
CA MET A 41 -18.49 -13.90 39.38
C MET A 41 -17.57 -13.60 40.56
N ASP A 42 -17.89 -14.22 41.68
CA ASP A 42 -16.98 -14.20 42.83
C ASP A 42 -16.15 -15.48 42.90
N PHE A 43 -15.65 -15.86 41.72
CA PHE A 43 -14.69 -16.94 41.58
C PHE A 43 -13.40 -16.38 40.99
N GLU A 44 -12.27 -16.89 41.46
CA GLU A 44 -11.00 -16.65 40.79
C GLU A 44 -11.09 -17.01 39.31
N VAL A 45 -10.51 -16.16 38.47
CA VAL A 45 -10.35 -16.45 37.06
C VAL A 45 -9.35 -17.61 36.85
N MET A 46 -9.55 -18.35 35.76
CA MET A 46 -8.64 -19.42 35.34
C MET A 46 -7.18 -18.97 35.39
N PRO A 47 -6.29 -19.85 35.86
CA PRO A 47 -4.93 -19.41 36.12
C PRO A 47 -4.15 -18.95 34.89
N GLU A 48 -4.48 -19.47 33.72
CA GLU A 48 -3.76 -19.12 32.50
C GLU A 48 -3.98 -17.64 32.16
N VAL A 49 -5.16 -17.12 32.48
CA VAL A 49 -5.43 -15.70 32.22
C VAL A 49 -4.61 -14.82 33.15
N LYS A 50 -4.56 -15.17 34.43
CA LYS A 50 -3.72 -14.47 35.39
C LYS A 50 -2.26 -14.45 34.90
N GLN A 51 -1.77 -15.61 34.46
CA GLN A 51 -0.43 -15.69 33.93
C GLN A 51 -0.21 -14.80 32.70
N ALA A 52 -1.19 -14.76 31.82
CA ALA A 52 -1.12 -13.94 30.62
C ALA A 52 -1.01 -12.45 30.96
N ILE A 53 -1.64 -12.02 32.03
CA ILE A 53 -1.55 -10.61 32.45
C ILE A 53 -0.14 -10.33 32.95
N HIS A 54 0.42 -11.22 33.78
CA HIS A 54 1.82 -11.10 34.18
C HIS A 54 2.73 -11.06 32.95
N ASP A 55 2.46 -11.91 31.96
CA ASP A 55 3.29 -11.96 30.76
C ASP A 55 3.17 -10.67 29.94
N TYR A 56 1.97 -10.08 29.91
CA TYR A 56 1.81 -8.78 29.29
C TYR A 56 2.70 -7.71 29.95
N ALA A 57 2.75 -7.69 31.28
CA ALA A 57 3.62 -6.76 31.99
C ALA A 57 5.06 -6.92 31.51
N GLU A 58 5.46 -8.15 31.30
CA GLU A 58 6.83 -8.45 30.89
C GLU A 58 7.14 -8.16 29.42
N GLN A 59 6.16 -7.66 28.67
CA GLN A 59 6.45 -7.04 27.37
C GLN A 59 7.24 -5.74 27.51
N LEU A 60 7.17 -5.10 28.67
CA LEU A 60 7.95 -3.86 29.00
C LEU A 60 7.49 -2.58 28.30
N VAL A 61 6.92 -2.70 27.10
CA VAL A 61 6.44 -1.57 26.30
C VAL A 61 4.96 -1.83 26.00
N TYR A 62 4.10 -0.85 26.27
CA TYR A 62 2.65 -1.07 26.21
C TYR A 62 2.03 -0.20 25.14
N GLY A 63 2.53 -0.35 23.91
CA GLY A 63 2.10 0.48 22.79
C GLY A 63 0.92 -0.09 22.02
N TYR A 64 0.69 0.45 20.84
CA TYR A 64 -0.46 0.08 20.01
C TYR A 64 -0.29 -1.32 19.48
N THR A 65 -1.33 -2.14 19.64
CA THR A 65 -1.31 -3.52 19.13
C THR A 65 -2.56 -3.78 18.28
N TYR A 66 -2.49 -4.84 17.47
CA TYR A 66 -3.57 -5.24 16.56
C TYR A 66 -4.07 -6.63 16.94
N ALA A 67 -5.25 -6.98 16.44
CA ALA A 67 -5.82 -8.31 16.62
C ALA A 67 -5.08 -9.31 15.75
N SER A 68 -4.43 -10.28 16.38
CA SER A 68 -3.52 -11.19 15.70
C SER A 68 -4.27 -12.31 14.99
N ASP A 69 -3.59 -12.95 14.05
CA ASP A 69 -4.16 -14.14 13.42
C ASP A 69 -4.40 -15.25 14.45
N GLU A 70 -3.56 -15.33 15.47
CA GLU A 70 -3.74 -16.31 16.54
C GLU A 70 -5.02 -16.07 17.33
N LEU A 71 -5.31 -14.80 17.63
CA LEU A 71 -6.58 -14.47 18.29
C LEU A 71 -7.80 -14.78 17.40
N LEU A 72 -7.72 -14.37 16.14
CA LEU A 72 -8.79 -14.66 15.17
C LEU A 72 -9.01 -16.16 15.10
N GLN A 73 -7.93 -16.93 15.01
CA GLN A 73 -8.06 -18.39 14.94
C GLN A 73 -8.67 -18.97 16.23
N ALA A 74 -8.32 -18.40 17.37
CA ALA A 74 -8.85 -18.84 18.65
C ALA A 74 -10.38 -18.64 18.69
N VAL A 75 -10.86 -17.51 18.18
CA VAL A 75 -12.31 -17.26 18.13
C VAL A 75 -13.01 -18.22 17.17
N LEU A 76 -12.44 -18.39 15.98
CA LEU A 76 -12.94 -19.34 14.99
C LEU A 76 -13.02 -20.74 15.61
N ASP A 77 -11.93 -21.17 16.23
CA ASP A 77 -11.84 -22.49 16.84
C ASP A 77 -12.83 -22.68 17.98
N TRP A 78 -13.04 -21.66 18.81
CA TRP A 78 -13.99 -21.74 19.89
C TRP A 78 -15.42 -21.92 19.35
N GLU A 79 -15.76 -21.10 18.36
CA GLU A 79 -17.10 -21.13 17.80
C GLU A 79 -17.38 -22.47 17.11
N LYS A 80 -16.39 -22.97 16.38
CA LYS A 80 -16.50 -24.27 15.73
C LYS A 80 -16.60 -25.41 16.77
N SER A 81 -15.70 -25.42 17.74
CA SER A 81 -15.61 -26.51 18.69
C SER A 81 -16.78 -26.54 19.67
N GLU A 82 -17.15 -25.37 20.18
CA GLU A 82 -18.19 -25.29 21.21
C GLU A 82 -19.61 -25.15 20.67
N HIS A 83 -19.77 -24.53 19.51
CA HIS A 83 -21.08 -24.15 19.02
C HIS A 83 -21.36 -24.59 17.60
N GLN A 84 -20.46 -25.40 17.03
CA GLN A 84 -20.64 -25.99 15.70
C GLN A 84 -20.94 -24.92 14.64
N TYR A 85 -20.32 -23.76 14.83
CA TYR A 85 -20.52 -22.62 13.97
C TYR A 85 -19.21 -22.31 13.25
N SER A 86 -19.22 -22.59 11.95
CA SER A 86 -18.06 -22.46 11.08
C SER A 86 -18.18 -21.23 10.19
N PHE A 87 -17.13 -20.42 10.17
CA PHE A 87 -17.10 -19.20 9.36
C PHE A 87 -15.64 -18.86 9.09
N ASP A 88 -15.39 -17.73 8.46
CA ASP A 88 -14.03 -17.34 8.08
C ASP A 88 -13.49 -16.28 9.04
N LYS A 89 -12.17 -16.21 9.16
CA LYS A 89 -11.52 -15.20 10.00
C LYS A 89 -11.98 -13.78 9.64
N GLU A 90 -12.21 -13.52 8.36
CA GLU A 90 -12.65 -12.19 7.89
C GLU A 90 -14.06 -11.80 8.39
N ASP A 91 -14.80 -12.75 8.93
CA ASP A 91 -16.16 -12.50 9.40
C ASP A 91 -16.20 -11.98 10.84
N ILE A 92 -15.05 -11.98 11.52
CA ILE A 92 -14.93 -11.58 12.92
C ILE A 92 -14.64 -10.10 13.00
N VAL A 93 -15.43 -9.40 13.82
CA VAL A 93 -15.20 -7.99 14.13
C VAL A 93 -15.05 -7.81 15.64
N PHE A 94 -13.87 -7.38 16.10
CA PHE A 94 -13.67 -7.17 17.54
C PHE A 94 -14.25 -5.83 17.95
N VAL A 95 -14.88 -5.81 19.12
CA VAL A 95 -15.46 -4.61 19.69
C VAL A 95 -15.15 -4.66 21.19
N GLU A 96 -14.91 -3.52 21.83
CA GLU A 96 -14.51 -3.57 23.23
C GLU A 96 -15.57 -4.16 24.18
N GLY A 97 -16.83 -4.20 23.73
CA GLY A 97 -17.86 -4.92 24.45
C GLY A 97 -19.10 -5.18 23.62
N VAL A 98 -19.98 -6.03 24.14
CA VAL A 98 -21.22 -6.39 23.46
C VAL A 98 -22.21 -5.24 23.50
N VAL A 99 -22.28 -4.52 24.61
CA VAL A 99 -23.19 -3.37 24.70
C VAL A 99 -22.76 -2.28 23.70
N PRO A 100 -21.46 -1.93 23.66
CA PRO A 100 -20.96 -1.15 22.52
C PRO A 100 -21.45 -1.65 21.15
N ALA A 101 -21.31 -2.95 20.89
CA ALA A 101 -21.72 -3.51 19.60
C ALA A 101 -23.21 -3.29 19.30
N ILE A 102 -24.04 -3.33 20.36
CA ILE A 102 -25.48 -3.16 20.22
C ILE A 102 -25.79 -1.75 19.73
N SER A 103 -25.13 -0.75 20.31
CA SER A 103 -25.33 0.62 19.82
C SER A 103 -24.84 0.79 18.39
N ILE A 104 -23.67 0.26 18.10
CA ILE A 104 -23.15 0.31 16.75
C ILE A 104 -24.16 -0.31 15.75
N ALA A 105 -24.71 -1.47 16.08
CA ALA A 105 -25.69 -2.15 15.22
C ALA A 105 -26.95 -1.29 15.02
N ILE A 106 -27.47 -0.73 16.11
CA ILE A 106 -28.64 0.13 16.02
C ILE A 106 -28.37 1.28 15.06
N GLN A 107 -27.21 1.92 15.25
CA GLN A 107 -26.85 3.07 14.40
C GLN A 107 -26.58 2.67 12.94
N ALA A 108 -26.00 1.49 12.73
CA ALA A 108 -25.65 1.04 11.38
C ALA A 108 -26.85 0.58 10.56
N PHE A 109 -27.77 -0.12 11.22
CA PHE A 109 -28.81 -0.87 10.50
C PHE A 109 -30.19 -0.23 10.50
N THR A 110 -30.35 0.87 11.24
CA THR A 110 -31.61 1.62 11.26
C THR A 110 -31.30 3.10 11.14
N LYS A 111 -32.34 3.86 10.83
CA LYS A 111 -32.30 5.32 10.86
C LYS A 111 -33.09 5.83 12.06
N GLU A 112 -32.77 7.06 12.48
CA GLU A 112 -33.53 7.71 13.54
C GLU A 112 -35.03 7.61 13.26
N GLY A 113 -35.78 7.25 14.29
CA GLY A 113 -37.23 7.15 14.19
C GLY A 113 -37.76 5.78 13.83
N GLU A 114 -36.90 4.92 13.26
CA GLU A 114 -37.29 3.59 12.90
C GLU A 114 -37.37 2.70 14.14
N ALA A 115 -38.12 1.62 14.01
CA ALA A 115 -38.49 0.75 15.12
C ALA A 115 -37.51 -0.41 15.31
N VAL A 116 -37.17 -0.64 16.56
CA VAL A 116 -36.30 -1.75 16.95
C VAL A 116 -37.08 -2.56 17.98
N LEU A 117 -37.10 -3.87 17.79
CA LEU A 117 -37.88 -4.77 18.63
C LEU A 117 -36.99 -5.54 19.59
N ILE A 118 -37.50 -5.69 20.82
CA ILE A 118 -36.87 -6.54 21.86
C ILE A 118 -37.97 -7.44 22.42
N ASN A 119 -37.57 -8.55 23.04
CA ASN A 119 -38.50 -9.36 23.83
C ASN A 119 -38.34 -8.97 25.30
N SER A 120 -39.38 -8.36 25.86
CA SER A 120 -39.33 -7.92 27.23
C SER A 120 -39.95 -8.98 28.17
N PRO A 121 -39.45 -9.05 29.42
CA PRO A 121 -38.43 -8.22 30.04
C PRO A 121 -37.05 -8.71 29.61
N VAL A 122 -36.09 -7.79 29.48
CA VAL A 122 -34.77 -8.13 28.97
C VAL A 122 -33.74 -7.14 29.51
N TYR A 123 -32.49 -7.59 29.57
CA TYR A 123 -31.29 -6.83 29.93
C TYR A 123 -31.45 -5.33 29.62
N PRO A 124 -31.40 -4.47 30.66
CA PRO A 124 -31.83 -3.08 30.47
C PRO A 124 -31.12 -2.25 29.38
N PRO A 125 -29.82 -2.49 29.14
CA PRO A 125 -29.20 -1.78 28.02
C PRO A 125 -29.83 -2.00 26.64
N PHE A 126 -30.62 -3.05 26.46
CA PHE A 126 -31.38 -3.22 25.22
C PHE A 126 -32.34 -2.03 25.03
N ALA A 127 -33.28 -1.87 25.96
CA ALA A 127 -34.23 -0.77 25.85
C ALA A 127 -33.53 0.58 25.87
N ARG A 128 -32.53 0.73 26.73
CA ARG A 128 -31.79 2.01 26.83
C ARG A 128 -31.13 2.37 25.52
N SER A 129 -30.45 1.40 24.91
CA SER A 129 -29.70 1.70 23.66
C SER A 129 -30.65 2.13 22.54
N VAL A 130 -31.84 1.53 22.50
CA VAL A 130 -32.81 1.89 21.48
C VAL A 130 -33.31 3.33 21.72
N ARG A 131 -33.74 3.60 22.95
CA ARG A 131 -34.31 4.91 23.29
C ARG A 131 -33.33 6.04 23.19
N LEU A 132 -32.12 5.85 23.70
CA LEU A 132 -31.12 6.93 23.64
C LEU A 132 -30.70 7.25 22.22
N ASN A 133 -30.80 6.26 21.32
CA ASN A 133 -30.53 6.44 19.90
C ASN A 133 -31.71 7.04 19.12
N ASN A 134 -32.77 7.43 19.80
CA ASN A 134 -33.93 8.01 19.15
C ASN A 134 -34.52 7.06 18.09
N ARG A 135 -34.51 5.76 18.40
CA ARG A 135 -35.28 4.81 17.64
C ARG A 135 -36.54 4.48 18.44
N LYS A 136 -37.56 4.02 17.75
CA LYS A 136 -38.81 3.63 18.39
C LYS A 136 -38.66 2.26 19.00
N LEU A 137 -38.88 2.13 20.31
CA LEU A 137 -38.77 0.82 20.97
C LEU A 137 -40.09 0.06 20.88
N VAL A 138 -40.04 -1.15 20.35
CA VAL A 138 -41.18 -2.07 20.35
C VAL A 138 -40.83 -3.21 21.31
N SER A 139 -41.55 -3.27 22.43
CA SER A 139 -41.34 -4.34 23.41
C SER A 139 -42.35 -5.46 23.16
N ASN A 140 -41.85 -6.59 22.66
CA ASN A 140 -42.68 -7.76 22.49
C ASN A 140 -42.66 -8.54 23.79
N SER A 141 -43.77 -8.50 24.53
CA SER A 141 -43.83 -9.10 25.86
C SER A 141 -43.80 -10.63 25.81
N LEU A 142 -42.84 -11.24 26.51
CA LEU A 142 -42.78 -12.68 26.62
C LEU A 142 -43.91 -13.21 27.49
N LYS A 143 -44.42 -14.38 27.11
CA LYS A 143 -45.38 -15.14 27.91
C LYS A 143 -44.61 -15.91 28.96
N GLU A 144 -45.28 -16.27 30.03
CA GLU A 144 -44.72 -17.17 31.04
CA GLU A 144 -44.70 -17.20 30.99
C GLU A 144 -45.66 -18.34 31.18
N GLU A 145 -45.17 -19.53 30.84
CA GLU A 145 -45.94 -20.77 30.86
C GLU A 145 -45.08 -21.87 31.48
N ASN A 146 -45.62 -22.56 32.48
CA ASN A 146 -44.92 -23.71 33.09
C ASN A 146 -43.51 -23.34 33.56
N GLY A 147 -43.38 -22.13 34.10
CA GLY A 147 -42.14 -21.67 34.69
C GLY A 147 -41.09 -21.23 33.70
N LEU A 148 -41.47 -21.05 32.43
CA LEU A 148 -40.52 -20.62 31.41
C LEU A 148 -41.06 -19.49 30.59
N PHE A 149 -40.17 -18.62 30.13
CA PHE A 149 -40.56 -17.63 29.14
C PHE A 149 -40.82 -18.30 27.79
N GLN A 150 -41.83 -17.81 27.07
CA GLN A 150 -42.09 -18.25 25.70
C GLN A 150 -42.50 -17.07 24.84
N ILE A 151 -42.21 -17.17 23.55
CA ILE A 151 -42.59 -16.13 22.59
C ILE A 151 -44.02 -16.36 22.09
N ASP A 152 -44.84 -15.31 22.13
CA ASP A 152 -46.17 -15.31 21.51
C ASP A 152 -45.94 -14.90 20.06
N PHE A 153 -45.88 -15.87 19.16
CA PHE A 153 -45.52 -15.58 17.78
C PHE A 153 -46.56 -14.80 17.01
N GLU A 154 -47.83 -14.95 17.38
CA GLU A 154 -48.89 -14.13 16.78
C GLU A 154 -48.69 -12.66 17.09
N GLN A 155 -48.45 -12.37 18.37
CA GLN A 155 -48.24 -11.00 18.78
C GLN A 155 -46.89 -10.46 18.30
N LEU A 156 -45.87 -11.34 18.21
CA LEU A 156 -44.58 -10.94 17.67
C LEU A 156 -44.72 -10.45 16.24
N GLU A 157 -45.43 -11.21 15.41
CA GLU A 157 -45.67 -10.79 14.02
C GLU A 157 -46.44 -9.48 13.99
N ASN A 158 -47.48 -9.37 14.81
CA ASN A 158 -48.24 -8.12 14.93
C ASN A 158 -47.35 -6.93 15.28
N ASP A 159 -46.46 -7.14 16.25
CA ASP A 159 -45.55 -6.10 16.69
C ASP A 159 -44.63 -5.68 15.56
N ILE A 160 -44.16 -6.65 14.77
CA ILE A 160 -43.28 -6.36 13.65
C ILE A 160 -44.00 -5.57 12.55
N VAL A 161 -45.21 -6.00 12.21
CA VAL A 161 -45.94 -5.42 11.07
C VAL A 161 -46.47 -4.02 11.42
N GLU A 162 -47.08 -3.91 12.59
CA GLU A 162 -47.74 -2.69 13.02
C GLU A 162 -46.78 -1.53 13.21
N ASN A 163 -45.53 -1.86 13.52
CA ASN A 163 -44.53 -0.86 13.81
C ASN A 163 -43.43 -0.76 12.74
N ASP A 164 -43.55 -1.53 11.66
CA ASP A 164 -42.53 -1.56 10.60
C ASP A 164 -41.14 -1.77 11.20
N VAL A 165 -41.02 -2.80 12.03
CA VAL A 165 -39.75 -3.09 12.70
C VAL A 165 -38.63 -3.36 11.70
N LYS A 166 -37.48 -2.72 11.91
CA LYS A 166 -36.33 -2.85 11.02
C LYS A 166 -35.23 -3.73 11.60
N LEU A 167 -35.20 -3.83 12.93
CA LEU A 167 -34.13 -4.51 13.63
C LEU A 167 -34.71 -5.19 14.84
N TYR A 168 -34.27 -6.44 15.07
CA TYR A 168 -34.69 -7.24 16.21
C TYR A 168 -33.44 -7.55 17.02
N LEU A 169 -33.41 -7.13 18.28
CA LEU A 169 -32.34 -7.45 19.21
C LEU A 169 -32.80 -8.66 20.01
N LEU A 170 -32.22 -9.80 19.69
CA LEU A 170 -32.53 -11.06 20.31
C LEU A 170 -31.51 -11.35 21.41
N CYS A 171 -32.00 -11.88 22.52
CA CYS A 171 -31.11 -12.30 23.61
C CYS A 171 -31.17 -13.82 23.70
N ASN A 172 -30.04 -14.48 23.42
CA ASN A 172 -30.02 -15.95 23.42
CA ASN A 172 -29.99 -15.96 23.25
C ASN A 172 -28.68 -16.53 23.85
N PRO A 173 -28.66 -17.09 25.08
CA PRO A 173 -29.74 -17.24 26.07
C PRO A 173 -30.34 -15.91 26.52
N HIS A 174 -31.63 -15.95 26.87
CA HIS A 174 -32.34 -14.74 27.31
C HIS A 174 -32.07 -14.39 28.79
N ASN A 175 -31.64 -13.15 29.02
CA ASN A 175 -31.38 -12.58 30.33
C ASN A 175 -32.39 -11.46 30.51
N PRO A 176 -33.25 -11.52 31.56
CA PRO A 176 -33.27 -12.47 32.66
C PRO A 176 -34.13 -13.70 32.39
N GLY A 177 -34.18 -14.61 33.36
CA GLY A 177 -34.86 -15.88 33.21
C GLY A 177 -33.93 -17.03 32.83
N GLY A 178 -32.97 -16.75 31.97
CA GLY A 178 -32.02 -17.77 31.54
C GLY A 178 -32.61 -18.77 30.56
N ARG A 179 -33.36 -18.26 29.59
CA ARG A 179 -34.09 -19.11 28.63
C ARG A 179 -33.20 -19.46 27.46
N VAL A 180 -33.03 -20.76 27.23
CA VAL A 180 -32.16 -21.27 26.17
C VAL A 180 -33.09 -21.71 25.03
N TRP A 181 -33.29 -20.81 24.07
CA TRP A 181 -34.28 -21.03 23.00
C TRP A 181 -33.94 -22.24 22.17
N GLU A 182 -34.96 -23.04 21.88
CA GLU A 182 -34.76 -24.19 21.01
C GLU A 182 -34.59 -23.77 19.56
N ARG A 183 -33.95 -24.63 18.79
CA ARG A 183 -33.78 -24.41 17.38
C ARG A 183 -35.13 -24.11 16.70
N GLU A 184 -36.20 -24.77 17.13
CA GLU A 184 -37.51 -24.56 16.50
C GLU A 184 -38.07 -23.15 16.74
N VAL A 185 -37.77 -22.59 17.91
CA VAL A 185 -38.19 -21.24 18.25
C VAL A 185 -37.41 -20.25 17.39
N LEU A 186 -36.09 -20.45 17.35
CA LEU A 186 -35.24 -19.59 16.53
C LEU A 186 -35.59 -19.66 15.04
N GLU A 187 -35.97 -20.84 14.57
CA GLU A 187 -36.37 -20.96 13.16
C GLU A 187 -37.61 -20.12 12.85
N GLN A 188 -38.58 -20.12 13.76
CA GLN A 188 -39.79 -19.30 13.57
C GLN A 188 -39.48 -17.81 13.58
N ILE A 189 -38.60 -17.40 14.49
CA ILE A 189 -38.13 -16.02 14.51
C ILE A 189 -37.47 -15.65 13.18
N GLY A 190 -36.57 -16.50 12.70
CA GLY A 190 -35.86 -16.22 11.47
C GLY A 190 -36.79 -16.08 10.28
N HIS A 191 -37.78 -16.95 10.22
CA HIS A 191 -38.74 -16.91 9.11
C HIS A 191 -39.53 -15.59 9.13
N LEU A 192 -39.86 -15.10 10.32
CA LEU A 192 -40.53 -13.80 10.45
C LEU A 192 -39.63 -12.65 9.97
N CYS A 193 -38.34 -12.72 10.27
CA CYS A 193 -37.41 -11.71 9.80
C CYS A 193 -37.25 -11.74 8.29
N GLN A 194 -37.27 -12.94 7.72
CA GLN A 194 -37.18 -13.07 6.27
C GLN A 194 -38.42 -12.50 5.59
N LYS A 195 -39.58 -12.82 6.14
CA LYS A 195 -40.86 -12.32 5.62
C LYS A 195 -40.95 -10.80 5.64
N HIS A 196 -40.55 -10.20 6.76
CA HIS A 196 -40.80 -8.78 7.01
C HIS A 196 -39.56 -7.91 6.85
N HIS A 197 -38.48 -8.51 6.37
CA HIS A 197 -37.25 -7.79 6.01
C HIS A 197 -36.62 -7.11 7.23
N VAL A 198 -36.43 -7.92 8.27
CA VAL A 198 -35.89 -7.43 9.54
C VAL A 198 -34.46 -7.96 9.70
N ILE A 199 -33.56 -7.09 10.13
CA ILE A 199 -32.20 -7.49 10.47
C ILE A 199 -32.22 -7.99 11.92
N LEU A 200 -31.49 -9.05 12.21
CA LEU A 200 -31.49 -9.62 13.55
C LEU A 200 -30.08 -9.61 14.11
N VAL A 201 -29.98 -9.10 15.33
CA VAL A 201 -28.76 -9.15 16.11
C VAL A 201 -28.98 -10.10 17.28
N SER A 202 -28.21 -11.19 17.30
CA SER A 202 -28.35 -12.20 18.35
C SER A 202 -27.25 -12.03 19.38
N ASP A 203 -27.62 -11.51 20.53
CA ASP A 203 -26.71 -11.32 21.65
C ASP A 203 -26.56 -12.66 22.36
N GLU A 204 -25.44 -13.32 22.09
CA GLU A 204 -25.17 -14.64 22.60
C GLU A 204 -24.04 -14.63 23.63
N ILE A 205 -23.95 -13.57 24.42
CA ILE A 205 -22.87 -13.47 25.39
C ILE A 205 -22.91 -14.58 26.46
N HIS A 206 -24.10 -15.10 26.77
CA HIS A 206 -24.22 -16.19 27.75
C HIS A 206 -24.14 -17.59 27.14
N GLN A 207 -23.69 -17.70 25.90
CA GLN A 207 -23.82 -18.95 25.14
C GLN A 207 -23.08 -20.14 25.72
N ASP A 208 -22.01 -19.91 26.48
CA ASP A 208 -21.21 -21.00 27.05
C ASP A 208 -21.74 -21.49 28.40
N LEU A 209 -22.82 -20.85 28.88
CA LEU A 209 -23.33 -21.06 30.22
C LEU A 209 -24.72 -21.71 30.21
N THR A 210 -24.98 -22.57 29.23
CA THR A 210 -26.24 -23.33 29.24
C THR A 210 -26.04 -24.58 30.11
N LEU A 211 -27.08 -24.95 30.83
CA LEU A 211 -26.97 -25.87 31.96
C LEU A 211 -28.05 -26.94 31.92
N PHE A 212 -27.90 -27.97 32.75
CA PHE A 212 -28.96 -28.99 32.91
C PHE A 212 -29.33 -29.68 31.61
N GLY A 213 -28.35 -29.87 30.74
CA GLY A 213 -28.57 -30.52 29.45
C GLY A 213 -29.07 -29.62 28.32
N HIS A 214 -29.35 -28.37 28.63
CA HIS A 214 -29.79 -27.43 27.63
C HIS A 214 -28.63 -27.02 26.76
N GLU A 215 -28.86 -26.98 25.46
CA GLU A 215 -27.79 -26.69 24.50
C GLU A 215 -28.07 -25.38 23.78
N HIS A 216 -27.05 -24.53 23.75
CA HIS A 216 -27.11 -23.29 22.99
C HIS A 216 -27.17 -23.59 21.51
N VAL A 217 -28.09 -22.90 20.82
CA VAL A 217 -28.18 -22.99 19.38
C VAL A 217 -27.84 -21.62 18.81
N SER A 218 -26.65 -21.49 18.24
CA SER A 218 -26.22 -20.18 17.72
C SER A 218 -27.06 -19.85 16.48
N PHE A 219 -27.45 -18.59 16.35
CA PHE A 219 -28.56 -18.25 15.47
C PHE A 219 -28.35 -18.67 14.02
N ASN A 220 -27.17 -18.40 13.47
CA ASN A 220 -26.93 -18.70 12.08
C ASN A 220 -26.70 -20.17 11.78
N THR A 221 -26.59 -21.00 12.82
CA THR A 221 -26.54 -22.46 12.62
C THR A 221 -27.94 -23.05 12.41
N VAL A 222 -28.98 -22.24 12.60
CA VAL A 222 -30.35 -22.75 12.49
C VAL A 222 -30.70 -23.05 11.04
N SER A 223 -30.24 -22.21 10.13
CA SER A 223 -30.55 -22.35 8.69
C SER A 223 -29.46 -21.65 7.94
N PRO A 224 -28.99 -22.24 6.82
CA PRO A 224 -27.83 -21.66 6.11
C PRO A 224 -28.01 -20.24 5.58
N ASP A 225 -29.26 -19.81 5.37
CA ASP A 225 -29.58 -18.51 4.80
CA ASP A 225 -29.48 -18.48 4.80
C ASP A 225 -29.73 -17.44 5.87
N PHE A 226 -29.72 -17.83 7.14
CA PHE A 226 -29.97 -16.84 8.22
C PHE A 226 -28.88 -15.74 8.25
N LYS A 227 -27.66 -16.07 7.85
CA LYS A 227 -26.61 -15.07 7.80
C LYS A 227 -26.93 -13.93 6.84
N ASP A 228 -27.90 -14.11 5.95
CA ASP A 228 -28.26 -13.04 5.03
C ASP A 228 -28.89 -11.84 5.79
N PHE A 229 -29.43 -12.08 6.98
CA PHE A 229 -30.08 -10.99 7.75
C PHE A 229 -29.65 -10.95 9.22
N ALA A 230 -28.89 -11.93 9.68
CA ALA A 230 -28.58 -12.02 11.10
C ALA A 230 -27.10 -12.04 11.38
N LEU A 231 -26.73 -11.43 12.50
CA LEU A 231 -25.36 -11.52 13.00
C LEU A 231 -25.36 -11.89 14.47
N VAL A 232 -24.21 -12.35 14.93
CA VAL A 232 -24.08 -12.93 16.27
C VAL A 232 -23.07 -12.10 17.03
N LEU A 233 -23.43 -11.72 18.26
CA LEU A 233 -22.50 -11.08 19.18
C LEU A 233 -22.15 -12.04 20.29
N SER A 234 -20.87 -12.19 20.62
CA SER A 234 -20.52 -12.90 21.83
C SER A 234 -19.20 -12.42 22.37
N SER A 235 -18.68 -13.14 23.36
CA SER A 235 -17.51 -12.70 24.10
C SER A 235 -17.01 -13.84 24.96
N ALA A 236 -15.76 -13.74 25.38
CA ALA A 236 -15.21 -14.57 26.46
C ALA A 236 -15.53 -14.02 27.85
N THR A 237 -16.01 -12.78 27.94
CA THR A 237 -16.03 -12.13 29.24
C THR A 237 -17.00 -12.69 30.26
N LYS A 238 -18.23 -13.02 29.86
N LYS A 238 -18.21 -13.05 29.85
CA LYS A 238 -19.18 -13.61 30.82
CA LYS A 238 -19.18 -13.59 30.80
C LYS A 238 -18.75 -15.03 31.18
C LYS A 238 -18.80 -15.03 31.17
N THR A 239 -18.40 -15.81 30.17
CA THR A 239 -17.95 -17.18 30.39
C THR A 239 -16.84 -17.29 31.41
N PHE A 240 -15.86 -16.40 31.30
CA PHE A 240 -14.61 -16.58 32.05
C PHE A 240 -14.36 -15.51 33.10
N ASN A 241 -15.34 -14.63 33.32
CA ASN A 241 -15.28 -13.64 34.38
C ASN A 241 -14.17 -12.60 34.14
N ILE A 242 -14.06 -12.13 32.90
CA ILE A 242 -13.01 -11.19 32.51
C ILE A 242 -13.56 -9.89 31.89
N ALA A 243 -14.70 -9.44 32.41
CA ALA A 243 -15.40 -8.27 31.88
C ALA A 243 -14.57 -7.01 31.87
N GLY A 244 -13.70 -6.87 32.86
CA GLY A 244 -12.81 -5.73 32.96
C GLY A 244 -11.70 -5.65 31.92
N THR A 245 -11.51 -6.72 31.16
CA THR A 245 -10.51 -6.73 30.09
C THR A 245 -11.00 -6.11 28.77
N LYS A 246 -12.32 -5.98 28.61
CA LYS A 246 -12.92 -5.22 27.51
C LYS A 246 -12.56 -5.71 26.10
N ASN A 247 -13.10 -6.88 25.78
CA ASN A 247 -13.09 -7.33 24.39
C ASN A 247 -14.27 -8.24 24.19
N SER A 248 -14.72 -8.25 22.95
CA SER A 248 -15.84 -9.04 22.50
C SER A 248 -15.81 -9.09 20.98
N TYR A 249 -16.75 -9.81 20.38
CA TYR A 249 -16.78 -9.81 18.93
C TYR A 249 -18.18 -9.95 18.34
N ALA A 250 -18.26 -9.53 17.08
CA ALA A 250 -19.40 -9.79 16.21
C ALA A 250 -18.95 -10.75 15.13
N ILE A 251 -19.77 -11.76 14.86
CA ILE A 251 -19.58 -12.63 13.69
C ILE A 251 -20.59 -12.19 12.65
N ILE A 252 -20.10 -11.62 11.55
CA ILE A 252 -20.96 -11.06 10.51
C ILE A 252 -20.56 -11.62 9.14
N GLU A 253 -21.19 -12.73 8.77
CA GLU A 253 -20.85 -13.43 7.53
C GLU A 253 -21.30 -12.73 6.26
N ASN A 254 -22.42 -12.01 6.32
CA ASN A 254 -22.93 -11.30 5.16
C ASN A 254 -22.03 -10.12 4.88
N PRO A 255 -21.46 -10.05 3.66
CA PRO A 255 -20.52 -8.95 3.38
C PRO A 255 -21.10 -7.54 3.56
N THR A 256 -22.34 -7.35 3.15
CA THR A 256 -22.96 -6.05 3.24
C THR A 256 -23.17 -5.66 4.70
N LEU A 257 -23.73 -6.57 5.49
CA LEU A 257 -23.96 -6.26 6.91
C LEU A 257 -22.62 -6.02 7.62
N CYS A 258 -21.60 -6.79 7.25
CA CYS A 258 -20.31 -6.69 7.90
C CYS A 258 -19.72 -5.32 7.59
N ALA A 259 -19.76 -4.92 6.32
CA ALA A 259 -19.27 -3.59 5.95
C ALA A 259 -20.05 -2.46 6.65
N GLN A 260 -21.36 -2.61 6.73
CA GLN A 260 -22.19 -1.60 7.37
CA GLN A 260 -22.23 -1.63 7.39
C GLN A 260 -21.81 -1.43 8.85
N PHE A 261 -21.63 -2.55 9.55
CA PHE A 261 -21.26 -2.52 10.96
C PHE A 261 -19.88 -1.89 11.14
N LYS A 262 -18.91 -2.37 10.36
CA LYS A 262 -17.54 -1.91 10.49
C LYS A 262 -17.46 -0.43 10.15
N HIS A 263 -18.24 0.00 9.17
CA HIS A 263 -18.25 1.42 8.81
C HIS A 263 -18.75 2.27 9.97
N GLN A 264 -19.88 1.89 10.55
CA GLN A 264 -20.40 2.65 11.69
C GLN A 264 -19.43 2.63 12.88
N GLN A 265 -18.79 1.49 13.09
CA GLN A 265 -17.82 1.34 14.15
C GLN A 265 -16.67 2.37 13.96
N LEU A 266 -16.22 2.54 12.72
CA LEU A 266 -15.17 3.53 12.40
C LEU A 266 -15.67 4.98 12.46
N VAL A 267 -16.89 5.22 11.99
CA VAL A 267 -17.53 6.53 12.14
C VAL A 267 -17.49 6.97 13.62
N ASN A 268 -17.74 6.03 14.50
CA ASN A 268 -17.77 6.25 15.94
C ASN A 268 -16.40 6.18 16.61
N ASN A 269 -15.35 5.89 15.84
CA ASN A 269 -13.99 5.69 16.35
C ASN A 269 -14.03 4.69 17.49
N HIS A 270 -14.79 3.61 17.27
CA HIS A 270 -15.02 2.59 18.28
C HIS A 270 -14.43 1.24 17.82
N HIS A 271 -13.36 1.33 17.04
CA HIS A 271 -12.76 0.19 16.34
C HIS A 271 -11.53 -0.40 17.03
N GLU A 272 -11.01 0.27 18.06
CA GLU A 272 -9.81 -0.25 18.73
C GLU A 272 -10.18 -0.96 20.03
N VAL A 273 -9.31 -1.91 20.38
CA VAL A 273 -9.42 -2.70 21.61
C VAL A 273 -8.06 -2.65 22.27
N SER A 274 -8.04 -2.73 23.60
CA SER A 274 -6.81 -2.71 24.36
C SER A 274 -6.01 -3.99 24.18
N SER A 275 -4.71 -3.89 24.46
CA SER A 275 -3.80 -5.03 24.33
C SER A 275 -4.22 -6.21 25.21
N LEU A 276 -4.59 -5.94 26.46
CA LEU A 276 -5.05 -7.02 27.35
C LEU A 276 -6.41 -7.57 26.94
N GLY A 277 -7.25 -6.73 26.36
CA GLY A 277 -8.47 -7.18 25.74
C GLY A 277 -8.22 -8.32 24.77
N TYR A 278 -7.28 -8.11 23.85
CA TYR A 278 -6.94 -9.16 22.90
C TYR A 278 -6.33 -10.40 23.58
N ILE A 279 -5.37 -10.15 24.47
CA ILE A 279 -4.62 -11.23 25.13
C ILE A 279 -5.54 -12.11 25.97
N ALA A 280 -6.42 -11.48 26.75
CA ALA A 280 -7.18 -12.25 27.73
C ALA A 280 -8.18 -13.16 27.01
N THR A 281 -8.79 -12.66 25.92
CA THR A 281 -9.76 -13.44 25.14
C THR A 281 -9.09 -14.64 24.50
N GLU A 282 -7.94 -14.43 23.85
CA GLU A 282 -7.22 -15.54 23.23
C GLU A 282 -6.85 -16.60 24.28
N THR A 283 -6.33 -16.16 25.41
CA THR A 283 -5.88 -17.07 26.46
C THR A 283 -7.08 -17.85 27.01
N ALA A 284 -8.19 -17.16 27.26
CA ALA A 284 -9.38 -17.82 27.83
C ALA A 284 -9.87 -18.93 26.90
N TYR A 285 -9.97 -18.63 25.62
CA TYR A 285 -10.45 -19.59 24.65
C TYR A 285 -9.47 -20.74 24.43
N ARG A 286 -8.17 -20.48 24.53
CA ARG A 286 -7.16 -21.54 24.31
CA ARG A 286 -7.19 -21.54 24.28
C ARG A 286 -7.12 -22.54 25.45
N TYR A 287 -7.25 -22.04 26.68
CA TYR A 287 -7.00 -22.84 27.90
C TYR A 287 -8.19 -23.06 28.81
N GLY A 288 -9.32 -22.40 28.53
CA GLY A 288 -10.40 -22.35 29.49
C GLY A 288 -11.38 -23.50 29.57
N LYS A 289 -11.32 -24.47 28.65
CA LYS A 289 -12.36 -25.49 28.62
C LYS A 289 -12.49 -26.28 29.93
N PRO A 290 -11.37 -26.78 30.49
CA PRO A 290 -11.49 -27.50 31.78
C PRO A 290 -12.10 -26.68 32.92
N TRP A 291 -11.72 -25.40 32.97
CA TRP A 291 -12.23 -24.50 33.99
C TRP A 291 -13.75 -24.30 33.79
N LEU A 292 -14.17 -24.14 32.55
CA LEU A 292 -15.60 -23.98 32.24
C LEU A 292 -16.40 -25.21 32.64
N VAL A 293 -15.87 -26.40 32.33
CA VAL A 293 -16.53 -27.65 32.72
C VAL A 293 -16.73 -27.67 34.24
N ALA A 294 -15.68 -27.31 34.99
CA ALA A 294 -15.75 -27.27 36.43
C ALA A 294 -16.76 -26.22 36.94
N LEU A 295 -16.71 -25.04 36.34
CA LEU A 295 -17.65 -23.97 36.68
C LEU A 295 -19.09 -24.42 36.53
N LYS A 296 -19.41 -25.03 35.40
CA LYS A 296 -20.80 -25.37 35.12
C LYS A 296 -21.35 -26.36 36.16
N ALA A 297 -20.51 -27.27 36.65
CA ALA A 297 -20.97 -28.19 37.70
C ALA A 297 -21.31 -27.42 38.99
N VAL A 298 -20.48 -26.45 39.33
CA VAL A 298 -20.67 -25.62 40.50
C VAL A 298 -21.95 -24.80 40.35
N LEU A 299 -22.16 -24.21 39.18
CA LEU A 299 -23.39 -23.43 38.94
C LEU A 299 -24.66 -24.27 39.05
N GLU A 300 -24.63 -25.48 38.50
CA GLU A 300 -25.79 -26.37 38.58
C GLU A 300 -26.09 -26.72 40.05
N GLU A 301 -25.06 -27.03 40.82
CA GLU A 301 -25.25 -27.31 42.26
C GLU A 301 -25.83 -26.10 43.01
N ASN A 302 -25.33 -24.90 42.72
CA ASN A 302 -25.82 -23.68 43.36
C ASN A 302 -27.29 -23.39 43.01
N ILE A 303 -27.63 -23.56 41.74
CA ILE A 303 -28.99 -23.31 41.28
C ILE A 303 -29.95 -24.30 41.90
N GLN A 304 -29.58 -25.58 41.89
CA GLN A 304 -30.43 -26.62 42.47
C GLN A 304 -30.63 -26.36 43.97
N PHE A 305 -29.55 -25.97 44.64
CA PHE A 305 -29.63 -25.64 46.05
C PHE A 305 -30.64 -24.52 46.28
N ALA A 306 -30.54 -23.46 45.48
CA ALA A 306 -31.40 -22.29 45.67
C ALA A 306 -32.86 -22.62 45.44
N VAL A 307 -33.15 -23.39 44.39
CA VAL A 307 -34.51 -23.79 44.07
C VAL A 307 -35.10 -24.59 45.23
N GLU A 308 -34.34 -25.55 45.74
CA GLU A 308 -34.83 -26.41 46.83
C GLU A 308 -34.97 -25.66 48.14
N TYR A 309 -34.00 -24.79 48.43
CA TYR A 309 -34.01 -24.00 49.64
C TYR A 309 -35.22 -23.06 49.64
N PHE A 310 -35.44 -22.38 48.52
CA PHE A 310 -36.59 -21.49 48.42
C PHE A 310 -37.91 -22.26 48.50
N ALA A 311 -37.98 -23.43 47.87
CA ALA A 311 -39.18 -24.26 47.95
C ALA A 311 -39.50 -24.60 49.40
N GLN A 312 -38.48 -24.85 50.20
CA GLN A 312 -38.70 -25.27 51.58
C GLN A 312 -39.00 -24.06 52.47
N GLU A 313 -38.25 -22.97 52.30
CA GLU A 313 -38.30 -21.84 53.21
C GLU A 313 -39.24 -20.70 52.80
N ALA A 314 -39.61 -20.66 51.51
CA ALA A 314 -40.45 -19.60 50.97
C ALA A 314 -41.25 -20.15 49.81
N PRO A 315 -42.15 -21.10 50.10
CA PRO A 315 -42.91 -21.67 48.99
C PRO A 315 -43.78 -20.68 48.20
N ARG A 316 -44.11 -19.51 48.76
CA ARG A 316 -44.84 -18.46 48.05
C ARG A 316 -43.98 -17.73 47.00
N LEU A 317 -42.66 -17.83 47.15
CA LEU A 317 -41.73 -17.21 46.20
C LEU A 317 -41.68 -18.05 44.92
N LYS A 318 -41.91 -17.40 43.78
CA LYS A 318 -41.97 -18.12 42.51
C LYS A 318 -40.61 -17.99 41.86
N VAL A 319 -39.97 -19.13 41.62
CA VAL A 319 -38.60 -19.19 41.16
C VAL A 319 -38.57 -19.75 39.74
N MET A 320 -38.07 -18.97 38.80
CA MET A 320 -37.88 -19.45 37.43
C MET A 320 -36.53 -20.14 37.37
N LYS A 321 -36.52 -21.44 37.10
CA LYS A 321 -35.25 -22.16 37.06
C LYS A 321 -34.54 -21.85 35.77
N PRO A 322 -33.32 -21.31 35.85
CA PRO A 322 -32.60 -21.01 34.61
C PRO A 322 -32.27 -22.26 33.81
N GLN A 323 -32.44 -22.18 32.48
CA GLN A 323 -31.89 -23.19 31.56
C GLN A 323 -30.42 -22.89 31.26
N GLY A 324 -30.04 -21.63 31.48
CA GLY A 324 -28.65 -21.19 31.29
C GLY A 324 -28.47 -19.85 31.95
N THR A 325 -27.25 -19.33 31.86
CA THR A 325 -26.79 -18.17 32.67
C THR A 325 -26.67 -18.59 34.13
N TYR A 326 -25.98 -17.76 34.92
CA TYR A 326 -25.84 -18.00 36.34
C TYR A 326 -26.74 -17.09 37.20
N LEU A 327 -27.87 -16.72 36.61
CA LEU A 327 -28.74 -15.68 37.16
C LEU A 327 -30.16 -16.25 37.28
N ILE A 328 -30.75 -16.07 38.46
CA ILE A 328 -32.05 -16.61 38.74
C ILE A 328 -33.09 -15.49 38.85
N TRP A 329 -34.17 -15.61 38.11
CA TRP A 329 -35.26 -14.63 38.10
C TRP A 329 -36.33 -15.01 39.14
N LEU A 330 -36.49 -14.15 40.14
CA LEU A 330 -37.37 -14.38 41.30
C LEU A 330 -38.60 -13.49 41.24
N ASP A 331 -39.77 -14.08 41.51
CA ASP A 331 -41.06 -13.38 41.41
C ASP A 331 -41.71 -13.34 42.80
N PHE A 332 -41.79 -12.13 43.36
CA PHE A 332 -42.36 -11.89 44.68
C PHE A 332 -43.82 -11.42 44.59
N SER A 333 -44.47 -11.66 43.45
CA SER A 333 -45.82 -11.17 43.18
C SER A 333 -46.89 -11.63 44.17
N ASP A 334 -46.68 -12.78 44.80
CA ASP A 334 -47.68 -13.29 45.74
C ASP A 334 -47.61 -12.60 47.09
N TYR A 335 -46.57 -11.80 47.32
CA TYR A 335 -46.43 -11.05 48.57
C TYR A 335 -47.08 -9.68 48.51
N GLY A 336 -47.56 -9.23 49.66
CA GLY A 336 -48.20 -7.92 49.77
C GLY A 336 -47.18 -6.80 49.85
N LEU A 337 -46.48 -6.58 48.73
CA LEU A 337 -45.41 -5.60 48.61
C LEU A 337 -45.62 -4.82 47.32
N THR A 338 -45.18 -3.57 47.29
CA THR A 338 -45.03 -2.80 46.06
C THR A 338 -43.62 -3.06 45.55
N ASP A 339 -43.37 -2.66 44.32
CA ASP A 339 -42.04 -2.79 43.75
C ASP A 339 -40.99 -2.10 44.62
N ASP A 340 -41.28 -0.88 45.06
CA ASP A 340 -40.36 -0.14 45.92
C ASP A 340 -40.16 -0.79 47.29
N ALA A 341 -41.25 -1.27 47.90
CA ALA A 341 -41.16 -1.93 49.20
C ALA A 341 -40.36 -3.21 49.14
N LEU A 342 -40.45 -3.93 48.02
CA LEU A 342 -39.63 -5.12 47.82
C LEU A 342 -38.14 -4.75 47.82
N PHE A 343 -37.80 -3.69 47.10
CA PHE A 343 -36.40 -3.28 46.99
C PHE A 343 -35.86 -2.87 48.37
N THR A 344 -36.63 -2.07 49.08
CA THR A 344 -36.22 -1.62 50.41
C THR A 344 -36.09 -2.80 51.37
N LEU A 345 -37.01 -3.74 51.29
CA LEU A 345 -36.95 -4.93 52.14
C LEU A 345 -35.66 -5.73 51.90
N LEU A 346 -35.38 -6.05 50.65
CA LEU A 346 -34.19 -6.85 50.36
C LEU A 346 -32.91 -6.10 50.70
N HIS A 347 -32.84 -4.85 50.30
CA HIS A 347 -31.60 -4.08 50.44
C HIS A 347 -31.35 -3.64 51.88
N ASP A 348 -32.37 -3.08 52.54
CA ASP A 348 -32.20 -2.47 53.87
C ASP A 348 -32.39 -3.43 55.04
N GLN A 349 -33.33 -4.36 54.91
CA GLN A 349 -33.59 -5.29 56.00
C GLN A 349 -32.82 -6.60 55.83
N ALA A 350 -32.90 -7.20 54.64
CA ALA A 350 -32.20 -8.46 54.35
C ALA A 350 -30.70 -8.26 54.08
N LYS A 351 -30.30 -7.03 53.74
CA LYS A 351 -28.91 -6.70 53.45
C LYS A 351 -28.35 -7.53 52.28
N VAL A 352 -29.18 -7.71 51.25
CA VAL A 352 -28.75 -8.37 50.03
CA VAL A 352 -28.75 -8.38 50.04
C VAL A 352 -29.05 -7.47 48.85
N ILE A 353 -28.12 -7.39 47.92
CA ILE A 353 -28.27 -6.56 46.74
C ILE A 353 -28.55 -7.44 45.53
N LEU A 354 -29.80 -7.40 45.06
CA LEU A 354 -30.22 -8.10 43.85
C LEU A 354 -30.65 -7.05 42.85
N ASN A 355 -30.57 -7.36 41.55
CA ASN A 355 -31.08 -6.44 40.56
C ASN A 355 -32.58 -6.30 40.70
N ARG A 356 -33.05 -5.06 40.63
CA ARG A 356 -34.49 -4.77 40.66
C ARG A 356 -35.12 -5.24 39.34
N GLY A 357 -36.09 -6.15 39.43
CA GLY A 357 -36.73 -6.69 38.24
C GLY A 357 -37.36 -5.62 37.35
N SER A 358 -37.86 -4.55 37.96
CA SER A 358 -38.50 -3.50 37.19
C SER A 358 -37.55 -2.79 36.24
N ASP A 359 -36.24 -2.90 36.49
CA ASP A 359 -35.22 -2.36 35.58
C ASP A 359 -35.35 -2.99 34.17
N TYR A 360 -35.88 -4.22 34.10
CA TYR A 360 -35.89 -5.04 32.88
C TYR A 360 -37.15 -4.83 32.03
N GLY A 361 -38.07 -4.02 32.56
CA GLY A 361 -39.37 -3.80 31.92
C GLY A 361 -40.51 -3.99 32.89
N SER A 362 -41.72 -3.63 32.44
CA SER A 362 -42.89 -3.72 33.30
C SER A 362 -43.18 -5.15 33.77
N GLU A 363 -42.79 -6.13 32.96
CA GLU A 363 -42.95 -7.53 33.32
C GLU A 363 -42.14 -7.92 34.54
N GLY A 364 -41.13 -7.11 34.86
CA GLY A 364 -40.26 -7.32 35.99
C GLY A 364 -40.75 -6.74 37.30
N GLU A 365 -41.91 -6.08 37.29
CA GLU A 365 -42.49 -5.58 38.54
C GLU A 365 -42.57 -6.72 39.55
N LEU A 366 -42.16 -6.41 40.78
CA LEU A 366 -42.14 -7.37 41.89
CA LEU A 366 -42.17 -7.38 41.89
C LEU A 366 -41.23 -8.57 41.68
N HIS A 367 -40.27 -8.42 40.77
CA HIS A 367 -39.21 -9.41 40.58
C HIS A 367 -37.85 -8.90 41.08
N ALA A 368 -36.92 -9.83 41.24
CA ALA A 368 -35.52 -9.50 41.47
C ALA A 368 -34.69 -10.56 40.79
N ARG A 369 -33.45 -10.21 40.46
CA ARG A 369 -32.55 -11.16 39.80
C ARG A 369 -31.38 -11.45 40.72
N LEU A 370 -31.12 -12.74 40.91
CA LEU A 370 -30.13 -13.26 41.85
C LEU A 370 -28.95 -13.91 41.11
N ASN A 371 -27.74 -13.47 41.46
CA ASN A 371 -26.49 -14.00 40.87
C ASN A 371 -25.92 -15.09 41.77
N ILE A 372 -25.88 -16.33 41.27
CA ILE A 372 -25.35 -17.46 42.05
C ILE A 372 -23.94 -17.92 41.66
N ALA A 373 -23.22 -17.11 40.88
CA ALA A 373 -21.82 -17.38 40.53
C ALA A 373 -20.91 -16.90 41.65
N ALA A 374 -20.99 -17.61 42.76
CA ALA A 374 -20.18 -17.38 43.94
C ALA A 374 -20.08 -18.72 44.66
N PRO A 375 -19.11 -18.85 45.59
CA PRO A 375 -19.02 -20.08 46.36
C PRO A 375 -20.32 -20.48 47.04
N LYS A 376 -20.50 -21.79 47.21
CA LYS A 376 -21.75 -22.31 47.76
CA LYS A 376 -21.72 -22.35 47.79
C LYS A 376 -22.07 -21.70 49.13
N SER A 377 -21.05 -21.52 49.96
CA SER A 377 -21.25 -20.91 51.28
C SER A 377 -21.86 -19.50 51.19
N LEU A 378 -21.42 -18.74 50.19
CA LEU A 378 -21.93 -17.39 50.01
CA LEU A 378 -21.92 -17.38 49.98
C LEU A 378 -23.35 -17.46 49.46
N VAL A 379 -23.57 -18.35 48.50
CA VAL A 379 -24.92 -18.54 47.97
C VAL A 379 -25.90 -18.98 49.08
N GLU A 380 -25.46 -19.87 49.97
CA GLU A 380 -26.29 -20.27 51.11
C GLU A 380 -26.71 -19.07 51.97
N GLU A 381 -25.78 -18.17 52.23
CA GLU A 381 -26.04 -17.00 53.05
C GLU A 381 -26.99 -16.05 52.34
N ILE A 382 -26.76 -15.84 51.05
CA ILE A 382 -27.63 -14.95 50.26
C ILE A 382 -29.07 -15.47 50.26
N CYS A 383 -29.23 -16.77 50.03
CA CYS A 383 -30.59 -17.34 50.02
C CYS A 383 -31.25 -17.24 51.39
N LYS A 384 -30.49 -17.45 52.46
CA LYS A 384 -30.99 -17.32 53.83
C LYS A 384 -31.52 -15.91 54.07
N ARG A 385 -30.78 -14.93 53.60
CA ARG A 385 -31.19 -13.53 53.70
C ARG A 385 -32.43 -13.21 52.90
N ILE A 386 -32.57 -13.78 51.71
CA ILE A 386 -33.74 -13.51 50.84
C ILE A 386 -35.05 -13.99 51.49
N VAL A 387 -34.99 -15.10 52.23
CA VAL A 387 -36.17 -15.66 52.88
C VAL A 387 -36.41 -15.15 54.30
N CYS A 388 -35.41 -14.46 54.87
CA CYS A 388 -35.44 -14.09 56.28
CA CYS A 388 -35.43 -14.04 56.29
C CYS A 388 -36.61 -13.16 56.68
N CYS A 389 -36.98 -12.26 55.78
CA CYS A 389 -37.72 -11.04 56.12
CA CYS A 389 -37.81 -11.16 56.21
C CYS A 389 -39.00 -10.87 55.25
N LEU A 390 -39.42 -11.92 54.53
CA LEU A 390 -40.60 -11.82 53.62
C LEU A 390 -41.91 -11.78 54.41
N PRO A 391 -42.86 -10.89 54.03
CA PRO A 391 -44.04 -10.66 54.85
C PRO A 391 -45.14 -11.73 54.78
N LYS A 392 -45.78 -11.98 55.91
CA LYS A 392 -46.93 -12.88 55.95
C LYS A 392 -48.08 -12.32 55.11
N SER B 6 19.72 1.52 38.89
CA SER B 6 20.25 2.85 39.31
C SER B 6 19.79 3.97 38.37
N LYS B 7 19.45 3.67 37.12
CA LYS B 7 18.76 4.67 36.30
C LYS B 7 17.81 4.05 35.28
N TYR B 8 16.98 4.89 34.70
CA TYR B 8 16.01 4.41 33.75
C TYR B 8 16.72 4.06 32.46
N ASN B 9 16.18 3.07 31.76
CA ASN B 9 16.76 2.56 30.54
C ASN B 9 16.23 3.27 29.29
N PHE B 10 17.05 4.10 28.68
CA PHE B 10 16.76 4.68 27.37
C PHE B 10 17.82 4.27 26.34
N GLN B 11 18.61 3.25 26.70
CA GLN B 11 19.76 2.82 25.90
C GLN B 11 19.46 1.58 25.05
N THR B 12 18.60 0.70 25.55
CA THR B 12 18.21 -0.48 24.79
C THR B 12 16.71 -0.57 24.63
N ALA B 13 16.31 -1.06 23.46
CA ALA B 13 14.92 -1.18 23.07
C ALA B 13 14.50 -2.63 23.25
N PRO B 14 13.44 -2.84 24.02
CA PRO B 14 12.86 -4.17 24.14
C PRO B 14 12.48 -4.75 22.78
N ASN B 15 12.69 -6.05 22.57
CA ASN B 15 12.23 -6.66 21.33
C ASN B 15 10.71 -6.71 21.36
N ARG B 16 10.09 -6.24 20.27
CA ARG B 16 8.63 -6.16 20.18
C ARG B 16 8.08 -7.04 19.09
N LEU B 17 8.92 -7.83 18.43
CA LEU B 17 8.45 -8.52 17.22
C LEU B 17 7.37 -9.56 17.49
N SER B 18 7.31 -10.08 18.71
CA SER B 18 6.30 -11.10 19.05
C SER B 18 5.04 -10.53 19.73
N HIS B 19 4.95 -9.21 19.86
CA HIS B 19 3.85 -8.57 20.62
C HIS B 19 2.71 -8.04 19.80
N HIS B 20 2.69 -8.36 18.52
CA HIS B 20 1.63 -7.90 17.64
C HIS B 20 1.45 -6.38 17.70
N THR B 21 2.57 -5.67 17.57
CA THR B 21 2.54 -4.21 17.53
C THR B 21 2.29 -3.69 16.12
N TYR B 22 1.60 -2.58 16.00
CA TYR B 22 1.50 -1.90 14.72
C TYR B 22 2.90 -1.52 14.25
N LYS B 23 3.68 -0.96 15.15
CA LYS B 23 4.94 -0.32 14.74
C LYS B 23 5.89 -1.29 14.03
N TRP B 24 6.02 -2.49 14.60
CA TRP B 24 6.96 -3.48 14.07
C TRP B 24 6.31 -4.55 13.19
N LYS B 25 5.04 -4.36 12.84
CA LYS B 25 4.31 -5.35 12.03
C LYS B 25 5.01 -5.72 10.72
N GLU B 26 5.41 -4.74 9.92
CA GLU B 26 6.06 -5.09 8.64
C GLU B 26 7.40 -5.79 8.84
N THR B 27 8.12 -5.41 9.89
CA THR B 27 9.41 -5.98 10.18
C THR B 27 9.32 -7.46 10.55
N GLU B 28 8.17 -7.87 11.06
CA GLU B 28 7.92 -9.29 11.34
C GLU B 28 8.05 -10.16 10.08
N THR B 29 7.74 -9.57 8.93
CA THR B 29 7.82 -10.25 7.63
C THR B 29 9.07 -9.88 6.83
N ASP B 30 9.47 -8.61 6.87
CA ASP B 30 10.73 -8.16 6.26
C ASP B 30 11.69 -7.67 7.33
N PRO B 31 12.62 -8.52 7.75
CA PRO B 31 13.54 -8.16 8.82
C PRO B 31 14.44 -6.97 8.50
N GLN B 32 14.52 -6.56 7.24
CA GLN B 32 15.38 -5.43 6.86
C GLN B 32 14.78 -4.09 7.29
N LEU B 33 13.46 -4.03 7.38
CA LEU B 33 12.75 -2.76 7.59
C LEU B 33 12.89 -2.25 9.01
N LEU B 34 13.18 -0.96 9.14
CA LEU B 34 13.26 -0.31 10.44
C LEU B 34 12.12 0.69 10.54
N PRO B 35 11.23 0.52 11.53
CA PRO B 35 10.09 1.43 11.64
C PRO B 35 10.39 2.68 12.46
N ALA B 36 9.87 3.81 12.01
CA ALA B 36 9.97 5.06 12.76
C ALA B 36 8.77 5.95 12.39
N TRP B 37 7.59 5.35 12.47
CA TRP B 37 6.36 5.99 11.99
C TRP B 37 5.38 6.26 13.15
N ILE B 38 4.49 5.32 13.44
CA ILE B 38 3.45 5.47 14.46
C ILE B 38 4.03 5.93 15.79
N ALA B 39 3.32 6.85 16.45
CA ALA B 39 3.79 7.43 17.69
C ALA B 39 3.56 6.52 18.90
N ASP B 40 4.36 5.48 19.00
CA ASP B 40 4.68 4.95 20.29
C ASP B 40 6.20 4.81 20.34
N MET B 41 6.73 4.60 21.54
CA MET B 41 8.18 4.68 21.74
C MET B 41 8.78 3.31 21.79
N ASP B 42 10.05 3.22 21.42
CA ASP B 42 10.81 2.00 21.62
C ASP B 42 11.69 2.15 22.86
N PHE B 43 11.06 2.65 23.91
CA PHE B 43 11.65 2.73 25.25
C PHE B 43 10.79 1.92 26.18
N GLU B 44 11.43 1.19 27.09
CA GLU B 44 10.72 0.56 28.19
C GLU B 44 9.91 1.59 28.96
N VAL B 45 8.70 1.20 29.34
CA VAL B 45 7.84 2.04 30.18
C VAL B 45 8.39 2.11 31.60
N MET B 46 8.03 3.19 32.29
CA MET B 46 8.42 3.38 33.69
CA MET B 46 8.41 3.38 33.69
C MET B 46 8.10 2.13 34.50
N PRO B 47 8.99 1.75 35.43
CA PRO B 47 8.86 0.49 36.16
C PRO B 47 7.59 0.33 36.97
N GLU B 48 7.06 1.43 37.50
CA GLU B 48 5.87 1.36 38.33
C GLU B 48 4.64 0.90 37.53
N VAL B 49 4.54 1.27 36.26
CA VAL B 49 3.40 0.79 35.45
C VAL B 49 3.51 -0.73 35.26
N LYS B 50 4.73 -1.22 34.98
CA LYS B 50 4.95 -2.66 34.86
C LYS B 50 4.47 -3.35 36.12
N GLN B 51 4.84 -2.80 37.27
CA GLN B 51 4.45 -3.40 38.55
C GLN B 51 2.93 -3.37 38.75
N ALA B 52 2.30 -2.28 38.33
CA ALA B 52 0.84 -2.13 38.43
C ALA B 52 0.10 -3.20 37.61
N ILE B 53 0.65 -3.54 36.45
CA ILE B 53 0.07 -4.64 35.65
C ILE B 53 0.17 -5.98 36.40
N HIS B 54 1.35 -6.26 36.98
CA HIS B 54 1.48 -7.45 37.84
C HIS B 54 0.50 -7.43 39.01
N ASP B 55 0.35 -6.28 39.65
CA ASP B 55 -0.58 -6.14 40.76
C ASP B 55 -2.02 -6.38 40.29
N TYR B 56 -2.33 -5.94 39.07
CA TYR B 56 -3.67 -6.18 38.52
C TYR B 56 -3.94 -7.68 38.36
N ALA B 57 -2.97 -8.41 37.83
CA ALA B 57 -3.05 -9.87 37.71
C ALA B 57 -3.39 -10.48 39.07
N GLU B 58 -2.75 -9.96 40.11
CA GLU B 58 -2.94 -10.51 41.46
C GLU B 58 -4.27 -10.10 42.13
N GLN B 59 -5.11 -9.32 41.44
CA GLN B 59 -6.50 -9.11 41.87
C GLN B 59 -7.33 -10.40 41.73
N LEU B 60 -6.88 -11.33 40.87
CA LEU B 60 -7.45 -12.68 40.70
C LEU B 60 -8.80 -12.74 39.97
N VAL B 61 -9.60 -11.69 40.11
CA VAL B 61 -10.91 -11.60 39.45
C VAL B 61 -10.89 -10.33 38.61
N TYR B 62 -11.22 -10.44 37.31
CA TYR B 62 -11.08 -9.31 36.39
C TYR B 62 -12.44 -8.83 35.89
N GLY B 63 -13.29 -8.43 36.84
CA GLY B 63 -14.64 -8.03 36.56
C GLY B 63 -14.81 -6.55 36.32
N TYR B 64 -16.05 -6.09 36.40
CA TYR B 64 -16.42 -4.73 36.07
C TYR B 64 -15.92 -3.75 37.13
N THR B 65 -15.22 -2.71 36.69
CA THR B 65 -14.72 -1.65 37.58
C THR B 65 -15.09 -0.24 37.05
N TYR B 66 -14.93 0.75 37.92
CA TYR B 66 -15.20 2.13 37.55
C TYR B 66 -14.00 3.00 37.94
N ALA B 67 -14.04 4.24 37.49
CA ALA B 67 -12.97 5.20 37.75
C ALA B 67 -13.02 5.67 39.21
N SER B 68 -11.93 5.44 39.94
CA SER B 68 -11.88 5.70 41.38
C SER B 68 -11.62 7.16 41.67
N ASP B 69 -11.91 7.56 42.91
CA ASP B 69 -11.57 8.92 43.35
C ASP B 69 -10.06 9.14 43.32
N GLU B 70 -9.28 8.08 43.55
CA GLU B 70 -7.81 8.18 43.52
C GLU B 70 -7.31 8.48 42.11
N LEU B 71 -7.92 7.85 41.11
CA LEU B 71 -7.56 8.14 39.72
C LEU B 71 -7.97 9.58 39.37
N LEU B 72 -9.18 9.98 39.75
CA LEU B 72 -9.64 11.33 39.48
C LEU B 72 -8.70 12.36 40.11
N GLN B 73 -8.30 12.11 41.36
CA GLN B 73 -7.36 13.01 42.02
C GLN B 73 -6.00 13.06 41.35
N ALA B 74 -5.53 11.92 40.83
CA ALA B 74 -4.26 11.86 40.12
C ALA B 74 -4.27 12.74 38.87
N VAL B 75 -5.38 12.73 38.14
CA VAL B 75 -5.54 13.56 36.96
C VAL B 75 -5.59 15.04 37.37
N LEU B 76 -6.38 15.34 38.39
CA LEU B 76 -6.43 16.69 38.92
C LEU B 76 -5.06 17.21 39.31
N ASP B 77 -4.32 16.39 40.06
CA ASP B 77 -3.01 16.78 40.59
C ASP B 77 -2.01 16.98 39.47
N TRP B 78 -2.05 16.11 38.48
CA TRP B 78 -1.17 16.25 37.32
C TRP B 78 -1.44 17.55 36.56
N GLU B 79 -2.72 17.80 36.29
CA GLU B 79 -3.12 18.97 35.55
C GLU B 79 -2.72 20.25 36.31
N LYS B 80 -2.89 20.25 37.63
CA LYS B 80 -2.52 21.43 38.43
C LYS B 80 -1.01 21.62 38.50
N SER B 81 -0.30 20.55 38.84
CA SER B 81 1.14 20.65 39.08
C SER B 81 1.93 20.83 37.79
N GLU B 82 1.50 20.19 36.70
CA GLU B 82 2.24 20.27 35.44
C GLU B 82 1.78 21.35 34.49
N HIS B 83 0.49 21.72 34.54
CA HIS B 83 -0.08 22.63 33.55
C HIS B 83 -0.84 23.80 34.15
N GLN B 84 -0.79 23.94 35.47
CA GLN B 84 -1.41 25.08 36.14
C GLN B 84 -2.89 25.21 35.78
N TYR B 85 -3.55 24.05 35.65
CA TYR B 85 -4.93 24.00 35.25
C TYR B 85 -5.69 23.37 36.38
N SER B 86 -6.49 24.18 37.07
CA SER B 86 -7.28 23.75 38.22
C SER B 86 -8.75 23.63 37.83
N PHE B 87 -9.35 22.49 38.17
CA PHE B 87 -10.76 22.24 37.90
C PHE B 87 -11.23 21.22 38.94
N ASP B 88 -12.48 20.77 38.82
CA ASP B 88 -13.07 19.85 39.79
C ASP B 88 -13.11 18.45 39.26
N LYS B 89 -13.12 17.46 40.16
CA LYS B 89 -13.20 16.04 39.77
C LYS B 89 -14.38 15.72 38.84
N GLU B 90 -15.51 16.41 39.04
CA GLU B 90 -16.70 16.19 38.21
C GLU B 90 -16.54 16.68 36.76
N ASP B 91 -15.46 17.42 36.49
CA ASP B 91 -15.20 17.96 35.15
C ASP B 91 -14.48 16.94 34.28
N ILE B 92 -14.01 15.84 34.89
CA ILE B 92 -13.23 14.82 34.20
C ILE B 92 -14.18 13.76 33.63
N VAL B 93 -13.99 13.45 32.34
CA VAL B 93 -14.73 12.39 31.68
C VAL B 93 -13.71 11.44 31.05
N PHE B 94 -13.65 10.21 31.54
CA PHE B 94 -12.76 9.20 30.95
C PHE B 94 -13.36 8.62 29.68
N VAL B 95 -12.47 8.39 28.72
CA VAL B 95 -12.82 7.84 27.39
C VAL B 95 -11.66 6.93 27.02
N GLU B 96 -11.94 5.81 26.35
CA GLU B 96 -10.87 4.83 26.11
C GLU B 96 -9.76 5.39 25.22
N GLY B 97 -10.04 6.45 24.48
CA GLY B 97 -9.00 7.16 23.72
C GLY B 97 -9.41 8.56 23.28
N VAL B 98 -8.41 9.33 22.90
CA VAL B 98 -8.62 10.68 22.42
C VAL B 98 -9.35 10.72 21.08
N VAL B 99 -9.00 9.81 20.18
CA VAL B 99 -9.68 9.75 18.89
C VAL B 99 -11.16 9.37 19.06
N PRO B 100 -11.48 8.35 19.89
CA PRO B 100 -12.87 8.20 20.32
C PRO B 100 -13.55 9.51 20.78
N ALA B 101 -12.88 10.26 21.65
CA ALA B 101 -13.44 11.51 22.17
C ALA B 101 -13.74 12.54 21.06
N ILE B 102 -12.86 12.60 20.06
CA ILE B 102 -13.06 13.50 18.92
C ILE B 102 -14.36 13.17 18.18
N SER B 103 -14.61 11.89 17.92
CA SER B 103 -15.85 11.50 17.27
C SER B 103 -17.07 11.83 18.13
N ILE B 104 -16.99 11.51 19.42
CA ILE B 104 -18.09 11.83 20.34
C ILE B 104 -18.37 13.33 20.33
N ALA B 105 -17.31 14.14 20.36
CA ALA B 105 -17.46 15.60 20.33
C ALA B 105 -18.11 16.12 19.04
N ILE B 106 -17.66 15.62 17.90
CA ILE B 106 -18.29 15.96 16.62
C ILE B 106 -19.79 15.63 16.64
N GLN B 107 -20.11 14.42 17.08
CA GLN B 107 -21.50 14.00 17.13
C GLN B 107 -22.34 14.78 18.14
N ALA B 108 -21.74 15.14 19.28
CA ALA B 108 -22.46 15.82 20.34
C ALA B 108 -22.71 17.28 20.02
N PHE B 109 -21.75 17.94 19.38
CA PHE B 109 -21.74 19.41 19.30
C PHE B 109 -22.09 19.98 17.94
N THR B 110 -22.23 19.11 16.95
CA THR B 110 -22.66 19.53 15.62
C THR B 110 -23.74 18.58 15.09
N LYS B 111 -24.43 19.02 14.05
CA LYS B 111 -25.37 18.19 13.32
C LYS B 111 -24.80 17.83 11.95
N GLU B 112 -25.31 16.77 11.36
CA GLU B 112 -24.89 16.42 10.02
C GLU B 112 -24.96 17.61 9.06
N GLY B 113 -23.92 17.76 8.27
CA GLY B 113 -23.85 18.83 7.25
C GLY B 113 -23.22 20.10 7.75
N GLU B 114 -23.11 20.25 9.07
CA GLU B 114 -22.47 21.43 9.65
C GLU B 114 -20.96 21.32 9.50
N ALA B 115 -20.32 22.48 9.58
CA ALA B 115 -18.90 22.62 9.28
C ALA B 115 -18.03 22.48 10.53
N VAL B 116 -16.95 21.72 10.38
CA VAL B 116 -15.94 21.53 11.38
C VAL B 116 -14.59 21.94 10.77
N LEU B 117 -13.88 22.80 11.49
CA LEU B 117 -12.60 23.32 11.06
C LEU B 117 -11.42 22.63 11.75
N ILE B 118 -10.38 22.39 10.96
CA ILE B 118 -9.06 21.94 11.43
C ILE B 118 -7.99 22.86 10.83
N ASN B 119 -6.80 22.86 11.43
CA ASN B 119 -5.65 23.52 10.83
C ASN B 119 -4.82 22.46 10.14
N SER B 120 -4.76 22.49 8.80
CA SER B 120 -4.05 21.46 8.04
C SER B 120 -2.62 21.95 7.73
N PRO B 121 -1.64 21.02 7.62
CA PRO B 121 -1.79 19.58 7.72
C PRO B 121 -1.85 19.15 9.17
N VAL B 122 -2.59 18.10 9.48
CA VAL B 122 -2.78 17.68 10.87
C VAL B 122 -3.09 16.18 10.90
N TYR B 123 -2.83 15.60 12.07
CA TYR B 123 -3.11 14.21 12.42
C TYR B 123 -4.31 13.64 11.65
N PRO B 124 -4.11 12.59 10.85
CA PRO B 124 -5.18 12.23 9.91
C PRO B 124 -6.56 11.91 10.45
N PRO B 125 -6.65 11.28 11.63
CA PRO B 125 -7.98 11.07 12.21
C PRO B 125 -8.85 12.34 12.39
N PHE B 126 -8.26 13.52 12.42
CA PHE B 126 -9.05 14.77 12.44
C PHE B 126 -9.93 14.84 11.18
N ALA B 127 -9.30 14.89 10.00
CA ALA B 127 -10.07 14.97 8.77
C ALA B 127 -10.99 13.77 8.61
N ARG B 128 -10.50 12.58 8.96
CA ARG B 128 -11.29 11.35 8.79
C ARG B 128 -12.56 11.42 9.62
N SER B 129 -12.44 11.84 10.87
CA SER B 129 -13.57 11.80 11.79
C SER B 129 -14.65 12.79 11.32
N VAL B 130 -14.23 13.93 10.79
CA VAL B 130 -15.18 14.89 10.25
C VAL B 130 -15.93 14.30 9.04
N ARG B 131 -15.16 13.78 8.08
CA ARG B 131 -15.72 13.26 6.84
CA ARG B 131 -15.75 13.30 6.84
C ARG B 131 -16.64 12.06 7.04
N LEU B 132 -16.18 11.12 7.85
CA LEU B 132 -16.97 9.90 8.09
C LEU B 132 -18.27 10.22 8.83
N ASN B 133 -18.26 11.30 9.61
CA ASN B 133 -19.44 11.76 10.31
C ASN B 133 -20.37 12.64 9.43
N ASN B 134 -20.08 12.76 8.16
CA ASN B 134 -20.91 13.58 7.28
C ASN B 134 -21.07 15.01 7.78
N ARG B 135 -19.98 15.55 8.33
CA ARG B 135 -19.85 16.98 8.56
C ARG B 135 -18.99 17.57 7.44
N LYS B 136 -19.16 18.86 7.16
CA LYS B 136 -18.35 19.55 6.16
C LYS B 136 -16.98 19.87 6.75
N LEU B 137 -15.93 19.46 6.06
CA LEU B 137 -14.57 19.73 6.55
C LEU B 137 -14.06 21.04 5.99
N VAL B 138 -13.61 21.90 6.89
CA VAL B 138 -12.96 23.14 6.51
C VAL B 138 -11.51 23.03 6.94
N SER B 139 -10.59 22.99 5.97
CA SER B 139 -9.17 22.91 6.29
C SER B 139 -8.58 24.29 6.20
N ASN B 140 -8.21 24.85 7.35
CA ASN B 140 -7.51 26.11 7.42
C ASN B 140 -6.03 25.81 7.29
N SER B 141 -5.45 26.18 6.16
CA SER B 141 -4.08 25.80 5.87
C SER B 141 -3.07 26.61 6.67
N LEU B 142 -2.20 25.94 7.39
CA LEU B 142 -1.15 26.61 8.15
C LEU B 142 -0.10 27.22 7.20
N LYS B 143 0.36 28.41 7.55
CA LYS B 143 1.55 28.98 6.90
C LYS B 143 2.79 28.30 7.43
N GLU B 144 3.87 28.34 6.65
CA GLU B 144 5.18 27.94 7.15
CA GLU B 144 5.18 27.94 7.12
C GLU B 144 6.11 29.13 6.94
N GLU B 145 6.68 29.59 8.06
CA GLU B 145 7.54 30.77 8.08
C GLU B 145 8.74 30.51 8.97
N ASN B 146 9.95 30.64 8.42
CA ASN B 146 11.17 30.49 9.21
CA ASN B 146 11.16 30.50 9.23
C ASN B 146 11.22 29.15 9.95
N GLY B 147 10.76 28.10 9.27
CA GLY B 147 10.84 26.73 9.79
C GLY B 147 9.77 26.37 10.80
N LEU B 148 8.74 27.20 10.91
CA LEU B 148 7.64 26.93 11.88
C LEU B 148 6.28 27.11 11.25
N PHE B 149 5.32 26.28 11.63
CA PHE B 149 3.94 26.52 11.26
C PHE B 149 3.40 27.76 11.98
N GLN B 150 2.59 28.53 11.29
CA GLN B 150 1.92 29.68 11.88
C GLN B 150 0.51 29.77 11.32
N ILE B 151 -0.40 30.28 12.14
CA ILE B 151 -1.78 30.46 11.70
C ILE B 151 -1.92 31.78 10.96
N ASP B 152 -2.61 31.73 9.81
CA ASP B 152 -3.07 32.93 9.10
C ASP B 152 -4.43 33.31 9.69
N PHE B 153 -4.43 34.29 10.61
CA PHE B 153 -5.67 34.65 11.31
C PHE B 153 -6.72 35.34 10.44
N GLU B 154 -6.26 36.04 9.40
CA GLU B 154 -7.19 36.64 8.44
C GLU B 154 -7.98 35.54 7.75
N GLN B 155 -7.27 34.57 7.17
CA GLN B 155 -7.92 33.45 6.48
C GLN B 155 -8.68 32.56 7.45
N LEU B 156 -8.18 32.37 8.67
CA LEU B 156 -8.89 31.58 9.67
C LEU B 156 -10.27 32.17 9.93
N GLU B 157 -10.33 33.49 10.11
CA GLU B 157 -11.63 34.12 10.32
C GLU B 157 -12.51 33.98 9.08
N ASN B 158 -11.94 34.17 7.89
CA ASN B 158 -12.69 33.99 6.65
C ASN B 158 -13.26 32.56 6.58
N ASP B 159 -12.44 31.58 6.94
CA ASP B 159 -12.84 30.17 6.89
C ASP B 159 -14.00 29.91 7.85
N ILE B 160 -13.95 30.50 9.03
CA ILE B 160 -15.02 30.35 10.02
C ILE B 160 -16.33 30.98 9.54
N VAL B 161 -16.24 32.22 9.05
CA VAL B 161 -17.44 32.96 8.63
C VAL B 161 -18.06 32.43 7.33
N GLU B 162 -17.24 32.19 6.32
CA GLU B 162 -17.73 31.75 5.02
C GLU B 162 -18.39 30.36 5.06
N ASN B 163 -18.02 29.56 6.05
CA ASN B 163 -18.53 28.20 6.16
C ASN B 163 -19.45 27.96 7.34
N ASP B 164 -19.75 29.00 8.12
CA ASP B 164 -20.54 28.88 9.35
C ASP B 164 -20.02 27.74 10.22
N VAL B 165 -18.73 27.80 10.53
CA VAL B 165 -18.08 26.76 11.33
C VAL B 165 -18.71 26.68 12.71
N LYS B 166 -19.02 25.45 13.15
CA LYS B 166 -19.63 25.18 14.45
C LYS B 166 -18.66 24.60 15.48
N LEU B 167 -17.60 23.96 15.00
CA LEU B 167 -16.67 23.24 15.86
C LEU B 167 -15.27 23.38 15.26
N TYR B 168 -14.30 23.63 16.13
CA TYR B 168 -12.89 23.79 15.78
C TYR B 168 -12.13 22.69 16.55
N LEU B 169 -11.49 21.80 15.80
CA LEU B 169 -10.61 20.76 16.36
C LEU B 169 -9.20 21.30 16.33
N LEU B 170 -8.71 21.68 17.50
CA LEU B 170 -7.37 22.25 17.65
C LEU B 170 -6.40 21.18 18.12
N CYS B 171 -5.18 21.23 17.57
CA CYS B 171 -4.13 20.31 17.98
C CYS B 171 -3.04 21.13 18.66
N ASN B 172 -2.82 20.87 19.95
CA ASN B 172 -1.85 21.64 20.72
CA ASN B 172 -1.98 21.71 20.82
C ASN B 172 -1.22 20.85 21.85
N PRO B 173 0.09 20.50 21.64
CA PRO B 173 0.99 20.78 20.49
C PRO B 173 0.47 20.22 19.18
N HIS B 174 0.78 20.89 18.09
CA HIS B 174 0.29 20.50 16.76
C HIS B 174 1.13 19.36 16.17
N ASN B 175 0.45 18.27 15.78
CA ASN B 175 1.04 17.10 15.13
C ASN B 175 0.47 17.05 13.71
N PRO B 176 1.33 17.10 12.68
CA PRO B 176 2.78 17.05 12.68
C PRO B 176 3.44 18.42 12.79
N GLY B 177 4.76 18.45 12.82
CA GLY B 177 5.53 19.67 13.01
C GLY B 177 5.96 19.90 14.45
N GLY B 178 5.09 19.58 15.38
CA GLY B 178 5.40 19.70 16.80
C GLY B 178 5.39 21.14 17.27
N ARG B 179 4.40 21.88 16.83
CA ARG B 179 4.33 23.31 17.13
C ARG B 179 3.64 23.51 18.46
N VAL B 180 4.31 24.26 19.32
CA VAL B 180 3.83 24.54 20.68
C VAL B 180 3.29 25.98 20.67
N TRP B 181 1.98 26.12 20.47
CA TRP B 181 1.37 27.41 20.26
C TRP B 181 1.53 28.31 21.49
N GLU B 182 1.95 29.55 21.24
CA GLU B 182 2.07 30.55 22.29
C GLU B 182 0.71 30.94 22.84
N ARG B 183 0.71 31.38 24.08
CA ARG B 183 -0.47 31.89 24.75
C ARG B 183 -1.22 32.90 23.89
N GLU B 184 -0.48 33.81 23.26
CA GLU B 184 -1.09 34.86 22.43
C GLU B 184 -1.80 34.32 21.18
N VAL B 185 -1.28 33.22 20.63
CA VAL B 185 -1.90 32.58 19.49
C VAL B 185 -3.21 31.93 19.93
N LEU B 186 -3.16 31.23 21.06
CA LEU B 186 -4.35 30.57 21.62
C LEU B 186 -5.42 31.58 21.98
N GLU B 187 -5.00 32.73 22.51
CA GLU B 187 -5.99 33.74 22.87
C GLU B 187 -6.71 34.28 21.65
N GLN B 188 -6.00 34.47 20.55
CA GLN B 188 -6.63 34.93 19.31
C GLN B 188 -7.62 33.91 18.73
N ILE B 189 -7.24 32.63 18.78
CA ILE B 189 -8.15 31.56 18.38
C ILE B 189 -9.41 31.56 19.25
N GLY B 190 -9.23 31.62 20.56
CA GLY B 190 -10.36 31.65 21.49
C GLY B 190 -11.31 32.81 21.22
N HIS B 191 -10.74 33.99 20.94
CA HIS B 191 -11.58 35.18 20.71
C HIS B 191 -12.41 35.05 19.44
N LEU B 192 -11.83 34.46 18.39
CA LEU B 192 -12.58 34.16 17.19
C LEU B 192 -13.74 33.19 17.48
N CYS B 193 -13.48 32.21 18.33
CA CYS B 193 -14.54 31.23 18.65
C CYS B 193 -15.66 31.88 19.44
N GLN B 194 -15.30 32.82 20.32
CA GLN B 194 -16.33 33.56 21.06
C GLN B 194 -17.15 34.44 20.13
N LYS B 195 -16.47 35.18 19.25
CA LYS B 195 -17.15 36.07 18.31
C LYS B 195 -18.13 35.33 17.41
N HIS B 196 -17.72 34.15 16.94
CA HIS B 196 -18.46 33.44 15.91
C HIS B 196 -19.24 32.21 16.41
N HIS B 197 -19.28 32.05 17.73
CA HIS B 197 -20.06 31.03 18.41
C HIS B 197 -19.63 29.64 17.95
N VAL B 198 -18.33 29.41 18.08
CA VAL B 198 -17.69 28.13 17.71
C VAL B 198 -17.32 27.39 19.00
N ILE B 199 -17.59 26.09 19.05
CA ILE B 199 -17.14 25.22 20.14
C ILE B 199 -15.73 24.74 19.76
N LEU B 200 -14.84 24.67 20.73
CA LEU B 200 -13.47 24.27 20.45
C LEU B 200 -13.08 23.08 21.27
N VAL B 201 -12.50 22.09 20.60
CA VAL B 201 -11.93 20.92 21.25
C VAL B 201 -10.43 21.01 21.08
N SER B 202 -9.71 21.09 22.20
CA SER B 202 -8.26 21.18 22.21
C SER B 202 -7.65 19.81 22.50
N ASP B 203 -7.10 19.20 21.46
CA ASP B 203 -6.41 17.91 21.59
C ASP B 203 -4.99 18.15 22.10
N GLU B 204 -4.81 17.93 23.39
CA GLU B 204 -3.55 18.22 24.05
C GLU B 204 -2.87 16.92 24.47
N ILE B 205 -2.99 15.90 23.63
CA ILE B 205 -2.39 14.62 23.98
C ILE B 205 -0.84 14.69 24.10
N HIS B 206 -0.20 15.60 23.38
CA HIS B 206 1.26 15.73 23.42
C HIS B 206 1.72 16.81 24.44
N GLN B 207 0.83 17.20 25.34
CA GLN B 207 1.09 18.33 26.23
C GLN B 207 2.30 18.19 27.15
N ASP B 208 2.68 16.96 27.50
CA ASP B 208 3.79 16.75 28.41
C ASP B 208 5.12 16.65 27.68
N LEU B 209 5.10 16.75 26.36
CA LEU B 209 6.28 16.50 25.52
C LEU B 209 6.79 17.75 24.81
N THR B 210 6.67 18.89 25.47
CA THR B 210 7.22 20.13 24.91
C THR B 210 8.71 20.18 25.31
N LEU B 211 9.53 20.69 24.41
CA LEU B 211 10.98 20.50 24.50
C LEU B 211 11.70 21.83 24.29
N PHE B 212 13.01 21.84 24.55
CA PHE B 212 13.85 23.01 24.21
C PHE B 212 13.36 24.33 24.84
N GLY B 213 12.80 24.21 26.03
CA GLY B 213 12.30 25.37 26.76
C GLY B 213 10.90 25.84 26.40
N HIS B 214 10.28 25.20 25.41
CA HIS B 214 8.92 25.55 25.01
C HIS B 214 7.96 25.03 26.07
N GLU B 215 7.00 25.86 26.45
CA GLU B 215 6.04 25.50 27.50
C GLU B 215 4.64 25.34 26.93
N HIS B 216 4.01 24.22 27.29
CA HIS B 216 2.63 23.98 26.90
C HIS B 216 1.74 25.01 27.60
N VAL B 217 0.80 25.58 26.86
CA VAL B 217 -0.27 26.39 27.45
C VAL B 217 -1.61 25.70 27.20
N SER B 218 -2.19 25.16 28.26
CA SER B 218 -3.46 24.46 28.14
C SER B 218 -4.57 25.46 27.86
N PHE B 219 -5.50 25.08 27.00
CA PHE B 219 -6.33 26.07 26.33
C PHE B 219 -7.16 26.91 27.31
N ASN B 220 -7.75 26.24 28.29
CA ASN B 220 -8.67 26.96 29.20
C ASN B 220 -7.96 27.76 30.28
N THR B 221 -6.64 27.59 30.38
CA THR B 221 -5.82 28.45 31.23
C THR B 221 -5.55 29.82 30.60
N VAL B 222 -5.91 30.01 29.32
CA VAL B 222 -5.58 31.25 28.61
C VAL B 222 -6.52 32.37 29.03
N SER B 223 -7.77 32.02 29.32
CA SER B 223 -8.78 32.96 29.82
C SER B 223 -9.84 32.21 30.60
N PRO B 224 -10.33 32.80 31.73
CA PRO B 224 -11.34 32.08 32.52
C PRO B 224 -12.66 31.88 31.81
N ASP B 225 -12.89 32.60 30.71
CA ASP B 225 -14.11 32.55 29.87
CA ASP B 225 -14.17 32.38 30.03
C ASP B 225 -14.06 31.40 28.86
N PHE B 226 -12.87 30.90 28.57
CA PHE B 226 -12.74 29.94 27.47
C PHE B 226 -13.48 28.63 27.73
N LYS B 227 -13.63 28.27 29.01
CA LYS B 227 -14.36 27.05 29.37
C LYS B 227 -15.83 27.10 28.92
N ASP B 228 -16.35 28.30 28.64
CA ASP B 228 -17.72 28.43 28.16
C ASP B 228 -17.93 27.80 26.78
N PHE B 229 -16.85 27.65 26.00
CA PHE B 229 -16.96 27.06 24.65
C PHE B 229 -15.92 25.99 24.34
N ALA B 230 -14.96 25.78 25.23
CA ALA B 230 -13.80 24.89 24.92
C ALA B 230 -13.65 23.76 25.91
N LEU B 231 -13.22 22.61 25.41
CA LEU B 231 -12.89 21.48 26.27
C LEU B 231 -11.51 20.98 25.86
N VAL B 232 -10.86 20.30 26.80
CA VAL B 232 -9.48 19.84 26.63
C VAL B 232 -9.49 18.33 26.65
N LEU B 233 -8.83 17.73 25.67
CA LEU B 233 -8.59 16.29 25.65
C LEU B 233 -7.12 16.03 25.93
N SER B 234 -6.84 15.12 26.84
CA SER B 234 -5.47 14.63 26.99
C SER B 234 -5.47 13.22 27.53
N SER B 235 -4.28 12.77 27.88
CA SER B 235 -4.04 11.38 28.20
C SER B 235 -2.65 11.23 28.81
N ALA B 236 -2.47 10.14 29.52
CA ALA B 236 -1.15 9.68 29.91
C ALA B 236 -0.47 8.84 28.83
N THR B 237 -1.19 8.43 27.77
CA THR B 237 -0.63 7.38 26.88
C THR B 237 0.56 7.80 26.02
N LYS B 238 0.51 9.00 25.45
CA LYS B 238 1.63 9.48 24.63
C LYS B 238 2.82 9.80 25.50
N THR B 239 2.58 10.48 26.61
CA THR B 239 3.63 10.84 27.55
C THR B 239 4.41 9.63 28.03
N PHE B 240 3.71 8.55 28.36
CA PHE B 240 4.32 7.45 29.08
C PHE B 240 4.38 6.13 28.31
N ASN B 241 4.02 6.17 27.03
CA ASN B 241 4.18 5.02 26.13
C ASN B 241 3.28 3.85 26.54
N ILE B 242 2.03 4.16 26.88
CA ILE B 242 1.07 3.18 27.34
C ILE B 242 -0.23 3.17 26.49
N ALA B 243 -0.11 3.46 25.19
CA ALA B 243 -1.26 3.51 24.27
C ALA B 243 -2.14 2.27 24.30
N GLY B 244 -1.51 1.10 24.43
CA GLY B 244 -2.24 -0.16 24.49
C GLY B 244 -3.12 -0.37 25.70
N THR B 245 -2.98 0.47 26.73
CA THR B 245 -3.82 0.35 27.93
C THR B 245 -5.19 1.04 27.79
N LYS B 246 -5.33 1.93 26.79
CA LYS B 246 -6.63 2.50 26.40
C LYS B 246 -7.36 3.28 27.49
N ASN B 247 -6.82 4.42 27.86
CA ASN B 247 -7.56 5.38 28.65
C ASN B 247 -7.06 6.78 28.32
N SER B 248 -7.97 7.73 28.45
CA SER B 248 -7.72 9.14 28.19
C SER B 248 -8.82 9.91 28.87
N TYR B 249 -8.80 11.24 28.79
CA TYR B 249 -9.88 12.01 29.41
C TYR B 249 -10.20 13.30 28.67
N ALA B 250 -11.42 13.79 28.89
CA ALA B 250 -11.81 15.12 28.50
C ALA B 250 -12.00 15.87 29.79
N ILE B 251 -11.53 17.12 29.81
CA ILE B 251 -11.84 18.07 30.88
C ILE B 251 -12.87 19.04 30.32
N ILE B 252 -14.09 18.96 30.88
CA ILE B 252 -15.22 19.74 30.39
C ILE B 252 -15.87 20.48 31.56
N GLU B 253 -15.38 21.70 31.80
CA GLU B 253 -15.83 22.47 32.94
C GLU B 253 -17.25 23.04 32.76
N ASN B 254 -17.63 23.37 31.53
CA ASN B 254 -18.96 23.90 31.28
C ASN B 254 -20.02 22.82 31.45
N PRO B 255 -21.01 23.05 32.34
CA PRO B 255 -22.00 22.01 32.61
C PRO B 255 -22.75 21.51 31.38
N THR B 256 -23.14 22.42 30.49
CA THR B 256 -23.91 22.05 29.31
C THR B 256 -23.06 21.23 28.38
N LEU B 257 -21.85 21.70 28.08
CA LEU B 257 -20.97 20.93 27.20
C LEU B 257 -20.64 19.57 27.79
N CYS B 258 -20.45 19.51 29.10
CA CYS B 258 -20.09 18.26 29.74
C CYS B 258 -21.24 17.25 29.65
N ALA B 259 -22.45 17.72 29.95
CA ALA B 259 -23.64 16.87 29.81
C ALA B 259 -23.84 16.40 28.38
N GLN B 260 -23.65 17.29 27.40
CA GLN B 260 -23.81 16.97 25.99
C GLN B 260 -22.82 15.88 25.57
N PHE B 261 -21.58 16.05 25.98
CA PHE B 261 -20.53 15.07 25.64
C PHE B 261 -20.85 13.73 26.29
N LYS B 262 -21.14 13.74 27.59
CA LYS B 262 -21.43 12.48 28.31
C LYS B 262 -22.68 11.79 27.78
N HIS B 263 -23.67 12.58 27.40
CA HIS B 263 -24.87 12.01 26.82
C HIS B 263 -24.54 11.28 25.52
N GLN B 264 -23.82 11.94 24.62
CA GLN B 264 -23.46 11.30 23.35
C GLN B 264 -22.59 10.07 23.58
N GLN B 265 -21.70 10.15 24.54
CA GLN B 265 -20.85 9.01 24.88
C GLN B 265 -21.70 7.80 25.28
N LEU B 266 -22.74 8.06 26.06
CA LEU B 266 -23.66 7.00 26.48
C LEU B 266 -24.57 6.51 25.34
N VAL B 267 -25.05 7.42 24.49
CA VAL B 267 -25.81 7.05 23.30
C VAL B 267 -25.03 6.02 22.47
N ASN B 268 -23.71 6.25 22.37
CA ASN B 268 -22.80 5.39 21.61
C ASN B 268 -22.30 4.18 22.42
N ASN B 269 -22.75 4.04 23.67
CA ASN B 269 -22.25 3.00 24.56
C ASN B 269 -20.71 2.97 24.58
N HIS B 270 -20.12 4.17 24.65
CA HIS B 270 -18.68 4.35 24.63
C HIS B 270 -18.17 4.93 25.96
N HIS B 271 -18.91 4.63 27.02
CA HIS B 271 -18.68 5.20 28.34
C HIS B 271 -17.81 4.37 29.26
N GLU B 272 -17.50 3.13 28.90
CA GLU B 272 -16.71 2.29 29.81
C GLU B 272 -15.24 2.22 29.36
N VAL B 273 -14.37 1.99 30.34
CA VAL B 273 -12.95 1.87 30.12
C VAL B 273 -12.51 0.60 30.82
N SER B 274 -11.45 -0.02 30.32
CA SER B 274 -10.95 -1.26 30.92
C SER B 274 -10.28 -0.99 32.26
N SER B 275 -10.20 -2.02 33.08
CA SER B 275 -9.62 -1.87 34.41
C SER B 275 -8.15 -1.43 34.35
N LEU B 276 -7.39 -2.03 33.45
CA LEU B 276 -6.00 -1.65 33.32
C LEU B 276 -5.87 -0.23 32.75
N GLY B 277 -6.84 0.19 31.90
CA GLY B 277 -6.90 1.59 31.46
C GLY B 277 -6.87 2.53 32.64
N TYR B 278 -7.73 2.27 33.63
CA TYR B 278 -7.77 3.10 34.83
C TYR B 278 -6.47 3.04 35.62
N ILE B 279 -6.00 1.82 35.86
CA ILE B 279 -4.83 1.55 36.70
C ILE B 279 -3.57 2.20 36.13
N ALA B 280 -3.32 2.00 34.83
CA ALA B 280 -2.08 2.45 34.22
C ALA B 280 -1.98 3.98 34.22
N THR B 281 -3.09 4.67 33.96
CA THR B 281 -3.09 6.12 33.95
C THR B 281 -2.81 6.67 35.35
N GLU B 282 -3.50 6.14 36.36
CA GLU B 282 -3.27 6.61 37.74
C GLU B 282 -1.81 6.40 38.12
N THR B 283 -1.28 5.23 37.80
CA THR B 283 0.10 4.89 38.13
C THR B 283 1.08 5.80 37.43
N ALA B 284 0.87 6.04 36.16
CA ALA B 284 1.78 6.87 35.37
C ALA B 284 1.87 8.29 35.93
N TYR B 285 0.72 8.87 36.24
CA TYR B 285 0.71 10.22 36.76
C TYR B 285 1.28 10.30 38.17
N ARG B 286 1.08 9.27 38.99
CA ARG B 286 1.58 9.35 40.37
C ARG B 286 3.11 9.15 40.47
N TYR B 287 3.68 8.37 39.54
CA TYR B 287 5.11 7.99 39.64
C TYR B 287 5.98 8.43 38.47
N GLY B 288 5.38 9.02 37.45
CA GLY B 288 6.03 9.20 36.17
C GLY B 288 6.94 10.40 36.00
N LYS B 289 6.82 11.40 36.87
CA LYS B 289 7.52 12.66 36.60
C LYS B 289 9.02 12.49 36.41
N PRO B 290 9.71 11.75 37.30
CA PRO B 290 11.16 11.59 37.07
C PRO B 290 11.53 10.86 35.77
N TRP B 291 10.71 9.89 35.36
CA TRP B 291 10.93 9.19 34.10
C TRP B 291 10.78 10.17 32.93
N LEU B 292 9.74 11.01 33.02
CA LEU B 292 9.47 12.01 31.98
C LEU B 292 10.62 13.02 31.86
N VAL B 293 11.15 13.46 32.98
CA VAL B 293 12.30 14.37 32.96
C VAL B 293 13.48 13.71 32.21
N ALA B 294 13.76 12.45 32.51
CA ALA B 294 14.85 11.73 31.86
C ALA B 294 14.58 11.56 30.37
N LEU B 295 13.33 11.24 30.03
CA LEU B 295 12.93 11.04 28.63
C LEU B 295 13.20 12.29 27.83
N LYS B 296 12.79 13.43 28.35
CA LYS B 296 12.91 14.65 27.58
C LYS B 296 14.35 14.97 27.19
N ALA B 297 15.29 14.68 28.09
CA ALA B 297 16.72 14.89 27.77
C ALA B 297 17.18 13.99 26.61
N VAL B 298 16.70 12.75 26.58
CA VAL B 298 17.03 11.79 25.52
C VAL B 298 16.42 12.27 24.19
N LEU B 299 15.17 12.73 24.24
CA LEU B 299 14.48 13.19 23.03
C LEU B 299 15.18 14.40 22.44
N GLU B 300 15.57 15.35 23.30
CA GLU B 300 16.29 16.54 22.80
C GLU B 300 17.59 16.14 22.13
N GLU B 301 18.33 15.22 22.75
CA GLU B 301 19.57 14.73 22.17
C GLU B 301 19.34 14.07 20.81
N ASN B 302 18.30 13.26 20.70
CA ASN B 302 17.98 12.60 19.43
C ASN B 302 17.58 13.59 18.35
N ILE B 303 16.79 14.60 18.72
CA ILE B 303 16.35 15.60 17.75
C ILE B 303 17.54 16.42 17.26
N GLN B 304 18.36 16.86 18.21
CA GLN B 304 19.57 17.61 17.86
C GLN B 304 20.48 16.80 16.96
N PHE B 305 20.65 15.50 17.24
CA PHE B 305 21.43 14.64 16.39
C PHE B 305 20.87 14.60 14.96
N ALA B 306 19.56 14.38 14.84
CA ALA B 306 18.95 14.26 13.55
C ALA B 306 19.06 15.53 12.73
N VAL B 307 18.78 16.68 13.33
CA VAL B 307 18.88 17.96 12.63
C VAL B 307 20.31 18.19 12.10
N GLU B 308 21.30 17.97 12.93
CA GLU B 308 22.70 18.18 12.52
C GLU B 308 23.14 17.17 11.45
N TYR B 309 22.73 15.92 11.62
CA TYR B 309 23.12 14.89 10.68
C TYR B 309 22.53 15.18 9.30
N PHE B 310 21.23 15.45 9.27
CA PHE B 310 20.59 15.80 8.02
C PHE B 310 21.19 17.08 7.41
N ALA B 311 21.55 18.05 8.24
CA ALA B 311 22.17 19.29 7.73
C ALA B 311 23.46 19.00 6.97
N GLN B 312 24.22 18.00 7.41
CA GLN B 312 25.48 17.63 6.76
C GLN B 312 25.29 16.68 5.59
N GLU B 313 24.52 15.62 5.80
CA GLU B 313 24.37 14.55 4.82
C GLU B 313 23.30 14.79 3.77
N ALA B 314 22.34 15.66 4.06
CA ALA B 314 21.28 16.00 3.11
C ALA B 314 20.83 17.44 3.29
N PRO B 315 21.71 18.40 2.95
CA PRO B 315 21.37 19.80 3.11
C PRO B 315 20.12 20.23 2.36
N ARG B 316 19.78 19.53 1.27
CA ARG B 316 18.58 19.87 0.52
C ARG B 316 17.27 19.46 1.21
N LEU B 317 17.39 18.58 2.21
CA LEU B 317 16.25 18.11 3.00
C LEU B 317 15.89 19.18 4.02
N LYS B 318 14.64 19.62 3.99
CA LYS B 318 14.19 20.70 4.88
C LYS B 318 13.58 20.06 6.13
N VAL B 319 14.16 20.36 7.28
CA VAL B 319 13.79 19.70 8.53
C VAL B 319 13.13 20.73 9.43
N MET B 320 11.88 20.47 9.82
CA MET B 320 11.19 21.33 10.79
C MET B 320 11.56 20.83 12.17
N LYS B 321 12.24 21.66 12.96
CA LYS B 321 12.65 21.23 14.29
C LYS B 321 11.45 21.31 15.22
N PRO B 322 11.10 20.18 15.86
CA PRO B 322 9.96 20.22 16.75
C PRO B 322 10.19 21.13 17.95
N GLN B 323 9.13 21.85 18.35
CA GLN B 323 9.12 22.51 19.65
C GLN B 323 8.58 21.55 20.70
N GLY B 324 7.88 20.51 20.26
CA GLY B 324 7.41 19.48 21.14
C GLY B 324 6.99 18.28 20.32
N THR B 325 6.52 17.24 21.02
CA THR B 325 6.37 15.89 20.46
C THR B 325 7.73 15.29 20.13
N TYR B 326 7.73 13.98 19.90
CA TYR B 326 8.96 13.28 19.51
C TYR B 326 9.01 12.89 18.03
N LEU B 327 8.37 13.74 17.23
CA LEU B 327 8.11 13.47 15.82
C LEU B 327 8.62 14.63 14.99
N ILE B 328 9.41 14.32 13.96
CA ILE B 328 10.04 15.33 13.10
C ILE B 328 9.42 15.33 11.70
N TRP B 329 8.98 16.50 11.26
CA TRP B 329 8.34 16.69 9.97
C TRP B 329 9.41 17.06 8.92
N LEU B 330 9.61 16.15 7.95
CA LEU B 330 10.66 16.26 6.93
C LEU B 330 10.04 16.63 5.58
N ASP B 331 10.65 17.60 4.91
CA ASP B 331 10.15 18.11 3.64
C ASP B 331 11.15 17.80 2.54
N PHE B 332 10.75 16.92 1.62
CA PHE B 332 11.60 16.48 0.50
C PHE B 332 11.29 17.22 -0.81
N SER B 333 10.60 18.36 -0.72
CA SER B 333 10.08 19.00 -1.91
CA SER B 333 10.09 19.10 -1.87
C SER B 333 11.17 19.57 -2.82
N ASP B 334 12.40 19.71 -2.33
CA ASP B 334 13.48 20.18 -3.22
C ASP B 334 13.98 19.07 -4.14
N TYR B 335 13.58 17.84 -3.85
CA TYR B 335 14.04 16.68 -4.62
C TYR B 335 13.11 16.41 -5.82
N GLY B 336 13.69 15.90 -6.90
CA GLY B 336 12.92 15.55 -8.11
C GLY B 336 12.23 14.23 -7.91
N LEU B 337 11.20 14.25 -7.08
CA LEU B 337 10.44 13.08 -6.67
C LEU B 337 8.97 13.46 -6.67
N THR B 338 8.11 12.47 -6.93
CA THR B 338 6.70 12.59 -6.65
C THR B 338 6.47 12.02 -5.25
N ASP B 339 5.25 12.24 -4.77
CA ASP B 339 4.88 11.76 -3.45
C ASP B 339 5.00 10.23 -3.42
N ASP B 340 4.49 9.58 -4.47
CA ASP B 340 4.62 8.14 -4.60
C ASP B 340 6.06 7.66 -4.68
N ALA B 341 6.89 8.35 -5.47
CA ALA B 341 8.29 7.96 -5.62
C ALA B 341 9.08 8.13 -4.32
N LEU B 342 8.76 9.17 -3.56
CA LEU B 342 9.38 9.36 -2.24
C LEU B 342 9.07 8.18 -1.32
N PHE B 343 7.80 7.78 -1.28
CA PHE B 343 7.37 6.66 -0.43
C PHE B 343 8.11 5.38 -0.81
N THR B 344 8.13 5.07 -2.11
CA THR B 344 8.84 3.89 -2.60
C THR B 344 10.34 3.91 -2.29
N LEU B 345 10.96 5.07 -2.46
CA LEU B 345 12.37 5.24 -2.16
CA LEU B 345 12.37 5.26 -2.16
C LEU B 345 12.67 4.94 -0.69
N LEU B 346 11.92 5.56 0.21
CA LEU B 346 12.17 5.37 1.64
C LEU B 346 11.91 3.95 2.07
N HIS B 347 10.78 3.41 1.64
CA HIS B 347 10.35 2.10 2.10
C HIS B 347 11.13 0.97 1.46
N ASP B 348 11.30 1.03 0.15
CA ASP B 348 11.86 -0.11 -0.60
C ASP B 348 13.37 -0.06 -0.76
N GLN B 349 13.94 1.14 -0.87
CA GLN B 349 15.38 1.26 -1.04
C GLN B 349 16.09 1.53 0.28
N ALA B 350 15.63 2.55 1.00
CA ALA B 350 16.21 2.91 2.29
C ALA B 350 15.85 1.92 3.40
N LYS B 351 14.74 1.19 3.23
CA LYS B 351 14.28 0.21 4.21
C LYS B 351 13.91 0.86 5.55
N VAL B 352 13.26 2.02 5.48
CA VAL B 352 12.73 2.71 6.66
CA VAL B 352 12.73 2.70 6.66
C VAL B 352 11.25 3.01 6.47
N ILE B 353 10.47 2.87 7.54
CA ILE B 353 9.04 3.17 7.50
C ILE B 353 8.78 4.46 8.26
N LEU B 354 8.50 5.52 7.50
CA LEU B 354 8.08 6.82 8.02
C LEU B 354 6.63 7.06 7.62
N ASN B 355 5.91 7.87 8.40
CA ASN B 355 4.55 8.23 7.97
C ASN B 355 4.60 9.06 6.69
N ARG B 356 3.70 8.74 5.77
CA ARG B 356 3.57 9.53 4.55
CA ARG B 356 3.53 9.49 4.54
C ARG B 356 2.95 10.88 4.85
N GLY B 357 3.68 11.94 4.53
CA GLY B 357 3.18 13.30 4.74
C GLY B 357 1.82 13.62 4.14
N SER B 358 1.55 13.07 2.95
CA SER B 358 0.30 13.31 2.26
C SER B 358 -0.92 12.80 3.02
N ASP B 359 -0.72 11.84 3.93
CA ASP B 359 -1.80 11.39 4.82
C ASP B 359 -2.39 12.54 5.64
N TYR B 360 -1.55 13.55 5.94
CA TYR B 360 -1.92 14.68 6.85
C TYR B 360 -2.62 15.86 6.13
N GLY B 361 -2.76 15.76 4.81
CA GLY B 361 -3.32 16.86 4.02
C GLY B 361 -2.44 17.18 2.83
N SER B 362 -2.95 18.04 1.95
CA SER B 362 -2.22 18.42 0.74
C SER B 362 -0.91 19.15 1.05
N GLU B 363 -0.84 19.82 2.21
CA GLU B 363 0.38 20.49 2.62
C GLU B 363 1.51 19.51 2.93
N GLY B 364 1.16 18.23 3.14
CA GLY B 364 2.13 17.19 3.44
C GLY B 364 2.68 16.47 2.22
N GLU B 365 2.23 16.84 1.03
CA GLU B 365 2.83 16.30 -0.19
C GLU B 365 4.35 16.47 -0.12
N LEU B 366 5.06 15.41 -0.53
CA LEU B 366 6.52 15.32 -0.47
CA LEU B 366 6.53 15.35 -0.48
C LEU B 366 7.12 15.46 0.94
N HIS B 367 6.31 15.22 1.97
CA HIS B 367 6.83 15.18 3.32
C HIS B 367 6.80 13.74 3.88
N ALA B 368 7.49 13.55 4.98
CA ALA B 368 7.40 12.34 5.77
C ALA B 368 7.59 12.70 7.22
N ARG B 369 7.05 11.87 8.12
CA ARG B 369 7.18 12.12 9.56
C ARG B 369 8.01 11.03 10.21
N LEU B 370 9.05 11.46 10.95
CA LEU B 370 10.06 10.61 11.58
C LEU B 370 9.91 10.58 13.10
N ASN B 371 9.81 9.39 13.66
CA ASN B 371 9.70 9.16 15.10
C ASN B 371 11.07 8.90 15.74
N ILE B 372 11.53 9.81 16.58
CA ILE B 372 12.85 9.66 17.23
C ILE B 372 12.80 9.19 18.71
N ALA B 373 11.66 8.65 19.13
CA ALA B 373 11.55 8.05 20.46
C ALA B 373 12.00 6.60 20.45
N ALA B 374 13.31 6.45 20.29
CA ALA B 374 13.98 5.16 20.30
C ALA B 374 15.41 5.44 20.77
N PRO B 375 16.14 4.38 21.16
CA PRO B 375 17.53 4.62 21.56
C PRO B 375 18.32 5.33 20.48
N LYS B 376 19.28 6.12 20.90
CA LYS B 376 20.06 6.94 19.97
C LYS B 376 20.70 6.10 18.88
N SER B 377 21.19 4.91 19.23
CA SER B 377 21.82 4.07 18.23
C SER B 377 20.86 3.70 17.09
N LEU B 378 19.58 3.49 17.42
CA LEU B 378 18.58 3.18 16.42
C LEU B 378 18.27 4.43 15.59
N VAL B 379 18.14 5.56 16.26
CA VAL B 379 17.91 6.82 15.56
C VAL B 379 19.05 7.12 14.57
N GLU B 380 20.30 6.92 15.00
CA GLU B 380 21.45 7.10 14.11
C GLU B 380 21.32 6.25 12.82
N GLU B 381 20.91 5.00 12.99
CA GLU B 381 20.77 4.09 11.86
C GLU B 381 19.64 4.51 10.93
N ILE B 382 18.51 4.88 11.53
CA ILE B 382 17.37 5.36 10.76
C ILE B 382 17.75 6.60 9.94
N CYS B 383 18.44 7.56 10.55
CA CYS B 383 18.85 8.77 9.81
C CYS B 383 19.81 8.46 8.69
N LYS B 384 20.73 7.52 8.92
CA LYS B 384 21.68 7.11 7.90
C LYS B 384 20.94 6.50 6.70
N ARG B 385 19.92 5.70 6.99
CA ARG B 385 19.10 5.14 5.94
C ARG B 385 18.37 6.20 5.14
N ILE B 386 17.82 7.21 5.82
CA ILE B 386 17.03 8.24 5.16
C ILE B 386 17.86 9.01 4.13
N VAL B 387 19.15 9.24 4.42
CA VAL B 387 20.02 10.00 3.53
C VAL B 387 20.79 9.16 2.50
N CYS B 388 20.68 7.84 2.60
CA CYS B 388 21.53 6.96 1.80
CA CYS B 388 21.44 6.85 1.78
C CYS B 388 21.28 7.05 0.29
N CYS B 389 20.02 7.19 -0.08
CA CYS B 389 19.61 6.93 -1.45
CA CYS B 389 19.52 6.90 -1.41
C CYS B 389 18.81 8.11 -2.02
N LEU B 390 19.02 9.33 -1.49
CA LEU B 390 18.29 10.52 -2.00
C LEU B 390 18.91 11.01 -3.32
N PRO B 391 18.05 11.33 -4.32
CA PRO B 391 18.55 11.55 -5.67
C PRO B 391 19.16 12.92 -5.92
N LYS B 392 20.20 12.97 -6.75
CA LYS B 392 20.75 14.25 -7.21
C LYS B 392 19.77 15.06 -8.03
N LYS C 7 -16.24 -15.48 -34.47
CA LYS C 7 -14.82 -15.90 -34.71
C LYS C 7 -13.94 -15.68 -33.49
N TYR C 8 -14.26 -14.66 -32.68
CA TYR C 8 -13.37 -14.23 -31.59
C TYR C 8 -13.99 -14.42 -30.21
N ASN C 9 -13.17 -14.84 -29.26
CA ASN C 9 -13.61 -15.03 -27.89
C ASN C 9 -13.61 -13.70 -27.12
N PHE C 10 -14.81 -13.17 -26.85
CA PHE C 10 -14.99 -12.09 -25.87
C PHE C 10 -15.84 -12.54 -24.69
N GLN C 11 -16.05 -13.85 -24.57
CA GLN C 11 -17.02 -14.42 -23.63
C GLN C 11 -16.37 -15.01 -22.38
N THR C 12 -15.14 -15.52 -22.51
CA THR C 12 -14.42 -16.07 -21.37
C THR C 12 -13.03 -15.45 -21.31
N ALA C 13 -12.49 -15.34 -20.10
CA ALA C 13 -11.19 -14.71 -19.87
C ALA C 13 -10.14 -15.80 -19.70
N PRO C 14 -9.02 -15.69 -20.45
CA PRO C 14 -7.94 -16.62 -20.26
C PRO C 14 -7.37 -16.51 -18.84
N ASN C 15 -7.05 -17.65 -18.22
CA ASN C 15 -6.40 -17.65 -16.90
C ASN C 15 -4.99 -17.08 -17.00
N ARG C 16 -4.75 -15.95 -16.33
CA ARG C 16 -3.45 -15.27 -16.41
C ARG C 16 -2.63 -15.40 -15.14
N LEU C 17 -3.06 -16.24 -14.20
CA LEU C 17 -2.42 -16.29 -12.89
C LEU C 17 -0.95 -16.77 -12.90
N SER C 18 -0.56 -17.53 -13.93
CA SER C 18 0.80 -18.03 -14.00
C SER C 18 1.75 -17.17 -14.87
N HIS C 19 1.24 -16.06 -15.40
CA HIS C 19 1.93 -15.29 -16.45
C HIS C 19 2.70 -14.10 -15.91
N HIS C 20 2.76 -13.94 -14.58
CA HIS C 20 3.49 -12.82 -13.98
C HIS C 20 2.97 -11.47 -14.49
N THR C 21 1.66 -11.32 -14.49
CA THR C 21 1.04 -10.08 -14.90
C THR C 21 0.95 -9.13 -13.73
N TYR C 22 1.04 -7.84 -14.00
CA TYR C 22 0.69 -6.86 -12.99
C TYR C 22 -0.77 -6.99 -12.58
N LYS C 23 -1.64 -7.10 -13.58
CA LYS C 23 -3.09 -7.01 -13.32
C LYS C 23 -3.54 -8.03 -12.28
N TRP C 24 -3.09 -9.28 -12.40
CA TRP C 24 -3.57 -10.38 -11.53
C TRP C 24 -2.62 -10.72 -10.38
N LYS C 25 -1.59 -9.89 -10.19
CA LYS C 25 -0.55 -10.19 -9.19
C LYS C 25 -1.13 -10.41 -7.79
N GLU C 26 -2.01 -9.52 -7.35
CA GLU C 26 -2.57 -9.66 -6.01
C GLU C 26 -3.43 -10.91 -5.84
N THR C 27 -4.12 -11.29 -6.90
CA THR C 27 -5.05 -12.42 -6.88
C THR C 27 -4.32 -13.75 -6.72
N GLU C 28 -3.05 -13.76 -7.13
CA GLU C 28 -2.17 -14.91 -6.93
C GLU C 28 -1.95 -15.22 -5.45
N THR C 29 -2.03 -14.18 -4.61
CA THR C 29 -1.91 -14.34 -3.16
C THR C 29 -3.28 -14.42 -2.51
N ASP C 30 -4.15 -13.47 -2.84
CA ASP C 30 -5.53 -13.46 -2.31
C ASP C 30 -6.49 -13.81 -3.44
N PRO C 31 -6.90 -15.08 -3.52
CA PRO C 31 -7.73 -15.55 -4.62
C PRO C 31 -9.11 -14.89 -4.71
N GLN C 32 -9.54 -14.18 -3.67
CA GLN C 32 -10.83 -13.49 -3.70
C GLN C 32 -10.81 -12.21 -4.51
N LEU C 33 -9.64 -11.61 -4.68
CA LEU C 33 -9.55 -10.30 -5.32
C LEU C 33 -9.83 -10.37 -6.83
N LEU C 34 -10.65 -9.45 -7.34
CA LEU C 34 -10.91 -9.32 -8.77
C LEU C 34 -10.34 -8.00 -9.24
N PRO C 35 -9.35 -8.04 -10.15
CA PRO C 35 -8.72 -6.80 -10.61
C PRO C 35 -9.45 -6.13 -11.78
N ALA C 36 -9.55 -4.81 -11.73
CA ALA C 36 -10.16 -4.03 -12.79
C ALA C 36 -9.50 -2.67 -12.83
N TRP C 37 -8.17 -2.67 -12.79
CA TRP C 37 -7.41 -1.46 -12.62
C TRP C 37 -6.57 -1.13 -13.87
N ILE C 38 -5.32 -1.63 -13.90
CA ILE C 38 -4.39 -1.39 -15.00
C ILE C 38 -5.01 -1.70 -16.36
N ALA C 39 -4.74 -0.83 -17.35
CA ALA C 39 -5.29 -0.95 -18.67
C ALA C 39 -4.58 -1.99 -19.52
N ASP C 40 -4.82 -3.25 -19.19
CA ASP C 40 -4.81 -4.28 -20.24
C ASP C 40 -6.10 -5.07 -20.12
N MET C 41 -6.37 -5.89 -21.12
CA MET C 41 -7.68 -6.52 -21.22
C MET C 41 -7.63 -7.97 -20.83
N ASP C 42 -8.74 -8.47 -20.31
CA ASP C 42 -8.88 -9.89 -20.07
C ASP C 42 -9.62 -10.55 -21.25
N PHE C 43 -9.19 -10.18 -22.45
CA PHE C 43 -9.65 -10.83 -23.69
C PHE C 43 -8.46 -11.43 -24.39
N GLU C 44 -8.66 -12.62 -24.97
CA GLU C 44 -7.67 -13.18 -25.89
C GLU C 44 -7.32 -12.16 -26.97
N VAL C 45 -6.03 -12.08 -27.29
CA VAL C 45 -5.56 -11.26 -28.38
C VAL C 45 -6.00 -11.84 -29.73
N MET C 46 -6.15 -10.96 -30.72
CA MET C 46 -6.48 -11.38 -32.10
C MET C 46 -5.58 -12.52 -32.54
N PRO C 47 -6.15 -13.53 -33.21
CA PRO C 47 -5.40 -14.75 -33.46
C PRO C 47 -4.19 -14.59 -34.37
N GLU C 48 -4.19 -13.58 -35.22
CA GLU C 48 -3.07 -13.38 -36.15
C GLU C 48 -1.80 -12.97 -35.39
N VAL C 49 -1.97 -12.25 -34.28
CA VAL C 49 -0.81 -11.92 -33.43
C VAL C 49 -0.26 -13.17 -32.75
N LYS C 50 -1.12 -14.02 -32.22
CA LYS C 50 -0.71 -15.29 -31.64
C LYS C 50 0.10 -16.10 -32.66
N GLN C 51 -0.43 -16.18 -33.88
CA GLN C 51 0.26 -16.90 -34.94
C GLN C 51 1.60 -16.24 -35.28
N ALA C 52 1.65 -14.91 -35.28
CA ALA C 52 2.91 -14.20 -35.55
C ALA C 52 4.01 -14.54 -34.52
N ILE C 53 3.62 -14.77 -33.28
CA ILE C 53 4.58 -15.16 -32.24
C ILE C 53 5.11 -16.58 -32.50
N HIS C 54 4.21 -17.49 -32.86
CA HIS C 54 4.66 -18.82 -33.28
C HIS C 54 5.61 -18.71 -34.48
N ASP C 55 5.28 -17.87 -35.45
CA ASP C 55 6.11 -17.70 -36.65
C ASP C 55 7.48 -17.12 -36.25
N TYR C 56 7.49 -16.19 -35.29
CA TYR C 56 8.78 -15.69 -34.79
C TYR C 56 9.66 -16.80 -34.22
N ALA C 57 9.09 -17.65 -33.37
CA ALA C 57 9.79 -18.81 -32.84
C ALA C 57 10.40 -19.66 -33.99
N GLU C 58 9.66 -19.78 -35.08
CA GLU C 58 10.15 -20.58 -36.20
C GLU C 58 11.16 -19.86 -37.12
N GLN C 59 11.54 -18.64 -36.78
CA GLN C 59 12.73 -18.01 -37.40
C GLN C 59 14.03 -18.70 -36.95
N LEU C 60 13.99 -19.36 -35.80
CA LEU C 60 15.09 -20.19 -35.25
C LEU C 60 16.28 -19.42 -34.66
N VAL C 61 16.54 -18.22 -35.16
CA VAL C 61 17.61 -17.35 -34.69
C VAL C 61 16.96 -16.03 -34.27
N TYR C 62 17.27 -15.54 -33.06
CA TYR C 62 16.58 -14.39 -32.47
C TYR C 62 17.56 -13.22 -32.27
N GLY C 63 18.21 -12.84 -33.35
CA GLY C 63 19.24 -11.80 -33.31
C GLY C 63 18.70 -10.41 -33.54
N TYR C 64 19.61 -9.48 -33.81
CA TYR C 64 19.27 -8.08 -33.98
C TYR C 64 18.46 -7.81 -35.23
N THR C 65 17.34 -7.11 -35.08
CA THR C 65 16.48 -6.72 -36.20
C THR C 65 16.19 -5.22 -36.16
N TYR C 66 15.68 -4.70 -37.27
CA TYR C 66 15.33 -3.27 -37.38
C TYR C 66 13.90 -3.17 -37.92
N ALA C 67 13.38 -1.95 -37.88
CA ALA C 67 12.02 -1.67 -38.32
C ALA C 67 11.96 -1.71 -39.83
N SER C 68 11.21 -2.66 -40.36
CA SER C 68 11.12 -2.89 -41.80
C SER C 68 10.22 -1.89 -42.51
N ASP C 69 10.41 -1.79 -43.84
CA ASP C 69 9.51 -1.01 -44.66
C ASP C 69 8.07 -1.49 -44.54
N GLU C 70 7.89 -2.80 -44.35
CA GLU C 70 6.56 -3.39 -44.21
C GLU C 70 5.86 -2.88 -42.94
N LEU C 71 6.61 -2.83 -41.84
CA LEU C 71 6.09 -2.27 -40.61
C LEU C 71 5.79 -0.78 -40.78
N LEU C 72 6.71 -0.04 -41.40
CA LEU C 72 6.51 1.38 -41.60
C LEU C 72 5.26 1.61 -42.42
N GLN C 73 5.08 0.79 -43.46
CA GLN C 73 3.90 0.95 -44.31
C GLN C 73 2.61 0.63 -43.55
N ALA C 74 2.65 -0.38 -42.68
CA ALA C 74 1.48 -0.73 -41.87
C ALA C 74 1.03 0.43 -40.99
N VAL C 75 2.00 1.12 -40.40
CA VAL C 75 1.71 2.29 -39.58
C VAL C 75 1.16 3.44 -40.44
N LEU C 76 1.78 3.70 -41.58
CA LEU C 76 1.28 4.72 -42.51
C LEU C 76 -0.15 4.39 -42.92
N ASP C 77 -0.38 3.15 -43.32
CA ASP C 77 -1.72 2.74 -43.79
C ASP C 77 -2.77 2.82 -42.69
N TRP C 78 -2.41 2.45 -41.46
CA TRP C 78 -3.35 2.55 -40.34
C TRP C 78 -3.72 4.01 -40.07
N GLU C 79 -2.71 4.87 -40.02
CA GLU C 79 -2.94 6.25 -39.71
C GLU C 79 -3.79 6.92 -40.79
N LYS C 80 -3.56 6.57 -42.06
CA LYS C 80 -4.32 7.20 -43.14
C LYS C 80 -5.74 6.68 -43.13
N SER C 81 -5.91 5.37 -43.04
CA SER C 81 -7.24 4.77 -43.19
C SER C 81 -8.13 4.98 -41.96
N GLU C 82 -7.54 4.90 -40.78
CA GLU C 82 -8.29 5.01 -39.54
C GLU C 82 -8.43 6.43 -39.04
N HIS C 83 -7.45 7.28 -39.31
CA HIS C 83 -7.40 8.59 -38.71
C HIS C 83 -7.16 9.73 -39.69
N GLN C 84 -7.15 9.42 -40.99
CA GLN C 84 -7.03 10.46 -42.02
C GLN C 84 -5.77 11.32 -41.86
N TYR C 85 -4.65 10.68 -41.44
CA TYR C 85 -3.44 11.38 -41.10
C TYR C 85 -2.41 10.79 -42.02
N SER C 86 -2.01 11.61 -43.00
CA SER C 86 -1.05 11.23 -44.03
CA SER C 86 -1.05 11.21 -44.01
C SER C 86 0.28 11.91 -43.78
N PHE C 87 1.35 11.15 -43.85
CA PHE C 87 2.69 11.65 -43.59
C PHE C 87 3.67 10.68 -44.28
N ASP C 88 4.96 10.92 -44.11
CA ASP C 88 6.02 10.12 -44.74
C ASP C 88 6.57 9.06 -43.79
N LYS C 89 7.04 7.95 -44.36
CA LYS C 89 7.70 6.90 -43.55
C LYS C 89 8.77 7.46 -42.62
N GLU C 90 9.51 8.47 -43.09
CA GLU C 90 10.64 8.99 -42.30
C GLU C 90 10.19 9.81 -41.10
N ASP C 91 8.89 10.10 -41.02
CA ASP C 91 8.34 10.83 -39.89
C ASP C 91 8.04 9.91 -38.69
N ILE C 92 8.16 8.60 -38.91
CA ILE C 92 7.87 7.61 -37.88
C ILE C 92 9.14 7.33 -37.05
N VAL C 93 8.99 7.40 -35.73
CA VAL C 93 10.07 7.04 -34.81
C VAL C 93 9.54 5.99 -33.85
N PHE C 94 10.06 4.76 -33.94
CA PHE C 94 9.66 3.71 -33.01
C PHE C 94 10.36 3.88 -31.67
N VAL C 95 9.59 3.60 -30.63
CA VAL C 95 10.07 3.69 -29.23
C VAL C 95 9.43 2.53 -28.49
N GLU C 96 10.14 1.93 -27.55
CA GLU C 96 9.61 0.72 -26.90
C GLU C 96 8.27 0.96 -26.15
N GLY C 97 7.99 2.21 -25.80
CA GLY C 97 6.72 2.58 -25.16
C GLY C 97 6.41 4.06 -25.26
N VAL C 98 5.14 4.40 -25.06
CA VAL C 98 4.68 5.77 -25.03
C VAL C 98 5.21 6.54 -23.81
N VAL C 99 5.21 5.90 -22.64
CA VAL C 99 5.78 6.55 -21.46
C VAL C 99 7.28 6.85 -21.64
N PRO C 100 8.09 5.88 -22.12
CA PRO C 100 9.44 6.23 -22.59
C PRO C 100 9.49 7.48 -23.51
N ALA C 101 8.65 7.52 -24.53
CA ALA C 101 8.61 8.69 -25.44
C ALA C 101 8.32 10.02 -24.74
N ILE C 102 7.43 9.97 -23.73
CA ILE C 102 7.11 11.17 -22.95
C ILE C 102 8.36 11.71 -22.23
N SER C 103 9.16 10.85 -21.62
CA SER C 103 10.39 11.29 -20.95
CA SER C 103 10.37 11.32 -20.95
C SER C 103 11.41 11.82 -21.95
N ILE C 104 11.58 11.10 -23.07
CA ILE C 104 12.46 11.56 -24.12
C ILE C 104 12.05 12.95 -24.62
N ALA C 105 10.76 13.16 -24.85
CA ALA C 105 10.24 14.45 -25.27
C ALA C 105 10.50 15.56 -24.25
N ILE C 106 10.24 15.29 -22.98
CA ILE C 106 10.52 16.27 -21.92
C ILE C 106 11.99 16.67 -21.94
N GLN C 107 12.86 15.66 -22.02
CA GLN C 107 14.30 15.89 -22.01
C GLN C 107 14.76 16.59 -23.29
N ALA C 108 14.17 16.25 -24.45
CA ALA C 108 14.54 16.86 -25.73
C ALA C 108 14.10 18.31 -25.89
N PHE C 109 12.88 18.62 -25.46
CA PHE C 109 12.21 19.88 -25.82
C PHE C 109 12.20 20.95 -24.74
N THR C 110 12.66 20.61 -23.55
CA THR C 110 12.76 21.58 -22.45
C THR C 110 14.10 21.39 -21.75
N LYS C 111 14.46 22.37 -20.93
CA LYS C 111 15.60 22.24 -20.05
C LYS C 111 15.13 22.20 -18.62
N GLU C 112 16.00 21.69 -17.75
CA GLU C 112 15.66 21.62 -16.33
C GLU C 112 15.17 22.95 -15.83
N GLY C 113 14.12 22.91 -15.00
CA GLY C 113 13.54 24.12 -14.44
C GLY C 113 12.42 24.74 -15.26
N GLU C 114 12.35 24.44 -16.55
CA GLU C 114 11.28 24.96 -17.40
C GLU C 114 9.96 24.25 -17.12
N ALA C 115 8.88 24.93 -17.49
CA ALA C 115 7.53 24.52 -17.14
C ALA C 115 6.93 23.62 -18.21
N VAL C 116 6.32 22.53 -17.75
CA VAL C 116 5.57 21.60 -18.59
C VAL C 116 4.15 21.54 -18.03
N LEU C 117 3.19 21.72 -18.92
CA LEU C 117 1.78 21.76 -18.57
C LEU C 117 1.09 20.45 -18.92
N ILE C 118 0.19 20.04 -18.03
CA ILE C 118 -0.73 18.94 -18.26
C ILE C 118 -2.15 19.40 -17.89
N ASN C 119 -3.17 18.71 -18.39
CA ASN C 119 -4.55 18.93 -17.92
C ASN C 119 -4.85 17.89 -16.85
N SER C 120 -4.98 18.32 -15.60
CA SER C 120 -5.26 17.39 -14.50
C SER C 120 -6.78 17.22 -14.26
N PRO C 121 -7.23 16.04 -13.78
CA PRO C 121 -6.42 14.89 -13.44
C PRO C 121 -6.09 14.11 -14.71
N VAL C 122 -4.94 13.46 -14.71
CA VAL C 122 -4.50 12.72 -15.89
C VAL C 122 -3.55 11.59 -15.49
N TYR C 123 -3.45 10.62 -16.40
CA TYR C 123 -2.56 9.47 -16.31
C TYR C 123 -1.29 9.80 -15.52
N PRO C 124 -1.06 9.09 -14.39
CA PRO C 124 -0.02 9.54 -13.45
C PRO C 124 1.42 9.69 -13.98
N PRO C 125 1.86 8.82 -14.92
CA PRO C 125 3.19 9.06 -15.49
C PRO C 125 3.42 10.42 -16.14
N PHE C 126 2.36 11.15 -16.49
CA PHE C 126 2.52 12.53 -16.97
C PHE C 126 3.19 13.37 -15.87
N ALA C 127 2.55 13.48 -14.71
CA ALA C 127 3.12 14.30 -13.64
C ALA C 127 4.44 13.71 -13.14
N ARG C 128 4.53 12.39 -13.09
CA ARG C 128 5.76 11.74 -12.63
C ARG C 128 6.93 12.08 -13.54
N SER C 129 6.73 12.01 -14.84
CA SER C 129 7.83 12.23 -15.79
C SER C 129 8.32 13.66 -15.70
N VAL C 130 7.41 14.59 -15.52
CA VAL C 130 7.80 15.98 -15.39
C VAL C 130 8.63 16.17 -14.12
N ARG C 131 8.11 15.68 -12.99
CA ARG C 131 8.74 15.88 -11.68
CA ARG C 131 8.77 15.93 -11.70
C ARG C 131 10.11 15.22 -11.59
N LEU C 132 10.19 13.97 -12.03
CA LEU C 132 11.46 13.22 -11.92
C LEU C 132 12.53 13.83 -12.83
N ASN C 133 12.10 14.52 -13.87
CA ASN C 133 13.03 15.23 -14.77
C ASN C 133 13.35 16.66 -14.33
N ASN C 134 12.93 17.04 -13.13
CA ASN C 134 13.24 18.39 -12.64
C ASN C 134 12.77 19.51 -13.57
N ARG C 135 11.61 19.31 -14.17
CA ARG C 135 10.90 20.41 -14.82
C ARG C 135 9.79 20.82 -13.85
N LYS C 136 9.34 22.04 -14.00
CA LYS C 136 8.26 22.58 -13.19
C LYS C 136 6.92 22.11 -13.76
N LEU C 137 6.11 21.49 -12.92
CA LEU C 137 4.82 20.97 -13.34
C LEU C 137 3.75 22.03 -13.18
N VAL C 138 3.04 22.29 -14.27
CA VAL C 138 1.89 23.17 -14.27
C VAL C 138 0.67 22.31 -14.54
N SER C 139 -0.19 22.18 -13.53
CA SER C 139 -1.39 21.38 -13.65
C SER C 139 -2.56 22.32 -13.95
N ASN C 140 -3.01 22.31 -15.20
CA ASN C 140 -4.21 23.01 -15.62
C ASN C 140 -5.41 22.14 -15.28
N SER C 141 -6.17 22.55 -14.28
CA SER C 141 -7.27 21.75 -13.79
C SER C 141 -8.46 21.75 -14.77
N LEU C 142 -8.91 20.56 -15.15
CA LEU C 142 -10.09 20.42 -16.01
C LEU C 142 -11.34 20.78 -15.23
N LYS C 143 -12.28 21.43 -15.92
CA LYS C 143 -13.63 21.65 -15.39
C LYS C 143 -14.42 20.37 -15.58
N GLU C 144 -15.48 20.20 -14.79
CA GLU C 144 -16.44 19.14 -15.03
CA GLU C 144 -16.43 19.14 -15.06
C GLU C 144 -17.80 19.77 -15.17
N GLU C 145 -18.42 19.59 -16.32
CA GLU C 145 -19.69 20.22 -16.66
C GLU C 145 -20.61 19.19 -17.30
N ASN C 146 -21.78 19.02 -16.71
CA ASN C 146 -22.77 18.08 -17.27
C ASN C 146 -22.16 16.70 -17.53
N GLY C 147 -21.34 16.21 -16.60
CA GLY C 147 -20.78 14.85 -16.66
C GLY C 147 -19.58 14.68 -17.58
N LEU C 148 -19.03 15.78 -18.06
CA LEU C 148 -17.87 15.72 -18.95
C LEU C 148 -16.76 16.64 -18.50
N PHE C 149 -15.52 16.20 -18.72
CA PHE C 149 -14.40 17.09 -18.58
C PHE C 149 -14.42 18.15 -19.69
N GLN C 150 -14.05 19.37 -19.35
CA GLN C 150 -13.91 20.46 -20.32
C GLN C 150 -12.73 21.36 -19.93
N ILE C 151 -12.09 21.94 -20.94
CA ILE C 151 -10.99 22.86 -20.71
C ILE C 151 -11.46 24.28 -20.44
N ASP C 152 -10.90 24.88 -19.40
CA ASP C 152 -11.11 26.29 -19.10
C ASP C 152 -10.02 27.03 -19.86
N PHE C 153 -10.37 27.55 -21.03
CA PHE C 153 -9.39 28.19 -21.90
C PHE C 153 -8.82 29.49 -21.34
N GLU C 154 -9.61 30.19 -20.53
CA GLU C 154 -9.10 31.38 -19.85
CA GLU C 154 -9.12 31.37 -19.84
C GLU C 154 -8.00 30.98 -18.86
N GLN C 155 -8.25 29.98 -18.03
CA GLN C 155 -7.25 29.56 -17.06
C GLN C 155 -6.08 28.86 -17.74
N LEU C 156 -6.35 28.13 -18.82
CA LEU C 156 -5.28 27.46 -19.58
C LEU C 156 -4.29 28.50 -20.10
N GLU C 157 -4.79 29.55 -20.72
CA GLU C 157 -3.94 30.65 -21.19
C GLU C 157 -3.19 31.32 -20.03
N ASN C 158 -3.87 31.59 -18.93
CA ASN C 158 -3.20 32.11 -17.75
C ASN C 158 -2.06 31.20 -17.28
N ASP C 159 -2.34 29.90 -17.19
CA ASP C 159 -1.34 28.92 -16.75
C ASP C 159 -0.10 28.93 -17.67
N ILE C 160 -0.34 29.01 -18.97
CA ILE C 160 0.75 29.06 -19.95
C ILE C 160 1.58 30.32 -19.78
N VAL C 161 0.90 31.48 -19.76
CA VAL C 161 1.58 32.77 -19.68
C VAL C 161 2.29 32.98 -18.34
N GLU C 162 1.61 32.70 -17.23
CA GLU C 162 2.17 32.96 -15.90
C GLU C 162 3.38 32.10 -15.55
N ASN C 163 3.48 30.93 -16.18
CA ASN C 163 4.55 29.99 -15.89
C ASN C 163 5.56 29.82 -17.02
N ASP C 164 5.37 30.57 -18.11
CA ASP C 164 6.21 30.49 -19.30
C ASP C 164 6.31 29.02 -19.73
N VAL C 165 5.15 28.40 -19.90
CA VAL C 165 5.10 27.00 -20.30
C VAL C 165 5.80 26.79 -21.64
N LYS C 166 6.65 25.77 -21.71
CA LYS C 166 7.43 25.44 -22.90
C LYS C 166 6.88 24.22 -23.63
N LEU C 167 6.22 23.34 -22.88
CA LEU C 167 5.76 22.06 -23.39
C LEU C 167 4.40 21.73 -22.81
N TYR C 168 3.50 21.26 -23.65
CA TYR C 168 2.17 20.84 -23.23
C TYR C 168 2.05 19.34 -23.51
N LEU C 169 1.85 18.54 -22.47
CA LEU C 169 1.54 17.12 -22.65
C LEU C 169 0.03 16.98 -22.68
N LEU C 170 -0.50 16.70 -23.87
CA LEU C 170 -1.93 16.51 -24.08
C LEU C 170 -2.29 15.04 -24.11
N CYS C 171 -3.42 14.67 -23.50
CA CYS C 171 -3.90 13.31 -23.55
C CYS C 171 -5.19 13.32 -24.39
N ASN C 172 -5.17 12.62 -25.52
CA ASN C 172 -6.25 12.67 -26.52
CA ASN C 172 -6.32 12.59 -26.42
C ASN C 172 -6.49 11.29 -27.17
N PRO C 173 -7.52 10.50 -26.77
CA PRO C 173 -8.53 10.70 -25.70
C PRO C 173 -7.92 10.86 -24.31
N HIS C 174 -8.60 11.62 -23.45
CA HIS C 174 -8.10 11.92 -22.12
C HIS C 174 -8.38 10.77 -21.17
N ASN C 175 -7.32 10.29 -20.50
CA ASN C 175 -7.35 9.25 -19.47
C ASN C 175 -6.93 9.89 -18.15
N PRO C 176 -7.81 9.90 -17.12
CA PRO C 176 -9.08 9.22 -17.02
C PRO C 176 -10.25 10.06 -17.50
N GLY C 177 -11.44 9.48 -17.45
CA GLY C 177 -12.66 10.12 -17.94
C GLY C 177 -13.02 9.67 -19.34
N GLY C 178 -12.03 9.48 -20.20
CA GLY C 178 -12.31 8.98 -21.55
C GLY C 178 -12.91 10.05 -22.45
N ARG C 179 -12.38 11.25 -22.34
CA ARG C 179 -12.88 12.42 -23.08
C ARG C 179 -12.25 12.45 -24.47
N VAL C 180 -13.11 12.49 -25.48
CA VAL C 180 -12.68 12.52 -26.87
C VAL C 180 -12.85 13.96 -27.37
N TRP C 181 -11.78 14.73 -27.31
CA TRP C 181 -11.81 16.16 -27.58
C TRP C 181 -12.28 16.46 -29.01
N GLU C 182 -13.19 17.40 -29.15
CA GLU C 182 -13.67 17.81 -30.46
C GLU C 182 -12.60 18.58 -31.22
N ARG C 183 -12.67 18.49 -32.54
CA ARG C 183 -11.79 19.26 -33.41
C ARG C 183 -11.63 20.72 -32.99
N GLU C 184 -12.76 21.34 -32.67
CA GLU C 184 -12.79 22.74 -32.28
C GLU C 184 -12.02 23.03 -30.99
N VAL C 185 -12.06 22.07 -30.06
CA VAL C 185 -11.31 22.17 -28.80
C VAL C 185 -9.82 22.09 -29.09
N LEU C 186 -9.44 21.09 -29.88
CA LEU C 186 -8.03 20.94 -30.29
C LEU C 186 -7.52 22.16 -31.06
N GLU C 187 -8.33 22.68 -31.98
CA GLU C 187 -7.96 23.88 -32.71
C GLU C 187 -7.66 25.04 -31.76
N GLN C 188 -8.48 25.20 -30.72
CA GLN C 188 -8.27 26.27 -29.74
C GLN C 188 -6.99 26.06 -28.92
N ILE C 189 -6.74 24.83 -28.53
CA ILE C 189 -5.49 24.47 -27.87
C ILE C 189 -4.30 24.81 -28.77
N GLY C 190 -4.34 24.35 -30.01
CA GLY C 190 -3.27 24.60 -30.95
C GLY C 190 -3.00 26.08 -31.16
N HIS C 191 -4.06 26.89 -31.30
CA HIS C 191 -3.84 28.32 -31.46
C HIS C 191 -3.15 28.96 -30.26
N LEU C 192 -3.48 28.50 -29.05
CA LEU C 192 -2.80 28.95 -27.83
C LEU C 192 -1.31 28.60 -27.87
N CYS C 193 -1.00 27.39 -28.32
CA CYS C 193 0.38 26.97 -28.47
C CYS C 193 1.13 27.80 -29.52
N GLN C 194 0.46 28.16 -30.61
CA GLN C 194 1.07 29.03 -31.62
C GLN C 194 1.35 30.40 -31.02
N LYS C 195 0.33 30.96 -30.38
CA LYS C 195 0.41 32.29 -29.78
C LYS C 195 1.53 32.40 -28.74
N HIS C 196 1.73 31.36 -27.93
CA HIS C 196 2.67 31.42 -26.82
C HIS C 196 3.92 30.55 -27.01
N HIS C 197 4.11 30.03 -28.22
CA HIS C 197 5.36 29.35 -28.58
C HIS C 197 5.59 28.14 -27.68
N VAL C 198 4.58 27.29 -27.60
CA VAL C 198 4.60 26.10 -26.77
C VAL C 198 4.68 24.91 -27.70
N ILE C 199 5.54 23.95 -27.37
CA ILE C 199 5.58 22.66 -28.06
C ILE C 199 4.54 21.73 -27.45
N LEU C 200 3.86 20.95 -28.29
CA LEU C 200 2.82 20.05 -27.81
C LEU C 200 3.08 18.60 -28.17
N VAL C 201 2.92 17.72 -27.18
CA VAL C 201 3.01 16.29 -27.40
C VAL C 201 1.61 15.72 -27.17
N SER C 202 1.02 15.14 -28.21
CA SER C 202 -0.31 14.56 -28.11
C SER C 202 -0.22 13.04 -27.93
N ASP C 203 -0.52 12.58 -26.72
CA ASP C 203 -0.55 11.17 -26.38
C ASP C 203 -1.89 10.57 -26.80
N GLU C 204 -1.87 9.91 -27.95
CA GLU C 204 -3.05 9.37 -28.60
C GLU C 204 -3.07 7.86 -28.53
N ILE C 205 -2.55 7.30 -27.43
CA ILE C 205 -2.50 5.86 -27.33
C ILE C 205 -3.92 5.22 -27.33
N HIS C 206 -4.94 5.96 -26.89
CA HIS C 206 -6.30 5.43 -26.87
C HIS C 206 -7.11 5.76 -28.12
N GLN C 207 -6.44 6.20 -29.18
CA GLN C 207 -7.12 6.77 -30.36
C GLN C 207 -8.09 5.84 -31.10
N ASP C 208 -7.84 4.54 -31.02
CA ASP C 208 -8.66 3.53 -31.74
C ASP C 208 -9.85 3.06 -30.92
N LEU C 209 -10.01 3.60 -29.72
CA LEU C 209 -10.98 3.11 -28.78
C LEU C 209 -12.02 4.18 -28.44
N THR C 210 -12.39 5.01 -29.42
CA THR C 210 -13.44 6.02 -29.24
C THR C 210 -14.77 5.34 -29.62
N LEU C 211 -15.82 5.69 -28.87
CA LEU C 211 -17.02 4.87 -28.77
C LEU C 211 -18.27 5.72 -28.90
N PHE C 212 -19.40 5.04 -29.04
CA PHE C 212 -20.72 5.68 -29.08
C PHE C 212 -20.81 6.79 -30.12
N GLY C 213 -20.13 6.60 -31.25
CA GLY C 213 -20.10 7.57 -32.34
C GLY C 213 -19.11 8.72 -32.20
N HIS C 214 -18.36 8.76 -31.12
CA HIS C 214 -17.37 9.81 -30.94
C HIS C 214 -16.16 9.44 -31.80
N GLU C 215 -15.67 10.41 -32.55
CA GLU C 215 -14.58 10.21 -33.50
C GLU C 215 -13.30 10.85 -32.99
N HIS C 216 -12.22 10.08 -32.98
CA HIS C 216 -10.92 10.61 -32.64
C HIS C 216 -10.46 11.62 -33.67
N VAL C 217 -9.93 12.75 -33.23
CA VAL C 217 -9.33 13.72 -34.14
C VAL C 217 -7.86 13.79 -33.78
N SER C 218 -7.01 13.26 -34.66
CA SER C 218 -5.57 13.31 -34.41
C SER C 218 -5.05 14.74 -34.54
N PHE C 219 -4.14 15.12 -33.66
CA PHE C 219 -3.86 16.52 -33.40
C PHE C 219 -3.41 17.33 -34.63
N ASN C 220 -2.48 16.75 -35.37
CA ASN C 220 -1.92 17.42 -36.53
C ASN C 220 -2.84 17.46 -37.74
N THR C 221 -3.91 16.65 -37.71
CA THR C 221 -4.97 16.71 -38.75
C THR C 221 -5.87 17.92 -38.57
N VAL C 222 -5.84 18.56 -37.41
CA VAL C 222 -6.71 19.71 -37.15
C VAL C 222 -6.36 20.90 -38.07
N SER C 223 -5.07 21.12 -38.29
CA SER C 223 -4.61 22.21 -39.14
C SER C 223 -3.22 21.85 -39.60
N PRO C 224 -2.91 22.10 -40.89
CA PRO C 224 -1.62 21.66 -41.45
C PRO C 224 -0.37 22.39 -40.91
N ASP C 225 -0.55 23.45 -40.13
CA ASP C 225 0.58 24.12 -39.48
C ASP C 225 0.85 23.62 -38.05
N PHE C 226 0.00 22.74 -37.53
CA PHE C 226 0.16 22.26 -36.17
C PHE C 226 1.42 21.41 -36.03
N LYS C 227 1.81 20.76 -37.12
CA LYS C 227 3.05 19.95 -37.11
C LYS C 227 4.30 20.80 -36.83
N ASP C 228 4.19 22.11 -37.02
CA ASP C 228 5.31 22.99 -36.70
C ASP C 228 5.69 23.02 -35.20
N PHE C 229 4.75 22.68 -34.31
CA PHE C 229 5.00 22.69 -32.87
C PHE C 229 4.53 21.42 -32.15
N ALA C 230 3.88 20.52 -32.87
CA ALA C 230 3.25 19.36 -32.23
C ALA C 230 3.63 18.03 -32.86
N LEU C 231 3.68 17.02 -32.03
CA LEU C 231 3.92 15.66 -32.47
C LEU C 231 2.90 14.75 -31.81
N VAL C 232 2.71 13.59 -32.41
CA VAL C 232 1.75 12.60 -31.96
C VAL C 232 2.46 11.32 -31.50
N LEU C 233 2.05 10.80 -30.35
CA LEU C 233 2.47 9.50 -29.86
C LEU C 233 1.28 8.56 -29.95
N SER C 234 1.47 7.37 -30.50
CA SER C 234 0.47 6.33 -30.38
C SER C 234 1.12 4.96 -30.42
N SER C 235 0.29 3.94 -30.53
CA SER C 235 0.73 2.58 -30.43
C SER C 235 -0.39 1.66 -30.83
N ALA C 236 -0.04 0.42 -31.12
CA ALA C 236 -1.01 -0.67 -31.24
C ALA C 236 -1.32 -1.31 -29.89
N THR C 237 -0.57 -1.00 -28.82
CA THR C 237 -0.64 -1.86 -27.64
C THR C 237 -1.96 -1.78 -26.87
N LYS C 238 -2.53 -0.59 -26.71
N LYS C 238 -2.51 -0.58 -26.71
CA LYS C 238 -3.79 -0.46 -25.96
CA LYS C 238 -3.81 -0.41 -26.02
C LYS C 238 -4.97 -0.94 -26.80
C LYS C 238 -4.91 -1.05 -26.83
N THR C 239 -4.93 -0.67 -28.11
CA THR C 239 -5.95 -1.16 -29.04
C THR C 239 -6.05 -2.66 -29.07
N PHE C 240 -4.90 -3.35 -29.07
CA PHE C 240 -4.88 -4.78 -29.35
C PHE C 240 -4.42 -5.67 -28.20
N ASN C 241 -4.21 -5.06 -27.04
CA ASN C 241 -3.92 -5.78 -25.82
C ASN C 241 -2.58 -6.50 -25.88
N ILE C 242 -1.58 -5.78 -26.40
CA ILE C 242 -0.25 -6.35 -26.63
C ILE C 242 0.85 -5.51 -25.93
N ALA C 243 0.52 -4.95 -24.76
CA ALA C 243 1.47 -4.10 -24.03
C ALA C 243 2.80 -4.79 -23.71
N GLY C 244 2.75 -6.09 -23.47
CA GLY C 244 3.96 -6.88 -23.17
C GLY C 244 4.93 -7.03 -24.33
N THR C 245 4.53 -6.66 -25.54
CA THR C 245 5.41 -6.73 -26.72
C THR C 245 6.28 -5.51 -26.91
N LYS C 246 5.95 -4.40 -26.26
CA LYS C 246 6.82 -3.24 -26.17
C LYS C 246 7.23 -2.60 -27.48
N ASN C 247 6.26 -1.95 -28.13
CA ASN C 247 6.57 -1.06 -29.22
C ASN C 247 5.47 -0.01 -29.31
N SER C 248 5.84 1.13 -29.86
CA SER C 248 5.00 2.30 -29.97
C SER C 248 5.72 3.25 -30.92
N TYR C 249 5.11 4.37 -31.25
CA TYR C 249 5.76 5.31 -32.15
C TYR C 249 5.39 6.76 -31.88
N ALA C 250 6.27 7.63 -32.35
CA ALA C 250 6.03 9.03 -32.44
C ALA C 250 5.96 9.35 -33.93
N ILE C 251 4.98 10.17 -34.30
CA ILE C 251 4.94 10.77 -35.64
C ILE C 251 5.38 12.21 -35.49
N ILE C 252 6.52 12.53 -36.11
CA ILE C 252 7.15 13.83 -35.93
C ILE C 252 7.48 14.41 -37.30
N GLU C 253 6.52 15.10 -37.89
CA GLU C 253 6.71 15.64 -39.24
C GLU C 253 7.69 16.80 -39.32
N ASN C 254 7.76 17.62 -38.28
CA ASN C 254 8.68 18.75 -38.29
C ASN C 254 10.12 18.26 -38.23
N PRO C 255 10.95 18.65 -39.21
CA PRO C 255 12.34 18.14 -39.19
C PRO C 255 13.16 18.45 -37.93
N THR C 256 12.99 19.63 -37.38
CA THR C 256 13.71 20.05 -36.21
C THR C 256 13.25 19.23 -35.01
N LEU C 257 11.95 19.18 -34.77
CA LEU C 257 11.45 18.39 -33.63
C LEU C 257 11.84 16.92 -33.76
N CYS C 258 11.82 16.41 -34.98
CA CYS C 258 12.13 15.00 -35.19
C CYS C 258 13.59 14.72 -34.88
N ALA C 259 14.49 15.56 -35.38
CA ALA C 259 15.91 15.42 -35.05
C ALA C 259 16.18 15.54 -33.55
N GLN C 260 15.52 16.52 -32.91
CA GLN C 260 15.68 16.72 -31.48
CA GLN C 260 15.63 16.73 -31.47
C GLN C 260 15.26 15.49 -30.67
N PHE C 261 14.10 14.93 -31.01
CA PHE C 261 13.58 13.74 -30.32
C PHE C 261 14.53 12.56 -30.53
N LYS C 262 14.87 12.29 -31.80
CA LYS C 262 15.76 11.19 -32.13
C LYS C 262 17.14 11.33 -31.49
N HIS C 263 17.64 12.57 -31.41
CA HIS C 263 18.94 12.81 -30.78
C HIS C 263 18.88 12.44 -29.31
N GLN C 264 17.86 12.92 -28.60
CA GLN C 264 17.71 12.60 -27.17
C GLN C 264 17.51 11.11 -26.98
N GLN C 265 16.74 10.49 -27.87
CA GLN C 265 16.53 9.04 -27.81
C GLN C 265 17.86 8.29 -27.89
N LEU C 266 18.75 8.74 -28.77
CA LEU C 266 20.07 8.11 -28.90
C LEU C 266 21.01 8.45 -27.73
N VAL C 267 20.97 9.69 -27.25
CA VAL C 267 21.72 10.06 -26.05
C VAL C 267 21.41 9.07 -24.90
N ASN C 268 20.13 8.71 -24.81
CA ASN C 268 19.63 7.82 -23.80
C ASN C 268 19.77 6.33 -24.14
N ASN C 269 20.35 6.02 -25.30
CA ASN C 269 20.40 4.64 -25.80
C ASN C 269 19.04 3.94 -25.69
N HIS C 270 17.99 4.67 -26.08
CA HIS C 270 16.60 4.22 -25.99
C HIS C 270 16.00 4.06 -27.39
N HIS C 271 16.87 3.77 -28.36
CA HIS C 271 16.53 3.77 -29.78
C HIS C 271 16.18 2.41 -30.36
N GLU C 272 16.38 1.33 -29.61
CA GLU C 272 16.11 0.01 -30.14
C GLU C 272 14.82 -0.60 -29.56
N VAL C 273 14.25 -1.49 -30.35
CA VAL C 273 12.98 -2.17 -30.03
C VAL C 273 13.20 -3.64 -30.30
N SER C 274 12.53 -4.49 -29.54
CA SER C 274 12.66 -5.92 -29.71
C SER C 274 12.00 -6.43 -31.00
N SER C 275 12.44 -7.59 -31.47
CA SER C 275 11.89 -8.18 -32.68
C SER C 275 10.40 -8.41 -32.61
N LEU C 276 9.92 -8.93 -31.48
CA LEU C 276 8.48 -9.15 -31.37
C LEU C 276 7.71 -7.82 -31.26
N GLY C 277 8.34 -6.80 -30.69
CA GLY C 277 7.77 -5.46 -30.72
C GLY C 277 7.43 -5.05 -32.14
N TYR C 278 8.37 -5.21 -33.07
CA TYR C 278 8.13 -4.85 -34.45
C TYR C 278 7.06 -5.76 -35.06
N ILE C 279 7.17 -7.06 -34.83
CA ILE C 279 6.28 -8.06 -35.46
C ILE C 279 4.83 -7.89 -35.01
N ALA C 280 4.63 -7.72 -33.71
CA ALA C 280 3.26 -7.65 -33.16
C ALA C 280 2.50 -6.41 -33.65
N THR C 281 3.19 -5.26 -33.70
CA THR C 281 2.57 -4.03 -34.16
C THR C 281 2.18 -4.14 -35.63
N GLU C 282 3.10 -4.62 -36.45
CA GLU C 282 2.80 -4.74 -37.88
C GLU C 282 1.59 -5.66 -38.07
N THR C 283 1.59 -6.80 -37.39
CA THR C 283 0.54 -7.80 -37.51
C THR C 283 -0.81 -7.21 -37.08
N ALA C 284 -0.81 -6.52 -35.94
CA ALA C 284 -2.05 -5.96 -35.42
C ALA C 284 -2.66 -4.94 -36.39
N TYR C 285 -1.82 -4.07 -36.90
CA TYR C 285 -2.29 -3.02 -37.81
C TYR C 285 -2.71 -3.56 -39.18
N ARG C 286 -2.03 -4.59 -39.68
CA ARG C 286 -2.40 -5.19 -40.98
C ARG C 286 -3.69 -5.97 -40.92
N TYR C 287 -3.92 -6.68 -39.83
CA TYR C 287 -4.96 -7.71 -39.78
C TYR C 287 -6.01 -7.52 -38.70
N GLY C 288 -5.90 -6.46 -37.92
CA GLY C 288 -6.68 -6.34 -36.69
C GLY C 288 -8.02 -5.64 -36.76
N LYS C 289 -8.39 -5.13 -37.93
CA LYS C 289 -9.61 -4.28 -38.00
C LYS C 289 -10.88 -5.05 -37.60
N PRO C 290 -11.10 -6.27 -38.14
CA PRO C 290 -12.29 -7.02 -37.72
C PRO C 290 -12.35 -7.30 -36.22
N TRP C 291 -11.21 -7.61 -35.61
CA TRP C 291 -11.18 -7.87 -34.18
C TRP C 291 -11.52 -6.60 -33.40
N LEU C 292 -11.00 -5.47 -33.86
CA LEU C 292 -11.25 -4.18 -33.23
C LEU C 292 -12.73 -3.82 -33.29
N VAL C 293 -13.34 -4.05 -34.44
CA VAL C 293 -14.78 -3.79 -34.61
C VAL C 293 -15.57 -4.62 -33.60
N ALA C 294 -15.22 -5.89 -33.45
CA ALA C 294 -15.89 -6.78 -32.51
C ALA C 294 -15.68 -6.28 -31.08
N LEU C 295 -14.44 -5.97 -30.73
CA LEU C 295 -14.10 -5.42 -29.42
C LEU C 295 -14.92 -4.21 -29.03
N LYS C 296 -15.03 -3.24 -29.93
CA LYS C 296 -15.70 -1.99 -29.61
C LYS C 296 -17.18 -2.22 -29.31
N ALA C 297 -17.80 -3.18 -29.98
CA ALA C 297 -19.20 -3.55 -29.68
C ALA C 297 -19.34 -4.13 -28.29
N VAL C 298 -18.39 -4.97 -27.91
CA VAL C 298 -18.35 -5.55 -26.57
C VAL C 298 -18.10 -4.45 -25.51
N LEU C 299 -17.19 -3.53 -25.79
CA LEU C 299 -16.90 -2.45 -24.84
C LEU C 299 -18.11 -1.55 -24.63
N GLU C 300 -18.82 -1.22 -25.71
CA GLU C 300 -20.02 -0.39 -25.58
C GLU C 300 -21.05 -1.08 -24.70
N GLU C 301 -21.22 -2.39 -24.89
CA GLU C 301 -22.18 -3.14 -24.08
C GLU C 301 -21.78 -3.12 -22.62
N ASN C 302 -20.49 -3.40 -22.34
CA ASN C 302 -20.01 -3.42 -20.96
C ASN C 302 -20.14 -2.06 -20.25
N ILE C 303 -19.81 -0.99 -20.98
CA ILE C 303 -19.90 0.36 -20.46
C ILE C 303 -21.36 0.72 -20.15
N GLN C 304 -22.23 0.41 -21.11
CA GLN C 304 -23.65 0.68 -20.89
C GLN C 304 -24.19 -0.11 -19.73
N PHE C 305 -23.78 -1.37 -19.62
CA PHE C 305 -24.17 -2.19 -18.50
C PHE C 305 -23.78 -1.52 -17.19
N ALA C 306 -22.50 -1.18 -17.08
CA ALA C 306 -21.99 -0.59 -15.83
C ALA C 306 -22.69 0.70 -15.45
N VAL C 307 -22.83 1.61 -16.42
CA VAL C 307 -23.37 2.93 -16.16
C VAL C 307 -24.80 2.79 -15.63
N GLU C 308 -25.60 1.96 -16.27
CA GLU C 308 -26.98 1.91 -15.82
CA GLU C 308 -27.01 1.76 -15.87
C GLU C 308 -27.10 1.01 -14.56
N TYR C 309 -26.24 0.01 -14.41
CA TYR C 309 -26.24 -0.81 -13.19
C TYR C 309 -25.96 0.08 -11.98
N PHE C 310 -25.00 0.99 -12.11
CA PHE C 310 -24.72 1.96 -11.04
C PHE C 310 -25.88 2.94 -10.83
N ALA C 311 -26.52 3.38 -11.90
CA ALA C 311 -27.69 4.28 -11.79
C ALA C 311 -28.82 3.60 -11.02
N GLN C 312 -28.95 2.30 -11.23
CA GLN C 312 -30.02 1.54 -10.60
CA GLN C 312 -30.00 1.49 -10.62
C GLN C 312 -29.71 1.20 -9.15
N GLU C 313 -28.48 0.77 -8.88
CA GLU C 313 -28.09 0.22 -7.58
C GLU C 313 -27.35 1.16 -6.64
N ALA C 314 -26.76 2.21 -7.20
CA ALA C 314 -26.02 3.17 -6.41
C ALA C 314 -26.17 4.57 -7.03
N PRO C 315 -27.40 5.11 -6.99
CA PRO C 315 -27.64 6.42 -7.61
C PRO C 315 -26.78 7.56 -7.08
N ARG C 316 -26.25 7.43 -5.85
CA ARG C 316 -25.40 8.47 -5.29
C ARG C 316 -23.99 8.47 -5.89
N LEU C 317 -23.63 7.38 -6.54
CA LEU C 317 -22.32 7.27 -7.19
C LEU C 317 -22.38 8.08 -8.49
N LYS C 318 -21.45 9.01 -8.68
CA LYS C 318 -21.39 9.81 -9.89
C LYS C 318 -20.46 9.12 -10.89
N VAL C 319 -21.02 8.78 -12.05
CA VAL C 319 -20.36 7.98 -13.07
C VAL C 319 -20.17 8.84 -14.33
N MET C 320 -18.91 9.12 -14.67
CA MET C 320 -18.60 9.85 -15.89
C MET C 320 -18.68 8.86 -17.04
N LYS C 321 -19.56 9.10 -18.00
CA LYS C 321 -19.69 8.20 -19.13
C LYS C 321 -18.52 8.43 -20.09
N PRO C 322 -17.73 7.37 -20.36
CA PRO C 322 -16.64 7.56 -21.31
C PRO C 322 -17.12 7.77 -22.74
N GLN C 323 -16.45 8.66 -23.45
CA GLN C 323 -16.61 8.81 -24.90
C GLN C 323 -15.66 7.88 -25.62
N GLY C 324 -14.57 7.52 -24.94
CA GLY C 324 -13.60 6.58 -25.48
C GLY C 324 -12.80 5.98 -24.35
N THR C 325 -11.88 5.07 -24.69
CA THR C 325 -11.17 4.20 -23.73
C THR C 325 -12.13 3.18 -23.13
N TYR C 326 -11.58 2.15 -22.51
CA TYR C 326 -12.38 1.12 -21.85
C TYR C 326 -12.39 1.28 -20.32
N LEU C 327 -12.24 2.52 -19.88
CA LEU C 327 -12.01 2.85 -18.48
C LEU C 327 -13.05 3.88 -18.04
N ILE C 328 -13.64 3.64 -16.87
CA ILE C 328 -14.73 4.48 -16.38
C ILE C 328 -14.30 5.18 -15.09
N TRP C 329 -14.46 6.49 -15.06
CA TRP C 329 -14.08 7.34 -13.92
C TRP C 329 -15.27 7.51 -12.99
N LEU C 330 -15.12 6.96 -11.78
CA LEU C 330 -16.17 6.91 -10.76
C LEU C 330 -15.88 7.91 -9.64
N ASP C 331 -16.91 8.66 -9.24
CA ASP C 331 -16.79 9.71 -8.24
C ASP C 331 -17.64 9.36 -7.02
N PHE C 332 -16.97 9.05 -5.91
CA PHE C 332 -17.62 8.65 -4.65
C PHE C 332 -17.76 9.83 -3.66
N SER C 333 -17.64 11.06 -4.15
CA SER C 333 -17.62 12.30 -3.35
CA SER C 333 -17.57 12.22 -3.27
C SER C 333 -18.88 12.50 -2.52
N ASP C 334 -19.99 11.91 -2.95
CA ASP C 334 -21.24 12.08 -2.20
C ASP C 334 -21.30 11.21 -0.95
N TYR C 335 -20.41 10.22 -0.85
CA TYR C 335 -20.35 9.32 0.31
C TYR C 335 -19.48 9.90 1.44
N GLY C 336 -19.82 9.56 2.67
CA GLY C 336 -19.05 9.98 3.84
C GLY C 336 -17.81 9.10 4.02
N LEU C 337 -16.84 9.32 3.16
CA LEU C 337 -15.60 8.55 3.09
C LEU C 337 -14.43 9.47 2.89
N THR C 338 -13.25 9.02 3.31
CA THR C 338 -12.03 9.69 2.94
C THR C 338 -11.49 8.92 1.75
N ASP C 339 -10.47 9.48 1.13
CA ASP C 339 -9.79 8.79 0.06
C ASP C 339 -9.24 7.43 0.52
N ASP C 340 -8.60 7.42 1.70
CA ASP C 340 -8.11 6.16 2.28
C ASP C 340 -9.23 5.15 2.63
N ALA C 341 -10.33 5.63 3.22
CA ALA C 341 -11.43 4.75 3.59
C ALA C 341 -12.11 4.14 2.36
N LEU C 342 -12.14 4.90 1.26
CA LEU C 342 -12.70 4.41 0.00
C LEU C 342 -11.84 3.27 -0.54
N PHE C 343 -10.52 3.48 -0.54
CA PHE C 343 -9.59 2.47 -1.04
C PHE C 343 -9.72 1.17 -0.23
N THR C 344 -9.72 1.29 1.11
CA THR C 344 -9.83 0.13 1.99
CA THR C 344 -9.80 0.09 1.94
C THR C 344 -11.15 -0.60 1.78
N LEU C 345 -12.22 0.19 1.64
CA LEU C 345 -13.54 -0.37 1.43
CA LEU C 345 -13.55 -0.36 1.42
C LEU C 345 -13.59 -1.24 0.17
N LEU C 346 -13.13 -0.68 -0.94
CA LEU C 346 -13.17 -1.40 -2.23
C LEU C 346 -12.26 -2.61 -2.23
N HIS C 347 -11.03 -2.41 -1.76
CA HIS C 347 -10.03 -3.46 -1.84
C HIS C 347 -10.29 -4.56 -0.83
N ASP C 348 -10.49 -4.18 0.43
CA ASP C 348 -10.57 -5.15 1.52
C ASP C 348 -11.96 -5.73 1.77
N GLN C 349 -13.00 -4.91 1.64
CA GLN C 349 -14.36 -5.40 1.90
C GLN C 349 -15.02 -5.90 0.62
N ALA C 350 -14.97 -5.11 -0.44
CA ALA C 350 -15.58 -5.49 -1.73
C ALA C 350 -14.72 -6.47 -2.54
N LYS C 351 -13.43 -6.53 -2.23
CA LYS C 351 -12.49 -7.42 -2.91
C LYS C 351 -12.40 -7.12 -4.42
N VAL C 352 -12.37 -5.83 -4.74
CA VAL C 352 -12.12 -5.38 -6.12
C VAL C 352 -10.96 -4.38 -6.15
N ILE C 353 -10.12 -4.49 -7.17
CA ILE C 353 -8.96 -3.63 -7.33
C ILE C 353 -9.21 -2.65 -8.46
N LEU C 354 -9.44 -1.39 -8.09
CA LEU C 354 -9.59 -0.28 -9.03
C LEU C 354 -8.44 0.69 -8.82
N ASN C 355 -8.10 1.47 -9.84
CA ASN C 355 -7.06 2.50 -9.66
C ASN C 355 -7.56 3.56 -8.71
N ARG C 356 -6.69 3.99 -7.80
CA ARG C 356 -7.05 5.05 -6.87
C ARG C 356 -7.06 6.38 -7.62
N GLY C 357 -8.21 7.05 -7.62
CA GLY C 357 -8.33 8.34 -8.30
C GLY C 357 -7.30 9.39 -7.91
N SER C 358 -6.88 9.39 -6.65
CA SER C 358 -5.94 10.39 -6.17
C SER C 358 -4.57 10.27 -6.84
N ASP C 359 -4.29 9.10 -7.42
CA ASP C 359 -3.07 8.89 -8.20
C ASP C 359 -2.99 9.87 -9.38
N TYR C 360 -4.14 10.31 -9.88
CA TYR C 360 -4.24 11.12 -11.10
C TYR C 360 -4.18 12.61 -10.81
N GLY C 361 -4.12 12.99 -9.54
CA GLY C 361 -4.11 14.38 -9.15
C GLY C 361 -5.14 14.65 -8.08
N SER C 362 -5.12 15.84 -7.53
CA SER C 362 -6.03 16.22 -6.45
C SER C 362 -7.50 16.17 -6.86
N GLU C 363 -7.76 16.39 -8.15
CA GLU C 363 -9.12 16.29 -8.70
C GLU C 363 -9.67 14.87 -8.63
N GLY C 364 -8.79 13.89 -8.48
CA GLY C 364 -9.17 12.51 -8.36
C GLY C 364 -9.47 12.04 -6.94
N GLU C 365 -9.33 12.93 -5.95
CA GLU C 365 -9.69 12.53 -4.61
CA GLU C 365 -9.72 12.59 -4.58
C GLU C 365 -11.13 12.00 -4.60
N LEU C 366 -11.33 10.91 -3.86
CA LEU C 366 -12.61 10.21 -3.74
CA LEU C 366 -12.62 10.22 -3.73
C LEU C 366 -13.13 9.63 -5.06
N HIS C 367 -12.21 9.48 -6.04
CA HIS C 367 -12.55 8.78 -7.28
C HIS C 367 -11.86 7.41 -7.36
N ALA C 368 -12.34 6.59 -8.28
CA ALA C 368 -11.66 5.36 -8.63
C ALA C 368 -11.86 5.14 -10.13
N ARG C 369 -10.95 4.40 -10.74
CA ARG C 369 -11.02 4.12 -12.17
C ARG C 369 -11.24 2.62 -12.41
N LEU C 370 -12.28 2.33 -13.19
CA LEU C 370 -12.74 0.98 -13.45
C LEU C 370 -12.48 0.54 -14.88
N ASN C 371 -11.86 -0.63 -15.03
CA ASN C 371 -11.49 -1.21 -16.34
C ASN C 371 -12.58 -2.22 -16.71
N ILE C 372 -13.33 -1.93 -17.77
CA ILE C 372 -14.38 -2.87 -18.22
C ILE C 372 -14.01 -3.72 -19.45
N ALA C 373 -12.71 -3.80 -19.77
CA ALA C 373 -12.22 -4.68 -20.85
C ALA C 373 -12.02 -6.10 -20.36
N ALA C 374 -13.15 -6.75 -20.05
CA ALA C 374 -13.20 -8.13 -19.63
C ALA C 374 -14.55 -8.70 -20.05
N PRO C 375 -14.70 -10.03 -20.03
CA PRO C 375 -16.02 -10.62 -20.36
C PRO C 375 -17.15 -10.04 -19.51
N LYS C 376 -18.35 -9.97 -20.08
CA LYS C 376 -19.47 -9.34 -19.37
C LYS C 376 -19.71 -10.00 -18.02
N SER C 377 -19.48 -11.31 -17.91
CA SER C 377 -19.69 -12.02 -16.64
C SER C 377 -18.79 -11.48 -15.53
N LEU C 378 -17.56 -11.12 -15.90
CA LEU C 378 -16.61 -10.51 -14.97
C LEU C 378 -17.01 -9.09 -14.61
N VAL C 379 -17.40 -8.31 -15.62
CA VAL C 379 -17.84 -6.94 -15.41
C VAL C 379 -19.07 -6.88 -14.50
N GLU C 380 -20.02 -7.78 -14.74
CA GLU C 380 -21.18 -7.91 -13.85
C GLU C 380 -20.77 -8.15 -12.38
N GLU C 381 -19.86 -9.08 -12.15
CA GLU C 381 -19.37 -9.40 -10.80
C GLU C 381 -18.66 -8.19 -10.19
N ILE C 382 -17.80 -7.55 -10.97
CA ILE C 382 -17.08 -6.36 -10.49
C ILE C 382 -18.03 -5.24 -10.06
N CYS C 383 -19.03 -4.95 -10.88
CA CYS C 383 -19.98 -3.89 -10.58
C CYS C 383 -20.85 -4.22 -9.36
N LYS C 384 -21.22 -5.49 -9.23
CA LYS C 384 -21.93 -5.96 -8.03
C LYS C 384 -21.11 -5.70 -6.78
N ARG C 385 -19.84 -6.06 -6.84
CA ARG C 385 -18.94 -5.83 -5.70
C ARG C 385 -18.78 -4.35 -5.35
N ILE C 386 -18.71 -3.51 -6.38
CA ILE C 386 -18.52 -2.08 -6.17
C ILE C 386 -19.68 -1.42 -5.39
N VAL C 387 -20.89 -1.93 -5.61
CA VAL C 387 -22.09 -1.36 -4.97
C VAL C 387 -22.43 -2.07 -3.66
N CYS C 388 -21.84 -3.25 -3.45
CA CYS C 388 -22.17 -4.14 -2.33
C CYS C 388 -22.03 -3.48 -0.95
N CYS C 389 -20.91 -2.76 -0.77
CA CYS C 389 -20.53 -2.35 0.58
CA CYS C 389 -20.42 -2.32 0.55
C CYS C 389 -20.45 -0.81 0.75
N LEU C 390 -21.14 -0.05 -0.12
CA LEU C 390 -21.15 1.43 -0.04
C LEU C 390 -21.98 1.92 1.15
N PRO C 391 -21.46 2.94 1.88
CA PRO C 391 -22.10 3.33 3.13
C PRO C 391 -23.33 4.21 2.96
N LYS C 392 -24.29 4.09 3.88
CA LYS C 392 -25.43 4.98 3.89
C LYS C 392 -25.01 6.39 4.22
N LYS D 7 24.08 -33.01 -29.95
CA LYS D 7 22.73 -33.23 -30.54
C LYS D 7 22.15 -31.96 -31.19
N TYR D 8 22.90 -30.86 -31.14
CA TYR D 8 22.45 -29.57 -31.63
C TYR D 8 23.03 -29.29 -33.01
N ASN D 9 22.37 -28.44 -33.79
CA ASN D 9 22.83 -28.12 -35.14
C ASN D 9 23.75 -26.90 -35.18
N PHE D 10 25.04 -27.15 -35.43
CA PHE D 10 26.02 -26.09 -35.71
C PHE D 10 26.58 -26.23 -37.13
N GLN D 11 25.93 -27.06 -37.94
CA GLN D 11 26.43 -27.40 -39.27
C GLN D 11 25.79 -26.60 -40.40
N THR D 12 24.52 -26.22 -40.22
CA THR D 12 23.76 -25.50 -41.21
C THR D 12 23.29 -24.18 -40.61
N ALA D 13 23.38 -23.11 -41.39
CA ALA D 13 22.89 -21.81 -40.98
C ALA D 13 21.45 -21.62 -41.41
N PRO D 14 20.54 -21.28 -40.46
CA PRO D 14 19.19 -20.96 -40.90
C PRO D 14 19.17 -19.77 -41.84
N ASN D 15 18.25 -19.80 -42.82
CA ASN D 15 18.10 -18.69 -43.77
C ASN D 15 17.42 -17.52 -43.07
N ARG D 16 18.12 -16.40 -42.96
CA ARG D 16 17.62 -15.24 -42.19
C ARG D 16 17.21 -14.09 -43.09
N LEU D 17 17.18 -14.33 -44.40
CA LEU D 17 16.97 -13.26 -45.36
C LEU D 17 15.61 -12.55 -45.26
N SER D 18 14.57 -13.24 -44.80
CA SER D 18 13.25 -12.61 -44.69
C SER D 18 12.95 -12.06 -43.29
N HIS D 19 13.94 -12.08 -42.39
CA HIS D 19 13.71 -11.77 -40.99
C HIS D 19 14.04 -10.32 -40.59
N HIS D 20 14.38 -9.45 -41.54
CA HIS D 20 14.75 -8.07 -41.24
C HIS D 20 15.89 -8.01 -40.24
N THR D 21 16.90 -8.84 -40.45
CA THR D 21 18.08 -8.81 -39.59
C THR D 21 19.02 -7.71 -40.07
N TYR D 22 19.75 -7.10 -39.15
CA TYR D 22 20.84 -6.22 -39.52
C TYR D 22 21.90 -7.00 -40.28
N LYS D 23 22.26 -8.17 -39.76
CA LYS D 23 23.41 -8.89 -40.30
C LYS D 23 23.28 -9.16 -41.80
N TRP D 24 22.10 -9.63 -42.21
CA TRP D 24 21.90 -10.05 -43.59
C TRP D 24 21.21 -8.99 -44.45
N LYS D 25 21.04 -7.78 -43.94
CA LYS D 25 20.31 -6.73 -44.66
C LYS D 25 20.89 -6.44 -46.05
N GLU D 26 22.21 -6.26 -46.15
CA GLU D 26 22.79 -5.95 -47.46
C GLU D 26 22.63 -7.09 -48.46
N THR D 27 22.66 -8.32 -47.96
CA THR D 27 22.59 -9.51 -48.79
C THR D 27 21.19 -9.65 -49.41
N GLU D 28 20.21 -9.05 -48.77
CA GLU D 28 18.85 -9.03 -49.32
C GLU D 28 18.82 -8.28 -50.66
N THR D 29 19.70 -7.29 -50.81
CA THR D 29 19.78 -6.47 -52.02
C THR D 29 20.90 -6.95 -52.95
N ASP D 30 22.06 -7.33 -52.39
CA ASP D 30 23.15 -7.94 -53.16
C ASP D 30 23.42 -9.37 -52.68
N PRO D 31 22.84 -10.36 -53.36
CA PRO D 31 22.91 -11.74 -52.89
C PRO D 31 24.31 -12.35 -52.81
N GLN D 32 25.31 -11.68 -53.40
CA GLN D 32 26.68 -12.16 -53.35
C GLN D 32 27.36 -11.92 -52.02
N LEU D 33 26.91 -10.91 -51.28
CA LEU D 33 27.60 -10.49 -50.06
C LEU D 33 27.43 -11.50 -48.93
N LEU D 34 28.53 -11.81 -48.26
CA LEU D 34 28.51 -12.68 -47.07
C LEU D 34 28.85 -11.82 -45.85
N PRO D 35 27.91 -11.72 -44.90
CA PRO D 35 28.15 -10.90 -43.72
C PRO D 35 28.89 -11.65 -42.63
N ALA D 36 29.83 -10.96 -41.99
CA ALA D 36 30.55 -11.51 -40.85
C ALA D 36 30.99 -10.35 -39.95
N TRP D 37 30.03 -9.51 -39.60
CA TRP D 37 30.31 -8.25 -38.92
C TRP D 37 29.63 -8.23 -37.53
N ILE D 38 28.38 -7.77 -37.48
CA ILE D 38 27.63 -7.62 -36.23
C ILE D 38 27.58 -8.91 -35.42
N ALA D 39 27.72 -8.78 -34.11
CA ALA D 39 27.79 -9.93 -33.22
C ALA D 39 26.44 -10.52 -32.90
N ASP D 40 25.87 -11.21 -33.89
CA ASP D 40 24.96 -12.29 -33.59
C ASP D 40 25.42 -13.47 -34.43
N MET D 41 24.87 -14.63 -34.10
CA MET D 41 25.37 -15.88 -34.66
C MET D 41 24.48 -16.41 -35.75
N ASP D 42 25.10 -17.13 -36.68
CA ASP D 42 24.34 -17.85 -37.71
C ASP D 42 24.15 -19.31 -37.34
N PHE D 43 23.81 -19.52 -36.07
CA PHE D 43 23.47 -20.82 -35.50
C PHE D 43 22.04 -20.78 -34.95
N GLU D 44 21.28 -21.84 -35.17
CA GLU D 44 19.99 -22.00 -34.48
C GLU D 44 20.17 -21.83 -32.98
N VAL D 45 19.22 -21.15 -32.34
CA VAL D 45 19.19 -20.99 -30.92
C VAL D 45 18.79 -22.31 -30.25
N MET D 46 19.21 -22.48 -29.01
CA MET D 46 18.89 -23.68 -28.24
CA MET D 46 18.89 -23.70 -28.26
C MET D 46 17.39 -23.97 -28.34
N PRO D 47 17.01 -25.25 -28.44
CA PRO D 47 15.60 -25.58 -28.69
C PRO D 47 14.63 -25.13 -27.59
N GLU D 48 15.10 -25.02 -26.34
CA GLU D 48 14.21 -24.67 -25.23
C GLU D 48 13.70 -23.23 -25.36
N VAL D 49 14.54 -22.34 -25.89
CA VAL D 49 14.10 -20.95 -26.09
C VAL D 49 13.03 -20.90 -27.19
N LYS D 50 13.24 -21.64 -28.27
CA LYS D 50 12.24 -21.73 -29.33
C LYS D 50 10.91 -22.18 -28.73
N GLN D 51 10.94 -23.22 -27.92
CA GLN D 51 9.72 -23.71 -27.30
C GLN D 51 9.09 -22.67 -26.38
N ALA D 52 9.92 -21.94 -25.64
CA ALA D 52 9.44 -20.89 -24.74
C ALA D 52 8.68 -19.78 -25.48
N ILE D 53 9.13 -19.46 -26.69
CA ILE D 53 8.45 -18.47 -27.54
C ILE D 53 7.06 -18.99 -27.96
N HIS D 54 7.00 -20.24 -28.40
CA HIS D 54 5.71 -20.90 -28.66
C HIS D 54 4.81 -20.89 -27.42
N ASP D 55 5.37 -21.21 -26.26
CA ASP D 55 4.62 -21.18 -25.00
C ASP D 55 4.12 -19.77 -24.69
N TYR D 56 4.93 -18.76 -24.96
CA TYR D 56 4.48 -17.38 -24.77
C TYR D 56 3.23 -17.09 -25.63
N ALA D 57 3.28 -17.50 -26.89
CA ALA D 57 2.15 -17.31 -27.79
C ALA D 57 0.88 -17.93 -27.18
N GLU D 58 1.05 -19.10 -26.57
CA GLU D 58 -0.08 -19.79 -25.98
C GLU D 58 -0.56 -19.24 -24.61
N GLN D 59 0.07 -18.18 -24.11
CA GLN D 59 -0.50 -17.38 -23.01
C GLN D 59 -1.76 -16.62 -23.43
N LEU D 60 -1.94 -16.42 -24.74
CA LEU D 60 -3.13 -15.81 -25.38
C LEU D 60 -3.35 -14.31 -25.17
N VAL D 61 -2.93 -13.80 -24.02
CA VAL D 61 -3.04 -12.39 -23.67
C VAL D 61 -1.63 -11.85 -23.43
N TYR D 62 -1.26 -10.77 -24.12
CA TYR D 62 0.14 -10.29 -24.11
C TYR D 62 0.24 -8.91 -23.44
N GLY D 63 -0.23 -8.86 -22.19
CA GLY D 63 -0.29 -7.63 -21.41
C GLY D 63 0.97 -7.35 -20.61
N TYR D 64 0.85 -6.44 -19.65
CA TYR D 64 1.99 -6.01 -18.83
C TYR D 64 2.44 -7.10 -17.86
N THR D 65 3.75 -7.35 -17.83
CA THR D 65 4.36 -8.36 -16.98
C THR D 65 5.57 -7.77 -16.26
N TYR D 66 5.98 -8.45 -15.20
CA TYR D 66 7.17 -8.02 -14.44
C TYR D 66 8.13 -9.19 -14.31
N ALA D 67 9.32 -8.87 -13.83
CA ALA D 67 10.38 -9.85 -13.63
C ALA D 67 10.05 -10.73 -12.44
N SER D 68 9.91 -12.02 -12.72
CA SER D 68 9.51 -12.98 -11.71
C SER D 68 10.65 -13.37 -10.78
N ASP D 69 10.28 -13.96 -9.65
CA ASP D 69 11.29 -14.54 -8.75
C ASP D 69 12.06 -15.67 -9.41
N GLU D 70 11.42 -16.41 -10.31
CA GLU D 70 12.07 -17.53 -10.99
C GLU D 70 13.15 -17.02 -11.95
N LEU D 71 12.88 -15.90 -12.63
CA LEU D 71 13.90 -15.28 -13.48
C LEU D 71 15.05 -14.75 -12.63
N LEU D 72 14.72 -14.08 -11.52
CA LEU D 72 15.75 -13.56 -10.62
C LEU D 72 16.63 -14.70 -10.11
N GLN D 73 16.01 -15.80 -9.70
CA GLN D 73 16.76 -16.96 -9.24
C GLN D 73 17.63 -17.57 -10.34
N ALA D 74 17.14 -17.58 -11.59
CA ALA D 74 17.90 -18.10 -12.73
C ALA D 74 19.19 -17.32 -12.94
N VAL D 75 19.08 -16.00 -12.84
CA VAL D 75 20.27 -15.13 -12.94
C VAL D 75 21.23 -15.40 -11.77
N LEU D 76 20.70 -15.46 -10.55
CA LEU D 76 21.52 -15.73 -9.38
C LEU D 76 22.27 -17.07 -9.57
N ASP D 77 21.53 -18.09 -9.98
CA ASP D 77 22.10 -19.44 -10.16
C ASP D 77 23.16 -19.49 -11.25
N TRP D 78 22.91 -18.79 -12.36
CA TRP D 78 23.89 -18.75 -13.45
C TRP D 78 25.18 -18.08 -12.97
N GLU D 79 25.04 -16.93 -12.33
CA GLU D 79 26.19 -16.16 -11.88
C GLU D 79 27.04 -16.91 -10.85
N LYS D 80 26.39 -17.62 -9.92
CA LYS D 80 27.13 -18.41 -8.93
C LYS D 80 27.76 -19.66 -9.54
N SER D 81 27.00 -20.38 -10.36
CA SER D 81 27.41 -21.64 -10.98
C SER D 81 28.53 -21.46 -12.01
N GLU D 82 28.36 -20.44 -12.85
CA GLU D 82 29.28 -20.22 -13.96
C GLU D 82 30.43 -19.26 -13.65
N HIS D 83 30.22 -18.32 -12.72
CA HIS D 83 31.21 -17.26 -12.49
C HIS D 83 31.59 -17.08 -11.02
N GLN D 84 31.12 -18.00 -10.16
CA GLN D 84 31.42 -17.94 -8.74
C GLN D 84 31.12 -16.59 -8.11
N TYR D 85 30.07 -15.93 -8.61
CA TYR D 85 29.68 -14.62 -8.12
C TYR D 85 28.35 -14.76 -7.38
N SER D 86 28.44 -14.57 -6.07
CA SER D 86 27.31 -14.71 -5.14
C SER D 86 26.82 -13.33 -4.72
N PHE D 87 25.52 -13.10 -4.86
CA PHE D 87 24.90 -11.84 -4.43
C PHE D 87 23.43 -12.13 -4.17
N ASP D 88 22.66 -11.09 -3.88
CA ASP D 88 21.25 -11.24 -3.52
C ASP D 88 20.34 -10.85 -4.67
N LYS D 89 19.11 -11.37 -4.66
CA LYS D 89 18.15 -11.05 -5.71
C LYS D 89 17.91 -9.55 -5.85
N GLU D 90 17.94 -8.83 -4.72
CA GLU D 90 17.71 -7.38 -4.71
C GLU D 90 18.81 -6.59 -5.40
N ASP D 91 19.95 -7.23 -5.68
CA ASP D 91 21.06 -6.58 -6.37
C ASP D 91 20.91 -6.59 -7.91
N ILE D 92 19.91 -7.30 -8.43
CA ILE D 92 19.72 -7.45 -9.88
C ILE D 92 18.81 -6.35 -10.37
N VAL D 93 19.24 -5.65 -11.43
CA VAL D 93 18.38 -4.64 -12.08
C VAL D 93 18.26 -5.01 -13.55
N PHE D 94 17.06 -5.35 -14.02
CA PHE D 94 16.88 -5.67 -15.45
C PHE D 94 16.79 -4.39 -16.26
N VAL D 95 17.38 -4.44 -17.44
CA VAL D 95 17.41 -3.34 -18.41
C VAL D 95 17.27 -3.98 -19.77
N GLU D 96 16.57 -3.33 -20.70
CA GLU D 96 16.31 -3.98 -22.00
C GLU D 96 17.59 -4.26 -22.83
N GLY D 97 18.70 -3.59 -22.50
CA GLY D 97 19.99 -3.91 -23.09
C GLY D 97 21.16 -3.35 -22.30
N VAL D 98 22.34 -3.89 -22.57
CA VAL D 98 23.56 -3.41 -21.95
C VAL D 98 23.94 -2.02 -22.40
N VAL D 99 23.76 -1.72 -23.69
CA VAL D 99 24.04 -0.38 -24.19
C VAL D 99 23.12 0.65 -23.48
N PRO D 100 21.79 0.40 -23.41
CA PRO D 100 20.94 1.21 -22.51
C PRO D 100 21.54 1.42 -21.12
N ALA D 101 21.94 0.31 -20.48
CA ALA D 101 22.52 0.38 -19.12
C ALA D 101 23.74 1.28 -19.04
N ILE D 102 24.55 1.30 -20.11
CA ILE D 102 25.73 2.16 -20.13
C ILE D 102 25.36 3.64 -20.09
N SER D 103 24.36 4.04 -20.86
CA SER D 103 23.91 5.43 -20.85
CA SER D 103 23.88 5.42 -20.86
C SER D 103 23.32 5.76 -19.48
N ILE D 104 22.50 4.86 -18.93
CA ILE D 104 21.93 5.09 -17.60
C ILE D 104 23.03 5.28 -16.56
N ALA D 105 24.09 4.47 -16.61
CA ALA D 105 25.20 4.58 -15.66
C ALA D 105 25.93 5.92 -15.82
N ILE D 106 26.22 6.29 -17.05
CA ILE D 106 26.85 7.58 -17.31
C ILE D 106 26.02 8.71 -16.71
N GLN D 107 24.74 8.70 -16.97
CA GLN D 107 23.86 9.77 -16.48
C GLN D 107 23.68 9.74 -14.97
N ALA D 108 23.71 8.54 -14.37
CA ALA D 108 23.48 8.40 -12.95
C ALA D 108 24.68 8.75 -12.11
N PHE D 109 25.88 8.39 -12.58
CA PHE D 109 27.08 8.42 -11.74
C PHE D 109 28.02 9.56 -12.04
N THR D 110 27.76 10.30 -13.11
CA THR D 110 28.55 11.49 -13.42
C THR D 110 27.63 12.65 -13.74
N LYS D 111 28.21 13.85 -13.73
CA LYS D 111 27.55 15.05 -14.20
C LYS D 111 28.12 15.50 -15.54
N GLU D 112 27.35 16.31 -16.25
CA GLU D 112 27.80 16.89 -17.50
C GLU D 112 29.17 17.55 -17.31
N GLY D 113 30.07 17.28 -18.25
CA GLY D 113 31.42 17.83 -18.21
C GLY D 113 32.44 16.99 -17.46
N GLU D 114 32.00 16.06 -16.62
CA GLU D 114 32.92 15.18 -15.93
C GLU D 114 33.48 14.12 -16.89
N ALA D 115 34.64 13.59 -16.52
CA ALA D 115 35.41 12.69 -17.38
C ALA D 115 35.03 11.23 -17.14
N VAL D 116 34.88 10.50 -18.24
CA VAL D 116 34.65 9.06 -18.28
C VAL D 116 35.77 8.45 -19.13
N LEU D 117 36.37 7.40 -18.59
CA LEU D 117 37.50 6.72 -19.22
C LEU D 117 37.07 5.40 -19.85
N ILE D 118 37.61 5.14 -21.03
CA ILE D 118 37.51 3.84 -21.70
C ILE D 118 38.92 3.41 -22.09
N ASN D 119 39.10 2.12 -22.34
CA ASN D 119 40.34 1.62 -22.93
C ASN D 119 40.09 1.46 -24.42
N SER D 120 40.74 2.27 -25.25
CA SER D 120 40.57 2.23 -26.69
C SER D 120 41.63 1.34 -27.36
N PRO D 121 41.28 0.72 -28.50
CA PRO D 121 39.99 0.76 -29.20
C PRO D 121 38.99 -0.14 -28.51
N VAL D 122 37.73 0.25 -28.55
CA VAL D 122 36.68 -0.51 -27.90
C VAL D 122 35.35 -0.29 -28.60
N TYR D 123 34.45 -1.25 -28.40
CA TYR D 123 33.07 -1.23 -28.86
C TYR D 123 32.51 0.20 -29.01
N PRO D 124 32.12 0.59 -30.24
CA PRO D 124 31.85 2.02 -30.47
C PRO D 124 30.80 2.72 -29.60
N PRO D 125 29.73 2.02 -29.18
CA PRO D 125 28.80 2.71 -28.25
C PRO D 125 29.44 3.25 -26.97
N PHE D 126 30.63 2.76 -26.58
CA PHE D 126 31.30 3.29 -25.39
C PHE D 126 31.65 4.76 -25.62
N ALA D 127 32.45 5.05 -26.65
CA ALA D 127 32.83 6.43 -26.91
C ALA D 127 31.59 7.25 -27.27
N ARG D 128 30.65 6.67 -28.01
CA ARG D 128 29.46 7.39 -28.44
C ARG D 128 28.64 7.86 -27.24
N SER D 129 28.44 6.96 -26.29
CA SER D 129 27.56 7.26 -25.16
C SER D 129 28.15 8.34 -24.28
N VAL D 130 29.46 8.33 -24.14
CA VAL D 130 30.12 9.39 -23.38
C VAL D 130 29.95 10.75 -24.10
N ARG D 131 30.32 10.80 -25.39
CA ARG D 131 30.31 12.07 -26.13
C ARG D 131 28.90 12.65 -26.26
N LEU D 132 27.92 11.81 -26.60
CA LEU D 132 26.54 12.29 -26.76
C LEU D 132 25.95 12.78 -25.44
N ASN D 133 26.43 12.23 -24.33
CA ASN D 133 26.03 12.71 -23.00
C ASN D 133 26.81 13.93 -22.48
N ASN D 134 27.63 14.54 -23.33
CA ASN D 134 28.42 15.70 -22.91
C ASN D 134 29.25 15.47 -21.65
N ARG D 135 29.81 14.27 -21.56
CA ARG D 135 30.90 13.98 -20.64
C ARG D 135 32.19 14.01 -21.46
N LYS D 136 33.27 14.32 -20.78
CA LYS D 136 34.59 14.38 -21.40
C LYS D 136 35.11 12.96 -21.53
N LEU D 137 35.43 12.57 -22.75
CA LEU D 137 35.93 11.24 -23.01
C LEU D 137 37.44 11.18 -22.85
N VAL D 138 37.89 10.27 -22.03
CA VAL D 138 39.30 9.98 -21.85
C VAL D 138 39.56 8.60 -22.42
N SER D 139 40.27 8.56 -23.54
CA SER D 139 40.60 7.30 -24.19
C SER D 139 41.98 6.86 -23.76
N ASN D 140 42.02 5.86 -22.87
CA ASN D 140 43.27 5.26 -22.48
C ASN D 140 43.65 4.21 -23.51
N SER D 141 44.65 4.50 -24.34
CA SER D 141 45.00 3.62 -25.44
C SER D 141 45.66 2.33 -24.95
N LEU D 142 45.13 1.19 -25.37
CA LEU D 142 45.74 -0.09 -25.03
C LEU D 142 47.06 -0.25 -25.78
N LYS D 143 48.01 -0.88 -25.12
CA LYS D 143 49.24 -1.35 -25.77
C LYS D 143 48.93 -2.61 -26.55
N GLU D 144 49.74 -2.90 -27.54
CA GLU D 144 49.70 -4.18 -28.23
CA GLU D 144 49.69 -4.14 -28.28
C GLU D 144 51.07 -4.79 -28.13
N GLU D 145 51.13 -5.92 -27.43
CA GLU D 145 52.40 -6.55 -27.12
C GLU D 145 52.29 -8.04 -27.38
N ASN D 146 53.20 -8.56 -28.22
CA ASN D 146 53.24 -10.00 -28.49
C ASN D 146 51.88 -10.62 -28.81
N GLY D 147 51.10 -9.92 -29.64
CA GLY D 147 49.83 -10.43 -30.15
C GLY D 147 48.59 -10.17 -29.31
N LEU D 148 48.75 -9.44 -28.21
CA LEU D 148 47.64 -9.17 -27.29
C LEU D 148 47.58 -7.71 -26.88
N PHE D 149 46.36 -7.23 -26.59
CA PHE D 149 46.20 -5.95 -25.92
C PHE D 149 46.64 -6.05 -24.47
N GLN D 150 47.27 -4.98 -23.97
CA GLN D 150 47.67 -4.86 -22.57
C GLN D 150 47.43 -3.43 -22.10
N ILE D 151 47.13 -3.29 -20.82
CA ILE D 151 46.94 -1.97 -20.23
C ILE D 151 48.29 -1.38 -19.85
N ASP D 152 48.48 -0.10 -20.18
CA ASP D 152 49.64 0.67 -19.73
C ASP D 152 49.21 1.32 -18.42
N PHE D 153 49.59 0.70 -17.30
CA PHE D 153 49.08 1.16 -16.00
C PHE D 153 49.62 2.50 -15.58
N GLU D 154 50.83 2.82 -16.02
CA GLU D 154 51.37 4.14 -15.76
CA GLU D 154 51.38 4.14 -15.77
C GLU D 154 50.54 5.21 -16.44
N GLN D 155 50.23 5.02 -17.73
CA GLN D 155 49.45 5.98 -18.48
C GLN D 155 47.99 5.98 -18.02
N LEU D 156 47.49 4.81 -17.62
CA LEU D 156 46.12 4.73 -17.09
C LEU D 156 45.97 5.61 -15.85
N GLU D 157 46.91 5.51 -14.93
CA GLU D 157 46.85 6.34 -13.73
C GLU D 157 47.00 7.82 -14.08
N ASN D 158 47.91 8.15 -14.97
CA ASN D 158 48.04 9.54 -15.41
C ASN D 158 46.75 10.03 -16.05
N ASP D 159 46.12 9.18 -16.86
CA ASP D 159 44.84 9.55 -17.48
C ASP D 159 43.76 9.83 -16.43
N ILE D 160 43.70 8.99 -15.41
CA ILE D 160 42.71 9.16 -14.33
C ILE D 160 42.96 10.45 -13.57
N VAL D 161 44.21 10.66 -13.15
CA VAL D 161 44.55 11.82 -12.34
C VAL D 161 44.44 13.13 -13.11
N GLU D 162 45.02 13.19 -14.31
CA GLU D 162 45.10 14.43 -15.08
C GLU D 162 43.75 14.93 -15.58
N ASN D 163 42.79 14.01 -15.71
CA ASN D 163 41.46 14.34 -16.20
C ASN D 163 40.36 14.28 -15.13
N ASP D 164 40.73 13.97 -13.88
CA ASP D 164 39.78 13.80 -12.78
C ASP D 164 38.66 12.82 -13.20
N VAL D 165 39.07 11.66 -13.68
CA VAL D 165 38.11 10.67 -14.13
C VAL D 165 37.19 10.26 -13.00
N LYS D 166 35.88 10.24 -13.26
CA LYS D 166 34.88 9.88 -12.28
C LYS D 166 34.30 8.47 -12.50
N LEU D 167 34.36 8.00 -13.74
CA LEU D 167 33.73 6.75 -14.13
C LEU D 167 34.63 6.07 -15.15
N TYR D 168 34.83 4.77 -14.98
CA TYR D 168 35.61 3.95 -15.90
C TYR D 168 34.66 2.88 -16.48
N LEU D 169 34.53 2.88 -17.80
CA LEU D 169 33.74 1.86 -18.51
C LEU D 169 34.73 0.81 -18.96
N LEU D 170 34.70 -0.34 -18.31
CA LEU D 170 35.61 -1.45 -18.57
C LEU D 170 34.88 -2.47 -19.45
N CYS D 171 35.61 -3.02 -20.43
CA CYS D 171 35.06 -4.10 -21.26
C CYS D 171 35.80 -5.37 -20.92
N ASN D 172 35.09 -6.37 -20.37
CA ASN D 172 35.68 -7.58 -19.81
CA ASN D 172 35.72 -7.61 -19.97
C ASN D 172 34.81 -8.82 -20.10
N PRO D 173 35.13 -9.67 -21.11
CA PRO D 173 36.24 -9.61 -22.09
C PRO D 173 36.19 -8.36 -22.96
N HIS D 174 37.35 -7.90 -23.41
CA HIS D 174 37.46 -6.69 -24.22
C HIS D 174 37.13 -6.94 -25.69
N ASN D 175 36.19 -6.16 -26.21
CA ASN D 175 35.77 -6.16 -27.60
C ASN D 175 36.15 -4.81 -28.21
N PRO D 176 36.99 -4.78 -29.26
CA PRO D 176 37.50 -5.90 -30.04
C PRO D 176 38.81 -6.47 -29.51
N GLY D 177 39.28 -7.53 -30.16
CA GLY D 177 40.49 -8.23 -29.74
C GLY D 177 40.21 -9.49 -28.96
N GLY D 178 39.15 -9.48 -28.14
CA GLY D 178 38.76 -10.64 -27.36
C GLY D 178 39.69 -10.93 -26.20
N ARG D 179 40.11 -9.89 -25.49
CA ARG D 179 41.09 -9.99 -24.42
C ARG D 179 40.38 -10.37 -23.11
N VAL D 180 40.82 -11.47 -22.50
CA VAL D 180 40.23 -11.99 -21.28
C VAL D 180 41.17 -11.59 -20.15
N TRP D 181 40.87 -10.47 -19.51
CA TRP D 181 41.76 -9.90 -18.50
C TRP D 181 41.99 -10.85 -17.34
N GLU D 182 43.27 -11.00 -16.96
CA GLU D 182 43.60 -11.80 -15.81
C GLU D 182 43.15 -11.14 -14.52
N ARG D 183 42.96 -11.97 -13.49
CA ARG D 183 42.60 -11.50 -12.17
C ARG D 183 43.54 -10.40 -11.69
N GLU D 184 44.83 -10.56 -11.93
CA GLU D 184 45.82 -9.60 -11.44
C GLU D 184 45.68 -8.24 -12.12
N VAL D 185 45.27 -8.25 -13.38
CA VAL D 185 45.03 -7.02 -14.16
C VAL D 185 43.84 -6.28 -13.56
N LEU D 186 42.77 -7.03 -13.30
CA LEU D 186 41.54 -6.44 -12.75
C LEU D 186 41.80 -5.91 -11.35
N GLU D 187 42.64 -6.63 -10.61
CA GLU D 187 43.00 -6.19 -9.26
C GLU D 187 43.70 -4.82 -9.31
N GLN D 188 44.62 -4.64 -10.25
CA GLN D 188 45.35 -3.39 -10.36
CA GLN D 188 45.35 -3.38 -10.39
C GLN D 188 44.44 -2.24 -10.81
N ILE D 189 43.49 -2.55 -11.70
CA ILE D 189 42.47 -1.58 -12.13
C ILE D 189 41.63 -1.17 -10.92
N GLY D 190 41.12 -2.15 -10.18
CA GLY D 190 40.30 -1.86 -8.98
C GLY D 190 41.04 -1.03 -7.95
N HIS D 191 42.31 -1.36 -7.72
CA HIS D 191 43.10 -0.57 -6.76
C HIS D 191 43.26 0.90 -7.20
N LEU D 192 43.43 1.15 -8.50
CA LEU D 192 43.45 2.53 -9.02
C LEU D 192 42.12 3.27 -8.82
N CYS D 193 41.02 2.57 -9.03
CA CYS D 193 39.71 3.14 -8.78
C CYS D 193 39.51 3.46 -7.28
N GLN D 194 39.98 2.59 -6.40
CA GLN D 194 39.89 2.88 -4.97
C GLN D 194 40.75 4.10 -4.61
N LYS D 195 41.96 4.14 -5.16
CA LYS D 195 42.92 5.19 -4.86
C LYS D 195 42.40 6.56 -5.26
N HIS D 196 41.75 6.61 -6.42
CA HIS D 196 41.40 7.86 -7.02
C HIS D 196 39.91 8.12 -7.06
N HIS D 197 39.12 7.28 -6.37
CA HIS D 197 37.65 7.47 -6.18
C HIS D 197 36.92 7.50 -7.51
N VAL D 198 37.13 6.43 -8.27
CA VAL D 198 36.47 6.20 -9.58
C VAL D 198 35.42 5.11 -9.44
N ILE D 199 34.25 5.34 -10.04
CA ILE D 199 33.20 4.31 -10.12
C ILE D 199 33.52 3.47 -11.37
N LEU D 200 33.36 2.15 -11.29
CA LEU D 200 33.69 1.28 -12.42
C LEU D 200 32.46 0.51 -12.86
N VAL D 201 32.19 0.51 -14.17
CA VAL D 201 31.13 -0.29 -14.76
C VAL D 201 31.81 -1.34 -15.62
N SER D 202 31.64 -2.59 -15.26
CA SER D 202 32.26 -3.69 -15.98
C SER D 202 31.25 -4.31 -16.93
N ASP D 203 31.44 -4.05 -18.22
CA ASP D 203 30.60 -4.65 -19.27
C ASP D 203 31.09 -6.07 -19.57
N GLU D 204 30.38 -7.04 -19.01
CA GLU D 204 30.77 -8.44 -19.09
C GLU D 204 29.81 -9.22 -19.98
N ILE D 205 29.30 -8.59 -21.02
CA ILE D 205 28.31 -9.28 -21.86
C ILE D 205 28.92 -10.51 -22.56
N HIS D 206 30.23 -10.51 -22.82
CA HIS D 206 30.88 -11.67 -23.48
C HIS D 206 31.42 -12.71 -22.49
N GLN D 207 31.04 -12.61 -21.22
CA GLN D 207 31.67 -13.39 -20.14
C GLN D 207 31.56 -14.91 -20.29
N ASP D 208 30.53 -15.41 -20.98
CA ASP D 208 30.34 -16.87 -21.14
C ASP D 208 31.09 -17.42 -22.35
N LEU D 209 31.80 -16.54 -23.06
CA LEU D 209 32.41 -16.86 -24.34
C LEU D 209 33.94 -16.79 -24.29
N THR D 210 34.52 -17.13 -23.13
CA THR D 210 35.97 -17.21 -23.02
C THR D 210 36.43 -18.62 -23.43
N LEU D 211 37.53 -18.69 -24.15
CA LEU D 211 37.89 -19.85 -24.94
C LEU D 211 39.33 -20.27 -24.66
N PHE D 212 39.68 -21.44 -25.18
CA PHE D 212 41.06 -21.94 -25.15
C PHE D 212 41.64 -21.99 -23.74
N GLY D 213 40.79 -22.29 -22.76
CA GLY D 213 41.21 -22.37 -21.36
C GLY D 213 41.29 -21.06 -20.62
N HIS D 214 41.00 -19.95 -21.30
CA HIS D 214 40.93 -18.66 -20.65
C HIS D 214 39.63 -18.57 -19.86
N GLU D 215 39.75 -18.10 -18.62
CA GLU D 215 38.63 -18.04 -17.70
C GLU D 215 38.26 -16.60 -17.41
N HIS D 216 36.96 -16.33 -17.50
CA HIS D 216 36.43 -15.04 -17.14
C HIS D 216 36.56 -14.83 -15.65
N VAL D 217 37.00 -13.63 -15.27
CA VAL D 217 37.02 -13.20 -13.89
C VAL D 217 36.05 -12.03 -13.73
N SER D 218 34.91 -12.28 -13.11
CA SER D 218 33.94 -11.22 -12.93
C SER D 218 34.46 -10.20 -11.90
N PHE D 219 34.28 -8.93 -12.22
CA PHE D 219 35.00 -7.87 -11.54
C PHE D 219 34.92 -7.90 -10.02
N ASN D 220 33.72 -8.08 -9.49
CA ASN D 220 33.54 -8.00 -8.04
C ASN D 220 33.96 -9.26 -7.29
N THR D 221 34.33 -10.30 -8.03
CA THR D 221 34.91 -11.49 -7.43
C THR D 221 36.40 -11.32 -7.13
N VAL D 222 37.03 -10.25 -7.61
CA VAL D 222 38.48 -10.08 -7.46
C VAL D 222 38.84 -9.70 -6.03
N SER D 223 37.98 -8.92 -5.41
CA SER D 223 38.17 -8.47 -4.02
C SER D 223 36.81 -8.15 -3.43
N PRO D 224 36.57 -8.52 -2.15
CA PRO D 224 35.23 -8.29 -1.55
C PRO D 224 34.79 -6.82 -1.42
N ASP D 225 35.73 -5.88 -1.48
CA ASP D 225 35.39 -4.47 -1.35
C ASP D 225 35.17 -3.77 -2.70
N PHE D 226 35.36 -4.50 -3.80
CA PHE D 226 35.23 -3.87 -5.12
C PHE D 226 33.76 -3.45 -5.36
N LYS D 227 32.81 -4.19 -4.81
CA LYS D 227 31.39 -3.82 -4.90
CA LYS D 227 31.40 -3.80 -4.95
C LYS D 227 31.11 -2.40 -4.39
N ASP D 228 32.00 -1.87 -3.56
CA ASP D 228 31.82 -0.50 -3.07
C ASP D 228 31.85 0.57 -4.18
N PHE D 229 32.49 0.27 -5.31
CA PHE D 229 32.62 1.25 -6.40
C PHE D 229 32.33 0.69 -7.78
N ALA D 230 32.08 -0.61 -7.85
CA ALA D 230 31.95 -1.30 -9.14
C ALA D 230 30.64 -2.04 -9.28
N LEU D 231 30.11 -2.04 -10.51
CA LEU D 231 28.93 -2.83 -10.86
C LEU D 231 29.23 -3.60 -12.13
N VAL D 232 28.47 -4.67 -12.36
CA VAL D 232 28.68 -5.57 -13.48
C VAL D 232 27.45 -5.52 -14.36
N LEU D 233 27.66 -5.39 -15.68
CA LEU D 233 26.59 -5.54 -16.65
C LEU D 233 26.78 -6.84 -17.39
N SER D 234 25.73 -7.64 -17.53
CA SER D 234 25.81 -8.78 -18.42
C SER D 234 24.43 -9.12 -18.96
N SER D 235 24.36 -10.29 -19.60
CA SER D 235 23.19 -10.68 -20.36
C SER D 235 23.31 -12.11 -20.81
N ALA D 236 22.16 -12.70 -21.14
CA ALA D 236 22.08 -13.96 -21.87
C ALA D 236 22.18 -13.79 -23.38
N THR D 237 22.12 -12.54 -23.88
CA THR D 237 21.87 -12.38 -25.31
C THR D 237 23.04 -12.75 -26.21
N LYS D 238 24.25 -12.35 -25.82
CA LYS D 238 25.45 -12.73 -26.62
C LYS D 238 25.75 -14.21 -26.51
N THR D 239 25.68 -14.73 -25.29
CA THR D 239 25.90 -16.14 -25.04
C THR D 239 25.00 -17.03 -25.88
N PHE D 240 23.72 -16.69 -25.94
CA PHE D 240 22.71 -17.59 -26.50
C PHE D 240 22.09 -17.13 -27.81
N ASN D 241 22.60 -16.05 -28.38
CA ASN D 241 22.13 -15.58 -29.69
C ASN D 241 20.66 -15.14 -29.66
N ILE D 242 20.29 -14.39 -28.62
CA ILE D 242 18.92 -13.94 -28.44
C ILE D 242 18.81 -12.40 -28.29
N ALA D 243 19.67 -11.69 -28.99
CA ALA D 243 19.72 -10.22 -28.92
C ALA D 243 18.41 -9.54 -29.22
N GLY D 244 17.63 -10.11 -30.12
CA GLY D 244 16.33 -9.53 -30.49
C GLY D 244 15.25 -9.64 -29.42
N THR D 245 15.51 -10.39 -28.35
CA THR D 245 14.58 -10.50 -27.22
C THR D 245 14.68 -9.37 -26.18
N LYS D 246 15.79 -8.63 -26.19
CA LYS D 246 15.94 -7.39 -25.43
C LYS D 246 15.77 -7.52 -23.92
N ASN D 247 16.75 -8.15 -23.30
CA ASN D 247 16.84 -8.12 -21.85
C ASN D 247 18.30 -8.32 -21.47
N SER D 248 18.65 -7.75 -20.33
CA SER D 248 20.01 -7.79 -19.78
C SER D 248 19.89 -7.36 -18.33
N TYR D 249 21.01 -7.34 -17.62
CA TYR D 249 20.94 -6.95 -16.23
C TYR D 249 22.21 -6.26 -15.75
N ALA D 250 22.03 -5.47 -14.70
CA ALA D 250 23.12 -4.90 -13.92
C ALA D 250 23.07 -5.60 -12.56
N ILE D 251 24.23 -6.00 -12.07
CA ILE D 251 24.38 -6.45 -10.67
C ILE D 251 25.02 -5.31 -9.90
N ILE D 252 24.26 -4.73 -8.97
CA ILE D 252 24.71 -3.55 -8.22
C ILE D 252 24.54 -3.80 -6.73
N GLU D 253 25.60 -4.33 -6.10
CA GLU D 253 25.51 -4.75 -4.70
C GLU D 253 25.56 -3.59 -3.72
N ASN D 254 26.20 -2.50 -4.10
CA ASN D 254 26.21 -1.32 -3.26
C ASN D 254 24.84 -0.64 -3.28
N PRO D 255 24.21 -0.46 -2.12
CA PRO D 255 22.85 0.10 -2.07
C PRO D 255 22.72 1.50 -2.67
N THR D 256 23.70 2.37 -2.44
CA THR D 256 23.67 3.74 -2.93
C THR D 256 23.80 3.73 -4.46
N LEU D 257 24.78 2.99 -4.99
CA LEU D 257 24.92 2.90 -6.44
C LEU D 257 23.68 2.30 -7.10
N CYS D 258 23.12 1.28 -6.48
CA CYS D 258 21.94 0.62 -7.01
C CYS D 258 20.77 1.60 -7.05
N ALA D 259 20.56 2.34 -5.97
CA ALA D 259 19.51 3.37 -5.95
C ALA D 259 19.74 4.44 -7.01
N GLN D 260 20.98 4.88 -7.17
CA GLN D 260 21.32 5.91 -8.15
C GLN D 260 20.98 5.42 -9.56
N PHE D 261 21.38 4.19 -9.87
CA PHE D 261 21.11 3.61 -11.19
C PHE D 261 19.61 3.45 -11.42
N LYS D 262 18.92 2.86 -10.46
CA LYS D 262 17.47 2.64 -10.61
C LYS D 262 16.71 3.97 -10.72
N HIS D 263 17.16 4.99 -9.99
CA HIS D 263 16.51 6.30 -10.05
C HIS D 263 16.64 6.88 -11.46
N GLN D 264 17.85 6.84 -12.00
CA GLN D 264 18.09 7.40 -13.33
C GLN D 264 17.29 6.61 -14.35
N GLN D 265 17.23 5.29 -14.18
CA GLN D 265 16.46 4.43 -15.07
C GLN D 265 15.00 4.88 -15.11
N LEU D 266 14.43 5.21 -13.93
CA LEU D 266 13.04 5.65 -13.85
C LEU D 266 12.87 7.06 -14.38
N VAL D 267 13.80 7.96 -14.10
CA VAL D 267 13.79 9.30 -14.72
C VAL D 267 13.64 9.22 -16.23
N ASN D 268 14.36 8.26 -16.83
CA ASN D 268 14.35 8.03 -18.25
C ASN D 268 13.22 7.13 -18.74
N ASN D 269 12.35 6.69 -17.84
CA ASN D 269 11.29 5.75 -18.15
C ASN D 269 11.83 4.58 -18.94
N HIS D 270 12.97 4.07 -18.48
CA HIS D 270 13.70 2.99 -19.15
C HIS D 270 13.73 1.75 -18.26
N HIS D 271 12.71 1.61 -17.42
CA HIS D 271 12.64 0.57 -16.39
C HIS D 271 11.89 -0.69 -16.81
N GLU D 272 11.15 -0.66 -17.92
CA GLU D 272 10.34 -1.83 -18.29
C GLU D 272 11.07 -2.66 -19.36
N VAL D 273 10.75 -3.93 -19.37
CA VAL D 273 11.31 -4.92 -20.28
C VAL D 273 10.11 -5.71 -20.80
N SER D 274 10.22 -6.18 -22.04
CA SER D 274 9.16 -6.96 -22.69
C SER D 274 9.02 -8.34 -22.07
N SER D 275 7.84 -8.93 -22.25
CA SER D 275 7.56 -10.23 -21.66
C SER D 275 8.48 -11.31 -22.16
N LEU D 276 8.72 -11.31 -23.47
CA LEU D 276 9.64 -12.28 -24.05
C LEU D 276 11.07 -12.03 -23.62
N GLY D 277 11.42 -10.76 -23.38
CA GLY D 277 12.72 -10.46 -22.78
C GLY D 277 12.92 -11.23 -21.49
N TYR D 278 11.93 -11.21 -20.61
CA TYR D 278 12.04 -11.95 -19.35
C TYR D 278 12.08 -13.47 -19.58
N ILE D 279 11.18 -13.96 -20.42
CA ILE D 279 11.03 -15.39 -20.65
C ILE D 279 12.27 -16.01 -21.29
N ALA D 280 12.82 -15.35 -22.32
CA ALA D 280 13.95 -15.92 -23.04
C ALA D 280 15.21 -16.01 -22.18
N THR D 281 15.46 -14.98 -21.36
CA THR D 281 16.65 -14.99 -20.49
C THR D 281 16.53 -16.11 -19.45
N GLU D 282 15.36 -16.23 -18.82
CA GLU D 282 15.17 -17.27 -17.84
C GLU D 282 15.41 -18.65 -18.46
N THR D 283 14.82 -18.87 -19.63
CA THR D 283 14.90 -20.14 -20.32
C THR D 283 16.33 -20.45 -20.73
N ALA D 284 17.03 -19.45 -21.23
CA ALA D 284 18.39 -19.65 -21.69
C ALA D 284 19.29 -20.11 -20.55
N TYR D 285 19.20 -19.43 -19.42
CA TYR D 285 20.03 -19.73 -18.28
C TYR D 285 19.65 -21.06 -17.65
N ARG D 286 18.37 -21.41 -17.68
CA ARG D 286 17.97 -22.67 -17.00
C ARG D 286 18.34 -23.90 -17.82
N TYR D 287 18.36 -23.79 -19.14
CA TYR D 287 18.54 -24.94 -20.03
C TYR D 287 19.75 -24.90 -20.96
N GLY D 288 20.48 -23.80 -20.96
CA GLY D 288 21.43 -23.52 -22.03
C GLY D 288 22.85 -24.04 -21.88
N LYS D 289 23.22 -24.46 -20.69
CA LYS D 289 24.61 -24.87 -20.47
C LYS D 289 25.12 -25.90 -21.48
N PRO D 290 24.37 -27.00 -21.70
CA PRO D 290 24.86 -27.97 -22.72
C PRO D 290 25.02 -27.45 -24.14
N TRP D 291 24.12 -26.55 -24.55
CA TRP D 291 24.26 -25.91 -25.85
C TRP D 291 25.53 -25.05 -25.89
N LEU D 292 25.78 -24.34 -24.81
CA LEU D 292 26.94 -23.45 -24.73
C LEU D 292 28.24 -24.24 -24.78
N VAL D 293 28.29 -25.37 -24.08
CA VAL D 293 29.46 -26.24 -24.14
C VAL D 293 29.73 -26.69 -25.58
N ALA D 294 28.67 -27.10 -26.29
CA ALA D 294 28.79 -27.49 -27.67
C ALA D 294 29.25 -26.32 -28.55
N LEU D 295 28.68 -25.14 -28.30
CA LEU D 295 29.02 -23.94 -29.07
C LEU D 295 30.49 -23.60 -28.98
N LYS D 296 31.02 -23.64 -27.77
CA LYS D 296 32.39 -23.18 -27.55
C LYS D 296 33.38 -24.08 -28.28
N ALA D 297 33.09 -25.37 -28.35
CA ALA D 297 33.93 -26.29 -29.14
C ALA D 297 33.95 -25.89 -30.62
N VAL D 298 32.78 -25.51 -31.16
CA VAL D 298 32.67 -25.07 -32.55
C VAL D 298 33.45 -23.77 -32.78
N LEU D 299 33.28 -22.83 -31.87
CA LEU D 299 33.97 -21.54 -31.97
C LEU D 299 35.49 -21.73 -31.96
N GLU D 300 36.00 -22.58 -31.06
CA GLU D 300 37.43 -22.85 -31.00
C GLU D 300 37.94 -23.43 -32.34
N GLU D 301 37.19 -24.37 -32.91
CA GLU D 301 37.57 -24.95 -34.18
C GLU D 301 37.60 -23.88 -35.28
N ASN D 302 36.61 -22.99 -35.27
CA ASN D 302 36.52 -21.94 -36.29
C ASN D 302 37.67 -20.92 -36.19
N ILE D 303 37.97 -20.52 -34.97
CA ILE D 303 39.04 -19.57 -34.72
C ILE D 303 40.38 -20.18 -35.10
N GLN D 304 40.61 -21.42 -34.71
CA GLN D 304 41.88 -22.06 -35.01
C GLN D 304 42.03 -22.21 -36.53
N PHE D 305 40.95 -22.58 -37.21
CA PHE D 305 40.93 -22.63 -38.66
C PHE D 305 41.32 -21.29 -39.27
N ALA D 306 40.68 -20.21 -38.82
CA ALA D 306 40.94 -18.89 -39.38
C ALA D 306 42.39 -18.45 -39.20
N VAL D 307 42.92 -18.61 -37.99
CA VAL D 307 44.28 -18.20 -37.69
C VAL D 307 45.27 -18.95 -38.61
N GLU D 308 45.09 -20.24 -38.73
CA GLU D 308 46.00 -21.07 -39.51
C GLU D 308 45.86 -20.77 -41.00
N TYR D 309 44.63 -20.57 -41.45
CA TYR D 309 44.35 -20.24 -42.85
C TYR D 309 44.97 -18.92 -43.26
N PHE D 310 44.78 -17.89 -42.44
CA PHE D 310 45.40 -16.60 -42.72
C PHE D 310 46.93 -16.70 -42.67
N ALA D 311 47.47 -17.50 -41.75
CA ALA D 311 48.93 -17.63 -41.64
C ALA D 311 49.51 -18.21 -42.94
N GLN D 312 48.79 -19.16 -43.51
CA GLN D 312 49.21 -19.82 -44.74
C GLN D 312 49.02 -18.93 -45.96
N GLU D 313 47.82 -18.35 -46.08
CA GLU D 313 47.41 -17.67 -47.32
C GLU D 313 47.63 -16.17 -47.33
N ALA D 314 47.81 -15.55 -46.16
CA ALA D 314 48.09 -14.12 -46.10
C ALA D 314 49.05 -13.80 -44.96
N PRO D 315 50.32 -14.25 -45.08
CA PRO D 315 51.23 -14.04 -43.96
C PRO D 315 51.43 -12.57 -43.54
N ARG D 316 51.17 -11.62 -44.44
CA ARG D 316 51.33 -10.20 -44.13
C ARG D 316 50.20 -9.65 -43.26
N LEU D 317 49.08 -10.38 -43.24
CA LEU D 317 47.93 -10.00 -42.43
C LEU D 317 48.21 -10.36 -40.98
N LYS D 318 48.06 -9.40 -40.08
CA LYS D 318 48.38 -9.62 -38.67
C LYS D 318 47.06 -9.91 -37.97
N VAL D 319 47.02 -11.07 -37.32
CA VAL D 319 45.80 -11.62 -36.76
C VAL D 319 45.95 -11.71 -35.23
N MET D 320 45.08 -11.00 -34.51
CA MET D 320 45.08 -11.08 -33.05
C MET D 320 44.17 -12.25 -32.69
N LYS D 321 44.71 -13.29 -32.07
CA LYS D 321 43.91 -14.44 -31.72
C LYS D 321 43.06 -14.12 -30.47
N PRO D 322 41.73 -14.25 -30.58
CA PRO D 322 40.92 -13.97 -29.41
C PRO D 322 41.10 -15.00 -28.29
N GLN D 323 41.17 -14.50 -27.06
CA GLN D 323 41.08 -15.30 -25.84
C GLN D 323 39.62 -15.59 -25.52
N GLY D 324 38.75 -14.72 -25.99
CA GLY D 324 37.32 -14.89 -25.79
C GLY D 324 36.56 -14.04 -26.79
N THR D 325 35.24 -14.16 -26.74
CA THR D 325 34.35 -13.66 -27.81
C THR D 325 34.52 -14.52 -29.06
N TYR D 326 33.60 -14.39 -30.00
CA TYR D 326 33.68 -15.09 -31.27
C TYR D 326 34.09 -14.15 -32.41
N LEU D 327 34.90 -13.13 -32.06
CA LEU D 327 35.24 -12.04 -32.97
C LEU D 327 36.77 -11.91 -33.07
N ILE D 328 37.27 -11.77 -34.30
CA ILE D 328 38.71 -11.76 -34.58
C ILE D 328 39.10 -10.38 -35.12
N TRP D 329 40.06 -9.76 -34.46
CA TRP D 329 40.58 -8.44 -34.82
C TRP D 329 41.74 -8.61 -35.80
N LEU D 330 41.55 -8.10 -37.02
CA LEU D 330 42.49 -8.28 -38.12
C LEU D 330 43.16 -6.95 -38.43
N ASP D 331 44.49 -6.99 -38.61
CA ASP D 331 45.30 -5.79 -38.85
C ASP D 331 45.93 -5.84 -40.25
N PHE D 332 45.46 -4.96 -41.14
CA PHE D 332 45.91 -4.90 -42.54
C PHE D 332 46.98 -3.81 -42.75
N SER D 333 47.60 -3.35 -41.66
CA SER D 333 48.54 -2.22 -41.67
C SER D 333 49.75 -2.42 -42.59
N ASP D 334 50.13 -3.67 -42.84
CA ASP D 334 51.32 -3.94 -43.69
C ASP D 334 51.00 -3.76 -45.16
N TYR D 335 49.73 -3.60 -45.52
CA TYR D 335 49.31 -3.49 -46.91
C TYR D 335 49.25 -2.03 -47.33
N GLY D 336 49.50 -1.77 -48.61
CA GLY D 336 49.47 -0.41 -49.16
C GLY D 336 48.04 -0.01 -49.43
N LEU D 337 47.34 0.26 -48.33
CA LEU D 337 45.92 0.55 -48.33
C LEU D 337 45.66 1.71 -47.39
N THR D 338 44.65 2.51 -47.72
CA THR D 338 44.08 3.44 -46.78
C THR D 338 42.95 2.72 -46.08
N ASP D 339 42.47 3.32 -45.00
CA ASP D 339 41.34 2.77 -44.28
C ASP D 339 40.12 2.63 -45.20
N ASP D 340 39.87 3.65 -46.04
CA ASP D 340 38.79 3.59 -47.01
C ASP D 340 38.99 2.54 -48.11
N ALA D 341 40.21 2.41 -48.63
CA ALA D 341 40.47 1.44 -49.70
C ALA D 341 40.34 -0.01 -49.20
N LEU D 342 40.68 -0.22 -47.94
CA LEU D 342 40.53 -1.54 -47.33
C LEU D 342 39.04 -1.91 -47.27
N PHE D 343 38.22 -0.97 -46.80
CA PHE D 343 36.78 -1.19 -46.73
C PHE D 343 36.20 -1.50 -48.12
N THR D 344 36.56 -0.70 -49.11
CA THR D 344 36.05 -0.90 -50.45
C THR D 344 36.51 -2.24 -51.04
N LEU D 345 37.76 -2.61 -50.77
CA LEU D 345 38.31 -3.87 -51.22
CA LEU D 345 38.31 -3.87 -51.23
C LEU D 345 37.51 -5.06 -50.67
N LEU D 346 37.31 -5.07 -49.36
CA LEU D 346 36.63 -6.19 -48.72
C LEU D 346 35.17 -6.26 -49.14
N HIS D 347 34.51 -5.12 -49.12
CA HIS D 347 33.08 -5.08 -49.38
C HIS D 347 32.75 -5.32 -50.87
N ASP D 348 33.40 -4.56 -51.75
CA ASP D 348 33.06 -4.56 -53.19
C ASP D 348 33.75 -5.64 -54.02
N GLN D 349 35.01 -5.96 -53.72
CA GLN D 349 35.70 -7.00 -54.50
C GLN D 349 35.64 -8.39 -53.86
N ALA D 350 35.87 -8.48 -52.56
CA ALA D 350 35.84 -9.77 -51.86
C ALA D 350 34.41 -10.18 -51.50
N LYS D 351 33.49 -9.22 -51.53
CA LYS D 351 32.06 -9.45 -51.19
C LYS D 351 31.88 -10.03 -49.79
N VAL D 352 32.60 -9.45 -48.84
CA VAL D 352 32.47 -9.81 -47.43
CA VAL D 352 32.49 -9.82 -47.43
C VAL D 352 32.29 -8.55 -46.60
N ILE D 353 31.43 -8.62 -45.58
CA ILE D 353 31.10 -7.48 -44.73
C ILE D 353 31.69 -7.72 -43.35
N LEU D 354 32.76 -6.99 -43.06
CA LEU D 354 33.42 -7.02 -41.76
C LEU D 354 33.25 -5.65 -41.12
N ASN D 355 33.31 -5.57 -39.79
CA ASN D 355 33.25 -4.25 -39.15
C ASN D 355 34.49 -3.46 -39.46
N ARG D 356 34.31 -2.19 -39.77
CA ARG D 356 35.46 -1.30 -40.00
C ARG D 356 36.15 -1.02 -38.66
N GLY D 357 37.44 -1.35 -38.58
CA GLY D 357 38.19 -1.15 -37.35
C GLY D 357 38.22 0.29 -36.86
N SER D 358 38.20 1.24 -37.79
CA SER D 358 38.26 2.63 -37.41
C SER D 358 37.02 3.07 -36.62
N ASP D 359 35.93 2.30 -36.70
CA ASP D 359 34.75 2.54 -35.87
C ASP D 359 35.08 2.50 -34.38
N TYR D 360 36.10 1.73 -34.00
CA TYR D 360 36.44 1.45 -32.60
C TYR D 360 37.44 2.43 -31.99
N GLY D 361 37.92 3.37 -32.80
CA GLY D 361 38.93 4.32 -32.39
C GLY D 361 40.06 4.41 -33.37
N SER D 362 40.95 5.38 -33.15
CA SER D 362 42.06 5.62 -34.05
C SER D 362 42.99 4.41 -34.13
N GLU D 363 43.05 3.65 -33.03
CA GLU D 363 43.86 2.43 -33.00
C GLU D 363 43.37 1.35 -33.96
N GLY D 364 42.12 1.49 -34.40
CA GLY D 364 41.51 0.54 -35.33
C GLY D 364 41.70 0.88 -36.80
N GLU D 365 42.43 1.97 -37.08
CA GLU D 365 42.75 2.29 -38.47
C GLU D 365 43.41 1.09 -39.15
N LEU D 366 42.97 0.78 -40.37
CA LEU D 366 43.49 -0.35 -41.14
CA LEU D 366 43.47 -0.35 -41.15
C LEU D 366 43.21 -1.71 -40.51
N HIS D 367 42.24 -1.75 -39.58
CA HIS D 367 41.76 -3.01 -39.02
C HIS D 367 40.35 -3.36 -39.52
N ALA D 368 39.97 -4.62 -39.33
CA ALA D 368 38.61 -5.08 -39.55
C ALA D 368 38.30 -6.13 -38.52
N ARG D 369 37.02 -6.28 -38.17
CA ARG D 369 36.65 -7.30 -37.17
C ARG D 369 35.80 -8.34 -37.84
N LEU D 370 36.20 -9.61 -37.64
CA LEU D 370 35.59 -10.77 -38.29
C LEU D 370 34.80 -11.63 -37.30
N ASN D 371 33.53 -11.91 -37.65
CA ASN D 371 32.65 -12.76 -36.84
C ASN D 371 32.68 -14.20 -37.30
N ILE D 372 33.17 -15.10 -36.45
CA ILE D 372 33.24 -16.53 -36.82
C ILE D 372 32.19 -17.42 -36.18
N ALA D 373 31.13 -16.83 -35.64
CA ALA D 373 29.98 -17.58 -35.11
C ALA D 373 29.01 -17.97 -36.22
N ALA D 374 29.48 -18.87 -37.09
CA ALA D 374 28.71 -19.39 -38.21
C ALA D 374 29.24 -20.79 -38.49
N PRO D 375 28.49 -21.59 -39.24
CA PRO D 375 29.01 -22.92 -39.57
C PRO D 375 30.37 -22.86 -40.24
N LYS D 376 31.17 -23.88 -39.99
CA LYS D 376 32.52 -23.95 -40.52
C LYS D 376 32.55 -23.73 -42.03
N SER D 377 31.58 -24.26 -42.75
CA SER D 377 31.53 -24.08 -44.20
C SER D 377 31.46 -22.60 -44.60
N LEU D 378 30.71 -21.82 -43.82
CA LEU D 378 30.57 -20.38 -44.07
C LEU D 378 31.87 -19.66 -43.70
N VAL D 379 32.44 -20.02 -42.56
CA VAL D 379 33.69 -19.43 -42.12
C VAL D 379 34.82 -19.70 -43.14
N GLU D 380 34.87 -20.92 -43.66
CA GLU D 380 35.87 -21.24 -44.68
CA GLU D 380 35.85 -21.27 -44.70
C GLU D 380 35.71 -20.35 -45.92
N GLU D 381 34.48 -20.13 -46.38
CA GLU D 381 34.24 -19.24 -47.52
C GLU D 381 34.59 -17.78 -47.22
N ILE D 382 34.22 -17.33 -46.02
CA ILE D 382 34.51 -15.97 -45.61
C ILE D 382 36.02 -15.71 -45.60
N CYS D 383 36.77 -16.63 -45.01
CA CYS D 383 38.23 -16.48 -44.95
C CYS D 383 38.89 -16.53 -46.33
N LYS D 384 38.40 -17.42 -47.17
CA LYS D 384 38.85 -17.48 -48.57
C LYS D 384 38.67 -16.13 -49.27
N ARG D 385 37.51 -15.51 -49.06
CA ARG D 385 37.24 -14.21 -49.64
C ARG D 385 38.18 -13.13 -49.11
N ILE D 386 38.43 -13.14 -47.81
CA ILE D 386 39.29 -12.14 -47.19
C ILE D 386 40.71 -12.13 -47.76
N VAL D 387 41.23 -13.30 -48.11
CA VAL D 387 42.61 -13.39 -48.64
C VAL D 387 42.69 -13.33 -50.16
N CYS D 388 41.54 -13.35 -50.83
CA CYS D 388 41.47 -13.48 -52.28
C CYS D 388 42.07 -12.29 -53.04
N CYS D 389 41.81 -11.09 -52.53
CA CYS D 389 42.05 -9.86 -53.29
C CYS D 389 43.05 -8.88 -52.59
N LEU D 390 43.87 -9.36 -51.65
CA LEU D 390 44.79 -8.45 -50.93
C LEU D 390 46.02 -8.07 -51.77
N PRO D 391 46.36 -6.77 -51.81
CA PRO D 391 47.35 -6.31 -52.78
C PRO D 391 48.80 -6.70 -52.47
N LYS D 392 49.59 -6.88 -53.53
CA LYS D 392 51.03 -7.03 -53.38
C LYS D 392 51.69 -5.74 -52.94
N1 PLP E . -25.69 -8.77 26.99
C2 PLP E . -26.32 -9.40 28.04
C2A PLP E . -27.68 -10.01 27.82
C3 PLP E . -25.72 -9.44 29.30
O3 PLP E . -26.35 -10.04 30.34
C4 PLP E . -24.47 -8.86 29.49
C4A PLP E . -23.81 -8.92 30.85
C5 PLP E . -23.83 -8.26 28.41
C6 PLP E . -24.43 -8.22 27.16
C5A PLP E . -22.48 -7.62 28.58
O4P PLP E . -22.21 -6.40 27.85
P PLP E . -20.69 -5.95 27.69
O1P PLP E . -20.76 -4.67 26.93
O2P PLP E . -20.02 -7.04 26.93
O3P PLP E . -20.20 -5.78 29.08
N PLS F . -24.89 -8.25 31.66
CA PLS F . -24.47 -8.09 33.05
CB PLS F . -23.55 -6.86 33.22
OG PLS F . -24.26 -5.64 33.13
C PLS F . -25.68 -8.20 33.95
O PLS F . -25.54 -7.77 35.12
OXT PLS F . -26.74 -8.61 33.42
N1 PLS F . -25.43 -8.59 26.74
C2 PLS F . -26.13 -9.29 27.65
C2A PLS F . -27.41 -10.00 27.18
C3 PLS F . -25.70 -9.35 28.97
O3 PLS F . -26.41 -10.05 29.88
C4 PLS F . -24.54 -8.68 29.37
C4A PLS F . -24.03 -8.75 30.79
C5 PLS F . -23.84 -8.00 28.40
C6 PLS F . -24.31 -7.97 27.08
C5A PLS F . -22.54 -7.24 28.76
O4P PLS F . -21.77 -6.99 27.62
P PLS F . -20.35 -6.34 27.70
O1P PLS F . -20.59 -4.95 27.26
O2P PLS F . -19.62 -7.02 26.65
O3P PLS F . -19.82 -6.48 29.00
N1 EPE G . -3.12 3.08 14.10
C2 EPE G . -3.24 2.47 15.43
C3 EPE G . -3.37 3.58 16.45
N4 EPE G . -4.51 4.47 16.25
C5 EPE G . -4.39 4.98 14.88
C6 EPE G . -4.34 3.86 13.85
C7 EPE G . -4.42 5.66 17.08
C8 EPE G . -5.65 5.84 17.93
O8 EPE G . -6.80 5.85 17.12
C9 EPE G . -2.92 2.07 13.06
C10 EPE G . -2.09 2.71 11.96
S EPE G . -2.23 1.80 10.41
O1S EPE G . -1.39 0.60 10.45
O2S EPE G . -3.61 1.38 10.20
O3S EPE G . -1.78 2.69 9.34
N1 EPE H . -29.55 0.57 36.65
C2 EPE H . -29.47 -0.10 37.97
C3 EPE H . -29.99 0.80 39.08
N4 EPE H . -30.11 2.20 38.71
C5 EPE H . -31.10 2.24 37.64
C6 EPE H . -30.86 1.21 36.54
C7 EPE H . -30.67 2.97 39.82
C8 EPE H . -30.76 4.47 39.55
O8 EPE H . -32.06 4.79 39.13
C9 EPE H . -29.43 -0.41 35.56
C10 EPE H . -28.02 -0.99 35.42
S EPE H . -27.96 -2.28 34.15
O1S EPE H . -26.57 -2.71 33.97
O2S EPE H . -28.75 -3.44 34.57
O3S EPE H . -28.42 -1.67 32.91
N1 EPE I . -11.78 -17.41 2.42
C2 EPE I . -13.00 -16.67 2.10
C3 EPE I . -13.57 -17.12 0.75
N4 EPE I . -13.87 -18.54 0.73
C5 EPE I . -12.58 -19.19 0.94
C6 EPE I . -12.04 -18.86 2.33
C7 EPE I . -14.29 -18.97 -0.60
C8 EPE I . -15.12 -20.26 -0.57
O8 EPE I . -16.40 -20.01 -0.04
C9 EPE I . -11.31 -17.10 3.78
C10 EPE I . -10.49 -15.81 3.79
S EPE I . -10.02 -15.40 5.49
O1S EPE I . -11.24 -15.15 6.26
O2S EPE I . -9.24 -16.51 6.04
O3S EPE I . -9.22 -14.16 5.45
NA NA J . -43.72 -2.74 29.12
N PLS K . -1.14 9.78 17.26
CA PLS K . -0.29 8.68 16.86
CB PLS K . -1.08 7.36 16.80
OG PLS K . -1.88 7.29 15.62
C PLS K . 0.56 9.12 15.66
O PLS K . 1.19 8.22 15.09
OXT PLS K . 0.47 10.32 15.27
N1 PLS K . -4.44 12.97 18.95
C2 PLS K . -3.27 13.30 18.42
C2A PLS K . -3.04 14.77 17.95
C3 PLS K . -2.28 12.34 18.26
O3 PLS K . -1.09 12.63 17.73
C4 PLS K . -2.49 11.03 18.68
C4A PLS K . -1.42 9.95 18.54
C5 PLS K . -3.71 10.73 19.24
C6 PLS K . -4.68 11.73 19.39
C5A PLS K . -3.97 9.28 19.71
O4P PLS K . -5.01 9.26 20.50
P PLS K . -5.65 7.92 21.21
O1P PLS K . -6.99 7.62 20.51
O2P PLS K . -5.76 8.30 22.56
O3P PLS K . -4.62 6.92 21.08
N1 EPE L . -22.69 -1.61 34.96
C2 EPE L . -21.26 -1.79 34.64
C3 EPE L . -21.12 -2.73 33.46
N4 EPE L . -21.86 -2.35 32.25
C5 EPE L . -23.24 -2.24 32.68
C6 EPE L . -23.37 -1.16 33.75
C7 EPE L . -21.81 -3.44 31.26
C8 EPE L . -22.48 -3.15 29.91
O8 EPE L . -22.13 -1.88 29.42
C9 EPE L . -22.91 -0.67 36.07
C10 EPE L . -24.22 -1.03 36.74
S EPE L . -24.84 0.30 37.81
O1S EPE L . -24.04 0.35 39.02
O2S EPE L . -24.74 1.59 37.13
O3S EPE L . -26.24 0.01 38.13
N1 EPE M . -17.48 21.40 43.87
C2 EPE M . -18.10 21.96 42.66
C3 EPE M . -18.93 23.19 43.03
N4 EPE M . -18.08 24.24 43.58
C5 EPE M . -17.54 23.66 44.81
C6 EPE M . -16.67 22.44 44.51
C7 EPE M . -18.88 25.39 44.02
C8 EPE M . -18.70 26.58 43.07
O8 EPE M . -19.28 26.31 41.81
C9 EPE M . -16.62 20.25 43.53
C10 EPE M . -17.49 19.03 43.25
S EPE M . -16.38 17.57 42.86
O1S EPE M . -15.88 17.77 41.49
O2S EPE M . -15.28 17.28 43.79
O3S EPE M . -17.35 16.47 42.85
NA NA N . -5.91 20.71 1.34
N1 PLP O . -0.65 6.82 -22.18
C2 PLP O . -1.88 6.67 -21.59
C2A PLP O . -2.78 7.86 -21.49
C3 PLP O . -2.26 5.40 -21.10
O3 PLP O . -3.46 5.23 -20.51
C4 PLP O . -1.41 4.31 -21.22
C4A PLP O . -1.80 2.96 -20.68
C5 PLP O . -0.17 4.49 -21.82
C6 PLP O . 0.21 5.74 -22.29
C5A PLP O . 0.79 3.34 -21.95
O4P PLP O . 2.15 3.74 -22.24
P PLP O . 3.24 2.67 -22.73
O1P PLP O . 4.49 3.27 -22.19
O2P PLP O . 3.13 2.71 -24.20
O3P PLP O . 2.86 1.40 -22.03
N PLS P . -1.96 3.46 -19.32
CA PLS P . -2.44 2.24 -18.67
CB PLS P . -1.31 1.25 -18.41
OG PLS P . -0.37 1.77 -17.49
C PLS P . -3.35 2.58 -17.51
O PLS P . -3.54 1.69 -16.66
OXT PLS P . -3.69 3.77 -17.38
N1 PLS P . -0.15 7.11 -22.25
C2 PLS P . -1.41 7.03 -21.79
C2A PLS P . -2.34 8.24 -21.87
C3 PLS P . -1.88 5.85 -21.23
O3 PLS P . -3.15 5.85 -20.78
C4 PLS P . -1.04 4.74 -21.13
C4A PLS P . -1.45 3.39 -20.54
C5 PLS P . 0.25 4.85 -21.63
C6 PLS P . 0.67 6.06 -22.17
C5A PLS P . 1.25 3.67 -21.54
O4P PLS P . 1.75 3.30 -22.78
P PLS P . 2.96 2.21 -22.92
O1P PLS P . 4.08 2.55 -22.01
O2P PLS P . 3.28 2.25 -24.29
O3P PLS P . 2.34 0.97 -22.65
N1 EPE Q . 23.49 -2.32 -34.43
C2 EPE Q . 22.29 -3.05 -33.98
C3 EPE Q . 22.48 -3.53 -32.56
N4 EPE Q . 22.79 -2.49 -31.58
C5 EPE Q . 24.00 -1.83 -32.09
C6 EPE Q . 23.75 -1.23 -33.47
C7 EPE Q . 23.14 -3.09 -30.30
C8 EPE Q . 23.49 -2.10 -29.19
O8 EPE Q . 22.60 -1.00 -29.16
C9 EPE Q . 23.29 -1.78 -35.78
C10 EPE Q . 24.66 -1.60 -36.43
S EPE Q . 24.56 -0.50 -37.85
O1S EPE Q . 23.70 -1.13 -38.86
O2S EPE Q . 23.98 0.78 -37.43
O3S EPE Q . 25.91 -0.30 -38.38
N1 EPE R . -3.11 5.45 7.16
C2 EPE R . -1.74 4.94 6.96
C3 EPE R . -1.77 3.83 5.93
N4 EPE R . -2.27 4.26 4.62
C5 EPE R . -3.61 4.76 4.89
C6 EPE R . -3.59 5.94 5.86
C7 EPE R . -2.34 3.12 3.68
C8 EPE R . -3.63 2.76 2.94
O8 EPE R . -3.93 3.71 1.95
C9 EPE R . -3.10 6.54 8.14
C10 EPE R . -3.11 5.95 9.55
S EPE R . -3.16 7.31 10.82
O1S EPE R . -3.21 6.65 12.13
O2S EPE R . -2.04 8.29 10.79
O3S EPE R . -4.46 7.92 10.58
N1 EPE S . 1.52 3.53 -8.74
C2 EPE S . 0.27 3.91 -8.07
C3 EPE S . 0.15 3.16 -6.75
N4 EPE S . 1.25 3.46 -5.86
C5 EPE S . 2.47 3.07 -6.53
C6 EPE S . 2.65 3.81 -7.85
C7 EPE S . 1.20 2.72 -4.61
C8 EPE S . 2.13 3.30 -3.56
O8 EPE S . 3.45 2.85 -3.80
C9 EPE S . 1.67 4.30 -9.99
C10 EPE S . 0.85 3.64 -11.08
S EPE S . 0.57 4.36 -12.72
O1S EPE S . 0.95 3.38 -13.74
O2S EPE S . -0.84 4.74 -12.90
O3S EPE S . 1.47 5.51 -12.80
NA NA T . -3.61 19.65 -7.96
N PLS U . 28.12 -5.88 -29.55
CA PLS U . 27.74 -6.29 -30.90
CB PLS U . 26.37 -5.74 -31.32
OG PLS U . 26.42 -4.36 -31.67
C PLS U . 28.91 -6.07 -31.83
O PLS U . 28.67 -6.29 -33.03
OXT PLS U . 30.03 -5.82 -31.33
N1 PLS U . 28.58 -4.40 -24.85
C2 PLS U . 29.55 -4.95 -25.61
C2A PLS U . 31.01 -4.85 -25.14
C3 PLS U . 29.23 -5.60 -26.79
O3 PLS U . 30.19 -6.17 -27.57
C4 PLS U . 27.92 -5.68 -27.21
C4A PLS U . 27.54 -6.38 -28.50
C5 PLS U . 26.94 -5.12 -26.40
C6 PLS U . 27.30 -4.48 -25.21
C5A PLS U . 25.49 -5.21 -26.86
O4P PLS U . 24.65 -4.88 -25.84
P PLS U . 23.03 -4.89 -25.91
O1P PLS U . 22.56 -3.54 -25.84
O2P PLS U . 22.67 -5.71 -24.78
O3P PLS U . 22.73 -5.62 -27.12
N1 EPE V . 2.57 -0.45 -14.50
C2 EPE V . 3.18 -1.30 -15.53
C3 EPE V . 3.04 -0.63 -16.91
N4 EPE V . 3.57 0.73 -17.00
C5 EPE V . 2.88 1.47 -15.95
C6 EPE V . 3.18 0.88 -14.57
C7 EPE V . 3.21 1.34 -18.27
C8 EPE V . 3.84 2.71 -18.54
O8 EPE V . 5.24 2.66 -18.32
C9 EPE V . 2.73 -1.02 -13.15
C10 EPE V . 1.61 -0.52 -12.25
S EPE V . 1.94 -0.73 -10.48
O1S EPE V . 2.00 -2.17 -10.18
O2S EPE V . 3.23 -0.11 -10.15
O3S EPE V . 0.88 -0.07 -9.72
N1 EPE W . 28.55 2.29 -37.11
C2 EPE W . 28.72 1.57 -38.40
C3 EPE W . 28.19 2.45 -39.53
N4 EPE W . 28.96 3.68 -39.61
C5 EPE W . 28.66 4.36 -38.37
C6 EPE W . 29.23 3.59 -37.18
C7 EPE W . 28.58 4.55 -40.72
C8 EPE W . 27.10 4.92 -40.89
O8 EPE W . 27.02 6.01 -41.79
C9 EPE W . 29.09 1.50 -35.98
C10 EPE W . 28.00 0.55 -35.49
S EPE W . 28.32 -0.14 -33.83
O1S EPE W . 27.21 -1.03 -33.52
O2S EPE W . 29.55 -0.95 -33.90
O3S EPE W . 28.36 0.94 -32.84
N1 EPE X . 19.05 -10.44 2.17
C2 EPE X . 19.76 -9.15 2.03
C3 EPE X . 20.56 -8.82 3.28
N4 EPE X . 21.54 -9.86 3.53
C5 EPE X . 20.71 -11.00 3.92
C6 EPE X . 19.92 -11.50 2.71
C7 EPE X . 22.38 -9.57 4.69
C8 EPE X . 23.80 -10.12 4.50
O8 EPE X . 24.48 -9.41 3.48
C9 EPE X . 18.55 -10.89 0.85
C10 EPE X . 17.37 -10.22 0.31
S EPE X . 16.59 -10.38 -1.16
O1S EPE X . 17.68 -9.92 -2.02
O2S EPE X . 16.34 -11.80 -1.42
O3S EPE X . 15.37 -9.61 -1.43
NA NA Y . 42.19 8.06 -30.37
#